data_8QYQ
#
_entry.id   8QYQ
#
_cell.length_a   102.801
_cell.length_b   147.977
_cell.length_c   116.751
_cell.angle_alpha   90.00
_cell.angle_beta   91.62
_cell.angle_gamma   90.00
#
_symmetry.space_group_name_H-M   'P 1 21 1'
#
loop_
_entity.id
_entity.type
_entity.pdbx_description
1 polymer Myosin-7
2 polymer 'Myosin light chain 3'
3 polymer 'Myosin light chain 3'
4 non-polymer "ADENOSINE-5'-DIPHOSPHATE"
5 non-polymer 'BERYLLIUM TRIFLUORIDE ION'
6 non-polymer 'MAGNESIUM ION'
7 non-polymer Mavacamten
8 non-polymer 'FORMIC ACID'
9 non-polymer GLYCEROL
10 water water
#
loop_
_entity_poly.entity_id
_entity_poly.type
_entity_poly.pdbx_seq_one_letter_code
_entity_poly.pdbx_strand_id
1 'polypeptide(L)'
;MVDAEMAAFGEAAPYLRKSEKERLEAQTRPFDLKKDVFVPDDKEEFVKATILSREGGKVTAETEHGKTVTVKEDQVLQQN
PPKFDKIEDMAMLTFLHEPAVLYNLKERYASWMIYTYSGLFCVTINPY(M3L)WLPVYNAEVVAAYRGKKRSEAPPHIFS
ISDNAYQYMLTDRENQSILITGESGAGKTVNTKRVIQYFAVIAAIGDRSKKEQATGKGTLEDQIIQANPALEAFGNAKTV
RNDNSSRFGKFIRIHFGATGKLASADIETYLLEKSRVIFQLKAERDYHIFYQILSNKKPELLDMLLITNNPYDYAFISQG
ETTVASIDDAEELMATDNAFDVLGFTTEEKNSMYKLTGAIMHFGNMKFKLKQREEQAEPDGTEEADKSAYLMGLNSADLL
KGLCHPRVKVGNEYVTKGQNVQQVVYAKGALAKAVYERMFNWMVTRINATLETKQPRQYFIGVLDIAGFEIFDFNSFEQL
CINFTNEKLQQFFNHHMFVLEQEEYKKEGIEWEFIDFGMDLQACIDLIEKPMGIMSILEEECMFPKATDMTF(M3L)AKL
FDNHLGKSSNFQKPRNIKGKPEAHFSLIHYAGTVDYNIIGWLQKNKDPLNETVVDLYKKSSLKMLSSLFANYAGFDTPIE
KGKGKAKKGSSFQTVSALHRENLNKLMTNLRSTHPHFVRCIIPNETKSPGVIDNPLVMHQLRCNGVLEGIRICRKGFPNR
ILYGDFRQRYRILNPAAIPEGQFIDSRKGAEKLLGSLDIDHNQYKFGHTKVFFKAGLLGLLEEMRDERLSRIITRIQAQS
RGVLSRMEFKKLLER
;
A,B
2 'polypeptide(L)'
;MAPKKPDPKKDEAKAGAKAAAAPAPAPAPPPAPEPSKEPEFDPSKIKIEFTPEQIEEFKEAFTLFDRTPKCEMKITYGQC
GDVLRALGQNPTQAEVLRVLGKPKQEELNSKMMDFDTFLPMLQHISKNKDTGTYEDFVEGLRVFDKEGNGTVMGAELRHV
LATLGEKLTEDEVEKLMAGQEDSNGCINYEAFVKHIMAG
;
C
3 'polypeptide(L)'
;MAPKKPDPKKDEAKAGAKAAAAPAPAPAPPPAPEPSKEPEFDPSKIKIEFTPEQIEEFKEAFTLFDRTPKCEMKITYGQC
GDVLRALGQNPTQAEVLRVLGKPKQEELNSKMMDFDTFLPMLQHISKNKDTGTYEDFVEGLRVFDKEGNGVVMGAELRHV
LATLGEKLTEDEVEKLMAGQEDSNGCINYEAFVKHIMAG
;
D
#
# COMPACT_ATOMS: atom_id res chain seq x y z
N ASP A 3 -11.99 -12.76 -50.91
CA ASP A 3 -11.53 -11.93 -49.80
C ASP A 3 -11.46 -12.68 -48.44
N ALA A 4 -12.60 -13.25 -47.97
CA ALA A 4 -12.75 -13.98 -46.70
C ALA A 4 -12.28 -13.15 -45.46
N GLU A 5 -11.10 -13.46 -44.87
CA GLU A 5 -10.56 -12.75 -43.70
C GLU A 5 -10.31 -11.26 -44.00
N MET A 6 -10.13 -10.93 -45.29
CA MET A 6 -9.82 -9.57 -45.75
C MET A 6 -11.06 -8.73 -46.06
N ALA A 7 -12.25 -9.27 -45.81
CA ALA A 7 -13.51 -8.55 -46.05
C ALA A 7 -13.72 -7.34 -45.14
N ALA A 8 -13.30 -7.43 -43.86
CA ALA A 8 -13.46 -6.36 -42.86
C ALA A 8 -12.82 -5.01 -43.26
N PHE A 9 -11.79 -5.07 -44.12
CA PHE A 9 -11.01 -3.93 -44.60
C PHE A 9 -11.65 -3.21 -45.80
N GLY A 10 -12.51 -3.91 -46.52
CA GLY A 10 -13.19 -3.37 -47.70
C GLY A 10 -12.28 -3.08 -48.86
N GLU A 11 -12.44 -1.89 -49.48
CA GLU A 11 -11.69 -1.39 -50.64
C GLU A 11 -10.16 -1.32 -50.39
N ALA A 12 -9.75 -1.34 -49.10
CA ALA A 12 -8.37 -1.30 -48.63
C ALA A 12 -7.63 -2.63 -48.74
N ALA A 13 -8.37 -3.77 -48.63
CA ALA A 13 -7.82 -5.14 -48.66
C ALA A 13 -6.74 -5.41 -49.74
N PRO A 14 -6.90 -4.99 -51.04
CA PRO A 14 -5.83 -5.26 -52.03
C PRO A 14 -4.52 -4.45 -51.83
N TYR A 15 -4.54 -3.44 -50.93
CA TYR A 15 -3.41 -2.57 -50.59
C TYR A 15 -2.74 -3.00 -49.30
N LEU A 16 -3.24 -4.07 -48.65
CA LEU A 16 -2.73 -4.56 -47.36
C LEU A 16 -2.20 -6.00 -47.42
N ARG A 17 -2.97 -6.91 -48.06
CA ARG A 17 -2.65 -8.33 -48.19
C ARG A 17 -3.14 -8.82 -49.53
N LYS A 18 -2.28 -9.56 -50.27
CA LYS A 18 -2.66 -10.10 -51.58
C LYS A 18 -3.59 -11.28 -51.43
N SER A 19 -4.54 -11.44 -52.38
CA SER A 19 -5.56 -12.51 -52.36
C SER A 19 -4.96 -13.90 -52.48
N GLU A 20 -5.68 -14.95 -51.99
CA GLU A 20 -5.22 -16.34 -52.11
C GLU A 20 -5.01 -16.71 -53.58
N LYS A 21 -5.90 -16.20 -54.47
CA LYS A 21 -5.81 -16.40 -55.92
C LYS A 21 -4.52 -15.78 -56.49
N GLU A 22 -4.09 -14.64 -55.94
CA GLU A 22 -2.83 -13.98 -56.32
C GLU A 22 -1.63 -14.72 -55.71
N ARG A 23 -1.78 -15.22 -54.46
CA ARG A 23 -0.78 -15.94 -53.68
C ARG A 23 -0.31 -17.22 -54.36
N LEU A 24 -1.27 -18.08 -54.79
CA LEU A 24 -0.99 -19.36 -55.43
C LEU A 24 -0.38 -19.23 -56.84
N GLU A 25 -0.67 -18.11 -57.54
CA GLU A 25 -0.13 -17.78 -58.87
C GLU A 25 1.38 -17.55 -58.75
N ALA A 26 1.83 -17.00 -57.60
CA ALA A 26 3.22 -16.73 -57.26
C ALA A 26 3.95 -18.03 -56.95
N GLN A 27 3.32 -18.94 -56.15
CA GLN A 27 3.89 -20.24 -55.75
C GLN A 27 4.05 -21.25 -56.93
N THR A 28 3.67 -20.84 -58.15
CA THR A 28 3.79 -21.63 -59.39
C THR A 28 4.79 -20.99 -60.38
N ARG A 29 5.29 -19.76 -60.07
CA ARG A 29 6.25 -19.00 -60.88
C ARG A 29 7.57 -19.76 -61.09
N PRO A 30 8.31 -19.53 -62.20
CA PRO A 30 9.57 -20.27 -62.41
C PRO A 30 10.68 -19.82 -61.46
N PHE A 31 11.34 -20.80 -60.81
CA PHE A 31 12.40 -20.57 -59.84
C PHE A 31 13.28 -21.81 -59.64
N ASP A 32 14.61 -21.63 -59.81
CA ASP A 32 15.59 -22.71 -59.58
C ASP A 32 16.51 -22.27 -58.44
N LEU A 33 16.46 -22.99 -57.31
CA LEU A 33 17.28 -22.70 -56.12
C LEU A 33 18.73 -22.37 -56.45
N LYS A 34 19.38 -23.23 -57.26
CA LYS A 34 20.78 -23.12 -57.68
C LYS A 34 21.05 -21.93 -58.62
N LYS A 35 20.25 -21.82 -59.71
CA LYS A 35 20.40 -20.82 -60.78
C LYS A 35 20.03 -19.37 -60.38
N ASP A 36 18.79 -19.15 -59.91
CA ASP A 36 18.25 -17.83 -59.53
C ASP A 36 18.87 -17.25 -58.21
N VAL A 37 19.67 -16.16 -58.37
CA VAL A 37 20.45 -15.48 -57.31
C VAL A 37 20.32 -13.93 -57.36
N PHE A 38 21.14 -13.23 -56.52
CA PHE A 38 21.32 -11.78 -56.44
C PHE A 38 22.82 -11.50 -56.60
N VAL A 39 23.17 -10.61 -57.51
CA VAL A 39 24.56 -10.22 -57.75
C VAL A 39 24.67 -8.69 -57.57
N PRO A 40 25.78 -8.13 -57.02
CA PRO A 40 25.84 -6.67 -56.87
C PRO A 40 25.89 -5.88 -58.17
N ASP A 41 25.62 -4.59 -58.09
CA ASP A 41 25.67 -3.65 -59.20
C ASP A 41 26.21 -2.33 -58.64
N ASP A 42 27.19 -1.71 -59.35
CA ASP A 42 27.80 -0.44 -58.92
C ASP A 42 26.76 0.70 -58.90
N LYS A 43 25.83 0.69 -59.88
CA LYS A 43 24.74 1.67 -60.02
C LYS A 43 23.53 1.36 -59.08
N GLU A 44 22.77 0.27 -59.37
CA GLU A 44 21.53 -0.15 -58.69
C GLU A 44 21.71 -1.07 -57.43
N GLU A 45 22.86 -0.98 -56.72
CA GLU A 45 23.20 -1.75 -55.50
C GLU A 45 23.25 -3.29 -55.70
N PHE A 46 22.10 -3.96 -56.00
CA PHE A 46 22.07 -5.40 -56.29
C PHE A 46 21.05 -5.66 -57.39
N VAL A 47 21.25 -6.72 -58.18
CA VAL A 47 20.31 -7.12 -59.25
C VAL A 47 20.01 -8.61 -59.16
N LYS A 48 18.80 -9.04 -59.60
CA LYS A 48 18.44 -10.45 -59.67
C LYS A 48 19.19 -11.01 -60.90
N ALA A 49 19.60 -12.29 -60.83
CA ALA A 49 20.35 -12.93 -61.90
C ALA A 49 20.13 -14.44 -61.92
N THR A 50 20.43 -15.08 -63.08
CA THR A 50 20.38 -16.53 -63.28
C THR A 50 21.79 -16.93 -63.67
N ILE A 51 22.44 -17.79 -62.85
CA ILE A 51 23.79 -18.28 -63.06
C ILE A 51 23.92 -19.16 -64.34
N LEU A 52 24.75 -18.70 -65.31
CA LEU A 52 24.97 -19.39 -66.57
C LEU A 52 26.04 -20.45 -66.41
N SER A 53 27.21 -20.07 -65.82
CA SER A 53 28.37 -20.93 -65.52
C SER A 53 29.39 -20.19 -64.62
N ARG A 54 30.33 -20.94 -64.03
CA ARG A 54 31.38 -20.38 -63.16
C ARG A 54 32.70 -21.12 -63.36
N GLU A 55 33.76 -20.34 -63.60
CA GLU A 55 35.12 -20.85 -63.81
C GLU A 55 36.17 -19.98 -63.13
N GLY A 56 36.74 -20.53 -62.06
CA GLY A 56 37.80 -19.91 -61.26
C GLY A 56 37.34 -18.99 -60.17
N GLY A 57 36.25 -19.36 -59.48
CA GLY A 57 35.64 -18.59 -58.41
C GLY A 57 35.10 -17.25 -58.88
N LYS A 58 34.63 -17.22 -60.15
CA LYS A 58 34.08 -16.08 -60.89
C LYS A 58 32.81 -16.57 -61.60
N VAL A 59 31.65 -16.26 -61.02
CA VAL A 59 30.32 -16.67 -61.48
C VAL A 59 29.80 -15.71 -62.55
N THR A 60 29.37 -16.28 -63.69
CA THR A 60 28.78 -15.54 -64.81
C THR A 60 27.26 -15.72 -64.71
N ALA A 61 26.50 -14.64 -65.00
CA ALA A 61 25.04 -14.65 -64.95
C ALA A 61 24.42 -13.51 -65.77
N GLU A 62 23.09 -13.58 -66.04
CA GLU A 62 22.38 -12.51 -66.75
C GLU A 62 21.43 -11.74 -65.80
N THR A 63 21.54 -10.40 -65.82
CA THR A 63 20.72 -9.50 -65.00
C THR A 63 19.25 -9.47 -65.48
N GLU A 64 18.39 -8.80 -64.67
CA GLU A 64 16.95 -8.59 -64.95
C GLU A 64 16.75 -7.55 -66.09
N HIS A 65 17.86 -6.89 -66.50
CA HIS A 65 17.96 -5.92 -67.60
C HIS A 65 18.54 -6.58 -68.85
N GLY A 66 18.84 -7.88 -68.71
CA GLY A 66 19.41 -8.72 -69.76
C GLY A 66 20.88 -8.49 -70.07
N LYS A 67 21.67 -8.06 -69.07
CA LYS A 67 23.10 -7.78 -69.23
C LYS A 67 23.99 -8.78 -68.48
N THR A 68 24.81 -9.52 -69.24
CA THR A 68 25.73 -10.55 -68.74
C THR A 68 26.88 -9.89 -67.95
N VAL A 69 27.29 -10.52 -66.81
CA VAL A 69 28.39 -10.05 -65.97
C VAL A 69 28.96 -11.20 -65.11
N THR A 70 30.25 -11.10 -64.76
CA THR A 70 30.98 -12.09 -63.96
C THR A 70 31.54 -11.43 -62.69
N VAL A 71 31.26 -12.06 -61.51
CA VAL A 71 31.66 -11.62 -60.16
C VAL A 71 32.29 -12.77 -59.34
N LYS A 72 32.99 -12.41 -58.24
CA LYS A 72 33.74 -13.27 -57.31
C LYS A 72 32.86 -14.17 -56.36
N GLU A 73 33.34 -14.44 -55.12
CA GLU A 73 32.71 -15.31 -54.13
C GLU A 73 31.62 -14.63 -53.34
N ASP A 74 31.98 -13.78 -52.32
CA ASP A 74 31.04 -13.05 -51.42
C ASP A 74 29.81 -12.45 -52.14
N GLN A 75 30.03 -11.90 -53.35
CA GLN A 75 29.11 -11.20 -54.24
C GLN A 75 27.74 -11.89 -54.47
N VAL A 76 27.76 -13.21 -54.75
CA VAL A 76 26.55 -13.98 -55.08
C VAL A 76 25.74 -14.35 -53.81
N LEU A 77 24.47 -13.90 -53.77
CA LEU A 77 23.55 -14.14 -52.66
C LEU A 77 22.27 -14.84 -53.13
N GLN A 78 21.78 -15.79 -52.31
CA GLN A 78 20.62 -16.62 -52.64
C GLN A 78 19.30 -15.88 -52.60
N GLN A 79 18.49 -16.06 -53.67
CA GLN A 79 17.14 -15.49 -53.73
C GLN A 79 16.23 -16.28 -52.80
N ASN A 80 15.16 -15.68 -52.27
CA ASN A 80 14.24 -16.43 -51.43
C ASN A 80 13.16 -17.06 -52.34
N PRO A 81 12.78 -18.35 -52.09
CA PRO A 81 11.75 -19.00 -52.93
C PRO A 81 10.42 -18.23 -53.06
N PRO A 82 9.64 -18.49 -54.16
CA PRO A 82 8.38 -17.75 -54.39
C PRO A 82 7.30 -17.77 -53.29
N LYS A 83 7.45 -18.67 -52.30
CA LYS A 83 6.51 -18.71 -51.21
C LYS A 83 6.69 -17.46 -50.35
N PHE A 84 7.94 -16.93 -50.29
CA PHE A 84 8.34 -15.72 -49.53
C PHE A 84 8.06 -14.40 -50.21
N ASP A 85 7.57 -14.42 -51.46
CA ASP A 85 7.27 -13.21 -52.22
C ASP A 85 6.32 -12.29 -51.45
N LYS A 86 6.73 -11.01 -51.34
CA LYS A 86 5.99 -9.97 -50.63
C LYS A 86 5.59 -10.45 -49.20
N ILE A 87 6.58 -10.97 -48.42
CA ILE A 87 6.35 -11.47 -47.06
C ILE A 87 6.01 -10.30 -46.12
N GLU A 88 5.13 -10.54 -45.15
CA GLU A 88 4.71 -9.47 -44.23
C GLU A 88 5.72 -9.18 -43.11
N ASP A 89 6.52 -10.17 -42.69
CA ASP A 89 7.56 -10.02 -41.67
C ASP A 89 8.83 -10.58 -42.26
N MET A 90 9.84 -9.74 -42.42
CA MET A 90 11.07 -10.16 -43.05
C MET A 90 11.94 -11.01 -42.14
N ALA A 91 11.64 -11.04 -40.81
CA ALA A 91 12.37 -11.90 -39.88
C ALA A 91 12.01 -13.40 -40.11
N MET A 92 11.04 -13.67 -41.02
N MET A 92 11.06 -13.67 -41.04
CA MET A 92 10.57 -15.01 -41.34
CA MET A 92 10.56 -14.99 -41.43
C MET A 92 11.13 -15.51 -42.70
C MET A 92 11.29 -15.57 -42.62
N LEU A 93 12.00 -14.73 -43.40
CA LEU A 93 12.70 -15.11 -44.67
C LEU A 93 13.77 -16.16 -44.42
N THR A 94 13.95 -17.13 -45.34
CA THR A 94 14.98 -18.16 -45.13
C THR A 94 16.39 -17.52 -45.25
N PHE A 95 16.61 -16.71 -46.30
CA PHE A 95 17.87 -16.00 -46.52
C PHE A 95 17.70 -14.55 -46.13
N LEU A 96 18.37 -14.12 -45.06
CA LEU A 96 18.32 -12.72 -44.63
C LEU A 96 19.65 -12.00 -44.88
N HIS A 97 19.66 -11.21 -45.96
CA HIS A 97 20.75 -10.38 -46.46
C HIS A 97 20.16 -9.09 -47.09
N GLU A 98 21.04 -8.14 -47.45
CA GLU A 98 20.63 -6.86 -48.00
C GLU A 98 19.71 -6.99 -49.23
N PRO A 99 20.06 -7.66 -50.37
CA PRO A 99 19.10 -7.71 -51.48
C PRO A 99 17.75 -8.37 -51.15
N ALA A 100 17.70 -9.35 -50.21
CA ALA A 100 16.45 -10.01 -49.78
C ALA A 100 15.53 -9.00 -49.11
N VAL A 101 16.07 -8.16 -48.21
CA VAL A 101 15.30 -7.10 -47.55
C VAL A 101 14.87 -6.04 -48.58
N LEU A 102 15.80 -5.54 -49.38
CA LEU A 102 15.51 -4.54 -50.39
C LEU A 102 14.44 -5.00 -51.37
N TYR A 103 14.55 -6.24 -51.89
CA TYR A 103 13.62 -6.74 -52.90
C TYR A 103 12.27 -7.06 -52.34
N ASN A 104 12.19 -7.46 -51.06
CA ASN A 104 10.90 -7.72 -50.43
C ASN A 104 10.17 -6.40 -50.26
N LEU A 105 10.90 -5.31 -49.95
CA LEU A 105 10.34 -3.97 -49.79
C LEU A 105 9.91 -3.44 -51.15
N LYS A 106 10.79 -3.56 -52.16
CA LYS A 106 10.52 -3.13 -53.54
C LYS A 106 9.28 -3.81 -54.11
N GLU A 107 9.14 -5.13 -53.90
CA GLU A 107 8.02 -5.92 -54.44
C GLU A 107 6.70 -5.57 -53.82
N ARG A 108 6.70 -5.34 -52.50
CA ARG A 108 5.53 -4.96 -51.73
C ARG A 108 5.12 -3.55 -52.10
N TYR A 109 6.12 -2.62 -52.17
CA TYR A 109 5.91 -1.22 -52.50
C TYR A 109 5.30 -1.09 -53.88
N ALA A 110 5.71 -1.98 -54.80
CA ALA A 110 5.22 -2.06 -56.16
C ALA A 110 3.73 -2.44 -56.20
N SER A 111 3.23 -3.05 -55.12
CA SER A 111 1.82 -3.47 -54.98
C SER A 111 1.08 -2.49 -54.05
N TRP A 112 1.75 -1.33 -53.74
CA TRP A 112 1.33 -0.23 -52.87
C TRP A 112 1.15 -0.71 -51.42
N MET A 113 1.89 -1.74 -51.03
CA MET A 113 1.91 -2.22 -49.65
C MET A 113 3.13 -1.58 -49.04
N ILE A 114 2.89 -0.45 -48.34
CA ILE A 114 3.92 0.43 -47.80
C ILE A 114 4.45 -0.03 -46.43
N TYR A 115 3.67 -0.82 -45.65
CA TYR A 115 4.12 -1.33 -44.33
C TYR A 115 4.64 -2.77 -44.45
N THR A 116 5.77 -3.06 -43.77
CA THR A 116 6.40 -4.38 -43.71
C THR A 116 7.00 -4.57 -42.32
N TYR A 117 6.77 -5.71 -41.66
CA TYR A 117 7.37 -5.95 -40.36
C TYR A 117 8.81 -6.39 -40.52
N SER A 118 9.64 -6.05 -39.54
CA SER A 118 11.05 -6.39 -39.50
C SER A 118 11.35 -6.97 -38.14
N GLY A 119 10.66 -8.06 -37.80
CA GLY A 119 10.77 -8.64 -36.48
C GLY A 119 9.92 -7.84 -35.50
N LEU A 120 10.55 -7.35 -34.44
CA LEU A 120 9.86 -6.58 -33.41
C LEU A 120 9.51 -5.13 -33.82
N PHE A 121 9.92 -4.70 -35.02
CA PHE A 121 9.64 -3.33 -35.45
C PHE A 121 9.09 -3.31 -36.87
N CYS A 122 8.84 -2.12 -37.38
CA CYS A 122 8.19 -1.98 -38.67
C CYS A 122 8.87 -0.98 -39.58
N VAL A 123 8.81 -1.27 -40.88
CA VAL A 123 9.37 -0.44 -41.92
C VAL A 123 8.23 0.06 -42.81
N THR A 124 8.33 1.32 -43.26
CA THR A 124 7.35 1.92 -44.15
C THR A 124 8.07 2.76 -45.21
N ILE A 125 7.64 2.63 -46.47
CA ILE A 125 8.23 3.42 -47.56
C ILE A 125 7.18 4.40 -48.04
N ASN A 126 7.55 5.69 -48.09
CA ASN A 126 6.68 6.78 -48.53
C ASN A 126 6.02 6.47 -49.91
N PRO A 127 4.68 6.34 -50.02
CA PRO A 127 4.10 6.08 -51.34
C PRO A 127 4.00 7.30 -52.24
N TYR A 128 4.10 8.53 -51.68
CA TYR A 128 3.93 9.81 -52.41
C TYR A 128 2.58 9.78 -53.16
N TRP A 130 -1.96 9.13 -51.92
N TRP A 130 -2.00 9.05 -52.04
CA TRP A 130 -2.88 8.76 -50.83
CA TRP A 130 -3.06 8.71 -51.11
C TRP A 130 -3.68 7.52 -51.23
C TRP A 130 -3.51 7.31 -51.46
N LEU A 131 -3.49 6.42 -50.47
CA LEU A 131 -4.05 5.07 -50.68
C LEU A 131 -5.29 4.89 -49.79
N PRO A 132 -6.34 4.15 -50.21
CA PRO A 132 -7.55 4.06 -49.39
C PRO A 132 -7.39 3.12 -48.19
N VAL A 133 -6.36 3.36 -47.34
CA VAL A 133 -6.04 2.48 -46.21
C VAL A 133 -6.14 3.15 -44.83
N TYR A 134 -6.62 4.42 -44.75
CA TYR A 134 -6.69 5.10 -43.47
C TYR A 134 -8.11 5.54 -43.07
N ASN A 135 -9.14 4.78 -43.47
CA ASN A 135 -10.53 5.10 -43.15
C ASN A 135 -10.95 4.45 -41.85
N ALA A 136 -12.13 4.85 -41.32
CA ALA A 136 -12.68 4.33 -40.07
C ALA A 136 -13.01 2.83 -40.15
N GLU A 137 -13.40 2.33 -41.35
CA GLU A 137 -13.71 0.93 -41.62
C GLU A 137 -12.46 0.08 -41.35
N VAL A 138 -11.26 0.59 -41.77
CA VAL A 138 -9.95 -0.04 -41.57
C VAL A 138 -9.57 0.02 -40.07
N VAL A 139 -9.84 1.16 -39.41
CA VAL A 139 -9.58 1.36 -37.97
C VAL A 139 -10.28 0.23 -37.17
N ALA A 140 -11.56 -0.03 -37.49
CA ALA A 140 -12.39 -1.06 -36.86
C ALA A 140 -11.87 -2.47 -37.21
N ALA A 141 -11.43 -2.65 -38.47
CA ALA A 141 -10.90 -3.94 -38.95
C ALA A 141 -9.65 -4.35 -38.18
N TYR A 142 -8.76 -3.39 -37.84
CA TYR A 142 -7.52 -3.68 -37.13
C TYR A 142 -7.67 -3.83 -35.62
N ARG A 143 -8.78 -3.31 -35.07
CA ARG A 143 -9.08 -3.28 -33.65
C ARG A 143 -9.11 -4.69 -33.04
N GLY A 144 -8.18 -4.90 -32.10
CA GLY A 144 -8.04 -6.15 -31.32
C GLY A 144 -7.24 -7.26 -31.95
N LYS A 145 -6.98 -7.17 -33.26
CA LYS A 145 -6.25 -8.18 -34.05
C LYS A 145 -4.80 -8.36 -33.61
N LYS A 146 -4.34 -9.61 -33.70
CA LYS A 146 -2.96 -10.02 -33.41
C LYS A 146 -2.22 -10.02 -34.75
N ARG A 147 -0.92 -9.68 -34.74
CA ARG A 147 0.00 -9.57 -35.89
C ARG A 147 -0.26 -10.63 -36.96
N SER A 148 -0.67 -11.82 -36.55
CA SER A 148 -1.01 -12.92 -37.44
C SER A 148 -2.27 -12.64 -38.29
N GLU A 149 -3.41 -12.32 -37.64
CA GLU A 149 -4.70 -12.12 -38.31
C GLU A 149 -4.86 -10.75 -39.02
N ALA A 150 -3.82 -9.89 -38.99
CA ALA A 150 -3.83 -8.56 -39.59
C ALA A 150 -2.54 -8.17 -40.34
N PRO A 151 -2.66 -7.62 -41.59
CA PRO A 151 -1.46 -7.21 -42.36
C PRO A 151 -0.65 -6.09 -41.69
N PRO A 152 0.64 -5.81 -42.05
CA PRO A 152 1.35 -4.66 -41.45
C PRO A 152 0.65 -3.34 -41.76
N HIS A 153 0.61 -2.42 -40.79
CA HIS A 153 -0.03 -1.11 -40.91
C HIS A 153 0.25 -0.35 -39.62
N ILE A 154 0.31 0.98 -39.70
CA ILE A 154 0.49 1.85 -38.54
C ILE A 154 -0.64 1.66 -37.52
N PHE A 155 -1.87 1.29 -38.01
CA PHE A 155 -3.04 0.98 -37.18
C PHE A 155 -2.77 -0.28 -36.35
N SER A 156 -2.03 -1.22 -36.92
CA SER A 156 -1.62 -2.46 -36.28
C SER A 156 -0.61 -2.15 -35.20
N ILE A 157 0.43 -1.32 -35.48
CA ILE A 157 1.45 -0.92 -34.49
C ILE A 157 0.76 -0.27 -33.32
N SER A 158 -0.20 0.63 -33.64
CA SER A 158 -0.99 1.37 -32.68
C SER A 158 -1.73 0.39 -31.79
N ASP A 159 -2.50 -0.58 -32.36
CA ASP A 159 -3.22 -1.55 -31.52
C ASP A 159 -2.30 -2.39 -30.63
N ASN A 160 -1.22 -2.94 -31.20
CA ASN A 160 -0.25 -3.76 -30.47
C ASN A 160 0.33 -2.98 -29.25
N ALA A 161 0.59 -1.68 -29.42
CA ALA A 161 1.07 -0.82 -28.35
C ALA A 161 -0.02 -0.71 -27.22
N TYR A 162 -1.31 -0.57 -27.63
CA TYR A 162 -2.45 -0.49 -26.72
C TYR A 162 -2.64 -1.79 -26.00
N GLN A 163 -2.49 -2.93 -26.70
CA GLN A 163 -2.60 -4.26 -26.11
C GLN A 163 -1.57 -4.49 -24.99
N TYR A 164 -0.26 -4.17 -25.23
CA TYR A 164 0.80 -4.29 -24.21
C TYR A 164 0.55 -3.30 -23.06
N MET A 165 -0.08 -2.16 -23.34
CA MET A 165 -0.36 -1.18 -22.29
C MET A 165 -1.29 -1.76 -21.25
N LEU A 166 -2.39 -2.41 -21.71
CA LEU A 166 -3.39 -2.96 -20.79
C LEU A 166 -2.94 -4.23 -20.11
N THR A 167 -2.25 -5.12 -20.84
CA THR A 167 -1.75 -6.38 -20.29
C THR A 167 -0.67 -6.15 -19.21
N ASP A 168 0.44 -5.45 -19.57
CA ASP A 168 1.55 -5.14 -18.68
C ASP A 168 1.24 -3.97 -17.73
N ARG A 169 0.12 -3.20 -17.94
CA ARG A 169 -0.27 -2.02 -17.14
C ARG A 169 0.93 -1.05 -17.11
N GLU A 170 1.44 -0.71 -18.32
CA GLU A 170 2.69 0.01 -18.54
C GLU A 170 2.63 0.95 -19.75
N ASN A 171 3.23 2.15 -19.60
CA ASN A 171 3.27 3.22 -20.61
C ASN A 171 4.08 2.79 -21.80
N GLN A 172 3.58 3.02 -23.00
CA GLN A 172 4.24 2.58 -24.24
C GLN A 172 4.63 3.80 -25.07
N SER A 173 5.60 3.64 -25.99
CA SER A 173 5.95 4.74 -26.88
C SER A 173 6.06 4.30 -28.32
N ILE A 174 5.68 5.17 -29.25
CA ILE A 174 5.79 4.88 -30.67
C ILE A 174 6.83 5.86 -31.21
N LEU A 175 8.01 5.30 -31.53
CA LEU A 175 9.14 6.09 -31.96
C LEU A 175 9.30 6.00 -33.47
N ILE A 176 8.82 7.05 -34.16
CA ILE A 176 8.80 7.09 -35.62
C ILE A 176 10.01 7.83 -36.15
N THR A 177 10.94 7.07 -36.72
CA THR A 177 12.20 7.62 -37.22
C THR A 177 12.13 7.87 -38.74
N GLY A 178 13.11 8.64 -39.22
CA GLY A 178 13.22 8.95 -40.63
C GLY A 178 13.83 10.29 -40.95
N GLU A 179 14.48 10.33 -42.16
CA GLU A 179 15.08 11.49 -42.81
C GLU A 179 13.93 12.47 -43.12
N SER A 180 14.25 13.74 -43.27
CA SER A 180 13.24 14.74 -43.61
C SER A 180 12.55 14.30 -44.91
N GLY A 181 11.23 14.14 -44.86
CA GLY A 181 10.42 13.76 -46.02
C GLY A 181 9.92 12.34 -46.02
N ALA A 182 10.40 11.51 -45.05
CA ALA A 182 10.15 10.07 -44.94
C ALA A 182 8.69 9.65 -44.63
N GLY A 183 8.03 10.30 -43.67
CA GLY A 183 6.64 10.00 -43.34
C GLY A 183 6.30 9.98 -41.87
N LYS A 184 7.18 10.56 -41.00
CA LYS A 184 7.00 10.58 -39.54
C LYS A 184 5.70 11.26 -39.12
N THR A 185 5.45 12.52 -39.56
CA THR A 185 4.26 13.31 -39.24
C THR A 185 3.03 12.63 -39.78
N VAL A 186 3.13 12.08 -41.00
CA VAL A 186 2.03 11.34 -41.62
C VAL A 186 1.60 10.19 -40.70
N ASN A 187 2.54 9.35 -40.30
CA ASN A 187 2.27 8.24 -39.40
C ASN A 187 1.91 8.65 -37.98
N THR A 188 2.45 9.78 -37.47
CA THR A 188 2.12 10.28 -36.14
C THR A 188 0.62 10.62 -36.10
N LYS A 189 0.15 11.27 -37.16
CA LYS A 189 -1.23 11.67 -37.26
C LYS A 189 -2.15 10.45 -37.46
N ARG A 190 -1.63 9.34 -38.04
CA ARG A 190 -2.44 8.12 -38.19
C ARG A 190 -2.58 7.38 -36.86
N VAL A 191 -1.57 7.42 -35.98
CA VAL A 191 -1.62 6.79 -34.65
C VAL A 191 -2.73 7.51 -33.89
N ILE A 192 -2.69 8.87 -33.90
CA ILE A 192 -3.69 9.73 -33.27
C ILE A 192 -5.08 9.42 -33.85
N GLN A 193 -5.19 9.30 -35.20
CA GLN A 193 -6.47 8.98 -35.86
C GLN A 193 -7.04 7.67 -35.31
N TYR A 194 -6.19 6.62 -35.20
CA TYR A 194 -6.59 5.31 -34.72
C TYR A 194 -7.31 5.42 -33.37
N PHE A 195 -6.66 5.99 -32.36
CA PHE A 195 -7.26 6.12 -31.03
C PHE A 195 -8.47 7.02 -30.99
N ALA A 196 -8.45 8.13 -31.76
CA ALA A 196 -9.58 9.06 -31.87
C ALA A 196 -10.84 8.41 -32.53
N VAL A 197 -10.66 7.62 -33.60
CA VAL A 197 -11.74 6.91 -34.28
C VAL A 197 -12.34 5.84 -33.34
N ILE A 198 -11.47 5.02 -32.71
CA ILE A 198 -11.84 3.98 -31.74
C ILE A 198 -12.63 4.62 -30.58
N ALA A 199 -12.20 5.81 -30.13
CA ALA A 199 -12.82 6.54 -29.02
C ALA A 199 -14.20 7.04 -29.38
N ALA A 200 -14.37 7.49 -30.63
CA ALA A 200 -15.63 7.98 -31.16
C ALA A 200 -16.69 6.85 -31.28
N ILE A 201 -16.25 5.58 -31.31
CA ILE A 201 -17.12 4.40 -31.40
C ILE A 201 -17.82 4.18 -30.04
N GLY A 202 -17.24 3.38 -29.13
CA GLY A 202 -17.83 3.11 -27.81
C GLY A 202 -17.79 4.29 -26.85
N GLY A 212 -13.33 22.86 -25.19
CA GLY A 212 -13.48 23.64 -26.41
C GLY A 212 -14.76 23.37 -27.19
N LYS A 213 -14.73 23.51 -28.56
CA LYS A 213 -15.89 23.29 -29.46
C LYS A 213 -16.17 21.80 -29.77
N GLY A 214 -15.21 21.06 -30.38
CA GLY A 214 -15.41 19.64 -30.65
C GLY A 214 -15.25 18.75 -29.42
N THR A 215 -15.29 17.41 -29.61
CA THR A 215 -15.06 16.44 -28.53
C THR A 215 -13.57 16.21 -28.41
N LEU A 216 -13.08 15.56 -27.33
CA LEU A 216 -11.65 15.30 -27.13
C LEU A 216 -10.98 14.71 -28.36
N GLU A 217 -11.64 13.71 -29.00
CA GLU A 217 -11.15 13.02 -30.20
C GLU A 217 -10.98 13.97 -31.40
N ASP A 218 -11.95 14.89 -31.61
CA ASP A 218 -11.91 15.93 -32.67
C ASP A 218 -10.79 16.92 -32.42
N GLN A 219 -10.59 17.28 -31.13
CA GLN A 219 -9.55 18.17 -30.66
C GLN A 219 -8.15 17.61 -30.84
N ILE A 220 -7.89 16.31 -30.53
CA ILE A 220 -6.58 15.69 -30.71
C ILE A 220 -6.20 15.72 -32.20
N ILE A 221 -7.17 15.40 -33.06
CA ILE A 221 -7.02 15.38 -34.51
C ILE A 221 -6.72 16.79 -35.07
N GLN A 222 -7.39 17.83 -34.53
CA GLN A 222 -7.21 19.23 -34.93
C GLN A 222 -5.96 19.91 -34.34
N ALA A 223 -5.33 19.30 -33.31
CA ALA A 223 -4.13 19.88 -32.70
C ALA A 223 -3.00 20.07 -33.73
N ASN A 224 -2.74 19.09 -34.59
CA ASN A 224 -1.68 19.10 -35.58
C ASN A 224 -1.94 20.12 -36.71
N PRO A 225 -3.11 20.17 -37.43
CA PRO A 225 -3.29 21.26 -38.43
C PRO A 225 -3.04 22.68 -37.90
N ALA A 226 -3.29 22.92 -36.59
CA ALA A 226 -3.08 24.19 -35.94
C ALA A 226 -1.58 24.46 -35.78
N LEU A 227 -0.86 23.60 -35.08
CA LEU A 227 0.60 23.73 -34.87
C LEU A 227 1.37 23.76 -36.16
N GLU A 228 0.98 22.97 -37.17
CA GLU A 228 1.67 22.95 -38.47
C GLU A 228 1.63 24.26 -39.23
N ALA A 229 0.55 25.04 -39.11
CA ALA A 229 0.47 26.33 -39.78
C ALA A 229 1.64 27.19 -39.32
N PHE A 230 2.02 27.10 -38.03
CA PHE A 230 3.08 27.90 -37.39
C PHE A 230 4.45 27.23 -37.26
N GLY A 231 4.50 25.91 -37.20
CA GLY A 231 5.74 25.18 -36.96
C GLY A 231 6.24 24.33 -38.11
N ASN A 232 5.54 24.35 -39.23
CA ASN A 232 5.95 23.60 -40.42
C ASN A 232 6.19 24.56 -41.58
N ALA A 233 7.13 24.20 -42.49
CA ALA A 233 7.52 25.00 -43.64
C ALA A 233 8.04 24.13 -44.76
N LYS A 234 7.98 24.65 -46.00
CA LYS A 234 8.50 23.97 -47.18
C LYS A 234 10.03 24.10 -47.21
N THR A 235 10.75 22.97 -47.20
CA THR A 235 12.22 22.95 -47.36
C THR A 235 12.47 22.14 -48.62
N VAL A 236 13.72 22.01 -49.09
CA VAL A 236 13.92 21.23 -50.31
C VAL A 236 13.36 19.81 -50.25
N ARG A 237 13.62 19.05 -49.13
CA ARG A 237 13.16 17.67 -49.10
C ARG A 237 11.71 17.46 -48.68
N ASN A 238 11.05 18.48 -48.14
CA ASN A 238 9.67 18.28 -47.73
C ASN A 238 8.89 19.56 -47.81
N ASP A 239 7.76 19.53 -48.54
CA ASP A 239 6.85 20.66 -48.68
C ASP A 239 6.18 20.99 -47.36
N ASN A 240 6.12 20.01 -46.44
CA ASN A 240 5.52 20.24 -45.14
C ASN A 240 6.49 19.80 -44.03
N SER A 241 7.77 20.33 -44.04
CA SER A 241 8.74 19.95 -43.02
C SER A 241 8.39 20.43 -41.63
N SER A 242 8.60 19.57 -40.61
CA SER A 242 8.39 19.88 -39.18
C SER A 242 9.66 20.59 -38.71
N ARG A 243 9.51 21.86 -38.30
CA ARG A 243 10.62 22.72 -37.87
C ARG A 243 10.79 22.72 -36.34
N PHE A 244 10.03 21.86 -35.69
CA PHE A 244 10.04 21.63 -34.27
C PHE A 244 9.75 20.15 -34.08
N GLY A 245 10.23 19.60 -32.98
CA GLY A 245 9.93 18.23 -32.65
C GLY A 245 8.81 18.16 -31.63
N LYS A 246 8.01 17.08 -31.64
CA LYS A 246 6.92 16.92 -30.67
C LYS A 246 6.78 15.52 -30.11
N PHE A 247 6.22 15.43 -28.88
CA PHE A 247 5.90 14.21 -28.17
C PHE A 247 4.48 14.31 -27.72
N ILE A 248 3.59 13.48 -28.30
CA ILE A 248 2.17 13.47 -27.96
C ILE A 248 1.85 12.28 -27.04
N ARG A 249 1.36 12.52 -25.82
CA ARG A 249 0.95 11.44 -24.91
C ARG A 249 -0.58 11.34 -24.94
N ILE A 250 -1.07 10.16 -25.33
CA ILE A 250 -2.50 9.82 -25.44
C ILE A 250 -2.82 9.01 -24.18
N HIS A 251 -3.51 9.64 -23.21
CA HIS A 251 -3.82 9.09 -21.90
C HIS A 251 -5.07 8.23 -21.88
N PHE A 252 -5.00 7.09 -21.17
CA PHE A 252 -6.09 6.13 -21.06
C PHE A 252 -6.42 5.79 -19.61
N GLY A 253 -7.68 5.47 -19.36
CA GLY A 253 -8.12 5.00 -18.05
C GLY A 253 -7.83 3.52 -17.90
N ALA A 254 -7.99 2.97 -16.69
CA ALA A 254 -7.70 1.55 -16.39
C ALA A 254 -8.31 0.55 -17.34
N THR A 255 -9.51 0.86 -17.87
CA THR A 255 -10.26 0.02 -18.80
C THR A 255 -9.88 0.26 -20.29
N GLY A 256 -8.89 1.14 -20.51
CA GLY A 256 -8.42 1.47 -21.84
C GLY A 256 -9.28 2.45 -22.60
N LYS A 257 -10.04 3.32 -21.87
CA LYS A 257 -10.89 4.37 -22.46
C LYS A 257 -10.06 5.66 -22.63
N LEU A 258 -10.11 6.33 -23.81
CA LEU A 258 -9.35 7.58 -24.03
C LEU A 258 -9.75 8.62 -23.00
N ALA A 259 -8.76 9.13 -22.24
CA ALA A 259 -9.00 10.06 -21.12
C ALA A 259 -8.66 11.47 -21.44
N SER A 260 -7.41 11.68 -21.86
CA SER A 260 -6.80 12.98 -22.09
C SER A 260 -5.63 12.80 -23.08
N ALA A 261 -4.98 13.92 -23.45
CA ALA A 261 -3.83 13.95 -24.34
C ALA A 261 -3.06 15.22 -24.05
N ASP A 262 -1.75 15.21 -24.31
CA ASP A 262 -0.92 16.40 -24.10
C ASP A 262 0.24 16.40 -25.09
N ILE A 263 0.68 17.62 -25.46
CA ILE A 263 1.75 17.87 -26.42
C ILE A 263 2.92 18.63 -25.76
N GLU A 264 4.14 18.14 -25.96
CA GLU A 264 5.39 18.75 -25.53
C GLU A 264 6.12 19.00 -26.84
N THR A 265 6.50 20.24 -27.10
CA THR A 265 7.23 20.59 -28.31
C THR A 265 8.66 20.93 -27.94
N TYR A 266 9.55 20.82 -28.91
CA TYR A 266 10.96 21.05 -28.71
C TYR A 266 11.49 22.08 -29.70
N LEU A 267 12.56 22.77 -29.33
CA LEU A 267 13.27 23.79 -30.10
C LEU A 267 12.72 24.09 -31.50
N LEU A 268 11.92 25.16 -31.63
CA LEU A 268 11.39 25.67 -32.90
C LEU A 268 12.49 26.43 -33.64
N GLU A 269 12.56 26.28 -34.99
CA GLU A 269 13.54 26.95 -35.86
C GLU A 269 13.15 28.42 -36.02
N LYS A 270 13.48 29.22 -34.98
CA LYS A 270 13.21 30.65 -34.88
C LYS A 270 13.77 31.40 -36.09
N SER A 271 15.00 31.01 -36.56
CA SER A 271 15.69 31.65 -37.70
C SER A 271 14.81 31.88 -38.92
N ARG A 272 13.94 30.89 -39.25
CA ARG A 272 13.03 30.84 -40.40
C ARG A 272 12.09 32.02 -40.46
N VAL A 273 11.63 32.51 -39.31
CA VAL A 273 10.70 33.66 -39.23
C VAL A 273 11.19 34.84 -40.07
N ILE A 274 12.51 35.12 -40.03
CA ILE A 274 13.08 36.28 -40.71
C ILE A 274 14.09 35.91 -41.78
N PHE A 275 14.27 34.59 -42.05
CA PHE A 275 15.29 34.16 -43.01
C PHE A 275 14.92 32.91 -43.79
N GLN A 276 15.17 32.93 -45.13
CA GLN A 276 14.92 31.77 -45.99
C GLN A 276 16.06 31.55 -46.96
N LEU A 277 16.45 30.28 -47.12
CA LEU A 277 17.48 29.90 -48.08
C LEU A 277 16.85 29.83 -49.48
N LYS A 278 17.64 29.61 -50.53
CA LYS A 278 17.15 29.64 -51.92
C LYS A 278 15.86 28.83 -52.19
N ALA A 279 15.77 27.57 -51.69
CA ALA A 279 14.63 26.70 -52.02
C ALA A 279 13.63 26.45 -50.88
N GLU A 280 13.37 27.45 -50.06
CA GLU A 280 12.50 27.17 -48.95
C GLU A 280 11.63 28.33 -48.62
N ARG A 281 10.58 28.09 -47.84
CA ARG A 281 9.63 29.13 -47.47
C ARG A 281 9.67 29.39 -45.97
N ASP A 282 9.05 30.50 -45.56
CA ASP A 282 8.86 30.82 -44.17
C ASP A 282 7.68 29.89 -43.72
N TYR A 283 7.19 30.06 -42.49
CA TYR A 283 6.12 29.23 -42.00
C TYR A 283 4.87 29.37 -42.82
N HIS A 284 4.16 28.26 -42.97
CA HIS A 284 2.97 28.16 -43.78
C HIS A 284 2.01 29.32 -43.54
N ILE A 285 1.79 29.69 -42.29
CA ILE A 285 0.81 30.70 -41.85
C ILE A 285 0.86 31.99 -42.68
N PHE A 286 2.07 32.52 -42.96
CA PHE A 286 2.27 33.77 -43.70
C PHE A 286 1.60 33.73 -45.05
N TYR A 287 1.77 32.63 -45.78
CA TYR A 287 1.22 32.42 -47.10
C TYR A 287 -0.25 32.06 -47.09
N GLN A 288 -0.71 31.40 -46.01
CA GLN A 288 -2.11 31.03 -45.83
C GLN A 288 -2.88 32.33 -45.67
N ILE A 289 -2.37 33.26 -44.81
CA ILE A 289 -2.98 34.57 -44.56
C ILE A 289 -2.97 35.37 -45.88
N LEU A 290 -1.84 35.35 -46.59
CA LEU A 290 -1.70 36.10 -47.83
C LEU A 290 -2.55 35.56 -48.98
N SER A 291 -3.03 34.30 -48.88
CA SER A 291 -3.89 33.68 -49.90
C SER A 291 -5.12 34.51 -50.22
N ASN A 292 -5.53 35.38 -49.29
CA ASN A 292 -6.70 36.27 -49.38
C ASN A 292 -8.02 35.44 -49.46
N LYS A 293 -8.01 34.20 -48.87
CA LYS A 293 -9.21 33.35 -48.80
C LYS A 293 -10.17 34.03 -47.83
N LYS A 294 -9.63 34.60 -46.71
CA LYS A 294 -10.36 35.40 -45.73
C LYS A 294 -9.86 36.86 -45.93
N PRO A 295 -10.49 37.66 -46.84
CA PRO A 295 -10.01 39.03 -47.11
C PRO A 295 -9.95 39.90 -45.87
N GLU A 296 -10.85 39.66 -44.92
CA GLU A 296 -10.95 40.36 -43.64
C GLU A 296 -9.61 40.33 -42.88
N LEU A 297 -8.85 39.21 -42.99
CA LEU A 297 -7.56 39.06 -42.31
C LEU A 297 -6.55 40.05 -42.83
N LEU A 298 -6.59 40.35 -44.14
CA LEU A 298 -5.68 41.31 -44.75
C LEU A 298 -6.02 42.73 -44.33
N ASP A 299 -7.32 43.01 -44.16
CA ASP A 299 -7.79 44.32 -43.70
C ASP A 299 -7.40 44.49 -42.24
N MET A 300 -7.61 43.44 -41.41
CA MET A 300 -7.24 43.47 -39.98
C MET A 300 -5.72 43.68 -39.78
N LEU A 301 -4.91 42.92 -40.53
CA LEU A 301 -3.46 42.92 -40.47
C LEU A 301 -2.77 44.09 -41.18
N LEU A 302 -3.56 44.93 -41.92
CA LEU A 302 -3.08 46.09 -42.68
C LEU A 302 -1.98 45.73 -43.67
N ILE A 303 -2.11 44.56 -44.29
CA ILE A 303 -1.16 44.00 -45.25
C ILE A 303 -1.72 43.96 -46.67
N THR A 304 -0.82 43.81 -47.66
CA THR A 304 -1.14 43.61 -49.09
C THR A 304 -1.34 42.08 -49.31
N ASN A 305 -1.61 41.65 -50.53
CA ASN A 305 -1.77 40.21 -50.79
C ASN A 305 -0.52 39.69 -51.46
N ASN A 306 0.57 40.49 -51.42
CA ASN A 306 1.82 40.16 -52.06
C ASN A 306 2.94 39.87 -51.06
N PRO A 307 3.41 38.59 -51.04
CA PRO A 307 4.51 38.24 -50.10
C PRO A 307 5.81 39.00 -50.38
N TYR A 308 6.00 39.50 -51.59
CA TYR A 308 7.23 40.19 -51.98
C TYR A 308 7.30 41.59 -51.42
N ASP A 309 6.21 42.03 -50.78
CA ASP A 309 6.15 43.30 -50.07
C ASP A 309 6.64 43.09 -48.62
N TYR A 310 6.96 41.82 -48.21
CA TYR A 310 7.37 41.50 -46.84
C TYR A 310 8.69 40.78 -46.85
N ALA A 311 9.75 41.54 -46.54
CA ALA A 311 11.15 41.12 -46.63
C ALA A 311 11.49 39.92 -45.79
N PHE A 312 10.86 39.79 -44.62
CA PHE A 312 11.10 38.70 -43.69
C PHE A 312 10.74 37.33 -44.26
N ILE A 313 9.73 37.26 -45.17
CA ILE A 313 9.12 36.03 -45.71
C ILE A 313 9.39 35.74 -47.22
N SER A 314 9.90 36.71 -48.00
CA SER A 314 10.07 36.58 -49.43
C SER A 314 11.46 36.26 -49.94
N GLN A 315 12.37 35.82 -49.05
CA GLN A 315 13.77 35.54 -49.43
C GLN A 315 13.98 34.28 -50.29
N GLY A 316 13.24 33.21 -49.98
CA GLY A 316 13.32 31.95 -50.70
C GLY A 316 12.26 31.87 -51.78
N GLU A 317 11.27 30.96 -51.58
CA GLU A 317 10.08 30.74 -52.43
C GLU A 317 8.84 31.24 -51.65
N THR A 318 7.72 31.48 -52.36
CA THR A 318 6.50 32.01 -51.76
C THR A 318 5.27 31.14 -52.07
N THR A 319 5.38 30.29 -53.09
CA THR A 319 4.33 29.34 -53.47
C THR A 319 4.90 27.97 -53.69
N VAL A 320 4.15 26.96 -53.31
CA VAL A 320 4.53 25.57 -53.47
C VAL A 320 3.40 24.91 -54.25
N ALA A 321 3.78 24.14 -55.28
CA ALA A 321 2.87 23.43 -56.19
C ALA A 321 1.93 22.51 -55.45
N SER A 322 2.47 21.69 -54.56
CA SER A 322 1.70 20.75 -53.77
C SER A 322 0.78 21.38 -52.71
N ILE A 323 1.00 22.68 -52.36
CA ILE A 323 0.28 23.41 -51.28
C ILE A 323 -0.76 24.43 -51.78
N ASP A 324 -2.05 24.28 -51.32
CA ASP A 324 -3.11 25.24 -51.61
C ASP A 324 -3.24 26.05 -50.35
N ASP A 325 -2.58 27.23 -50.30
CA ASP A 325 -2.59 28.06 -49.10
C ASP A 325 -3.98 28.57 -48.73
N ALA A 326 -4.88 28.75 -49.70
CA ALA A 326 -6.26 29.18 -49.46
C ALA A 326 -7.03 28.10 -48.71
N GLU A 327 -6.91 26.82 -49.15
CA GLU A 327 -7.55 25.66 -48.53
C GLU A 327 -6.94 25.40 -47.16
N GLU A 328 -5.61 25.58 -47.01
CA GLU A 328 -4.91 25.38 -45.76
C GLU A 328 -5.28 26.42 -44.72
N LEU A 329 -5.53 27.69 -45.14
CA LEU A 329 -5.93 28.76 -44.19
C LEU A 329 -7.25 28.36 -43.54
N MET A 330 -8.18 27.83 -44.34
CA MET A 330 -9.48 27.37 -43.89
C MET A 330 -9.28 26.25 -42.89
N ALA A 331 -8.34 25.32 -43.17
CA ALA A 331 -8.00 24.20 -42.29
C ALA A 331 -7.51 24.74 -40.94
N THR A 332 -6.58 25.73 -40.97
CA THR A 332 -6.03 26.37 -39.79
C THR A 332 -7.14 27.07 -38.98
N ASP A 333 -7.92 27.97 -39.62
CA ASP A 333 -8.95 28.71 -38.93
C ASP A 333 -9.98 27.80 -38.23
N ASN A 334 -10.40 26.73 -38.90
CA ASN A 334 -11.30 25.72 -38.36
C ASN A 334 -10.69 24.92 -37.18
N ALA A 335 -9.35 24.57 -37.26
CA ALA A 335 -8.62 23.87 -36.20
C ALA A 335 -8.74 24.68 -34.89
N PHE A 336 -8.60 26.01 -34.98
CA PHE A 336 -8.70 26.92 -33.84
C PHE A 336 -10.09 26.95 -33.29
N ASP A 337 -11.11 26.89 -34.16
CA ASP A 337 -12.52 26.82 -33.76
C ASP A 337 -12.78 25.53 -32.98
N VAL A 338 -12.34 24.36 -33.51
CA VAL A 338 -12.53 23.02 -32.88
C VAL A 338 -11.84 22.94 -31.51
N LEU A 339 -10.58 23.46 -31.42
CA LEU A 339 -9.81 23.52 -30.18
C LEU A 339 -10.39 24.57 -29.21
N GLY A 340 -11.49 25.21 -29.63
CA GLY A 340 -12.20 26.20 -28.84
C GLY A 340 -11.48 27.50 -28.56
N PHE A 341 -10.69 28.01 -29.51
CA PHE A 341 -10.04 29.31 -29.32
C PHE A 341 -11.10 30.39 -29.51
N THR A 342 -11.06 31.46 -28.68
CA THR A 342 -12.01 32.56 -28.80
C THR A 342 -11.65 33.37 -30.06
N THR A 343 -12.56 34.28 -30.48
CA THR A 343 -12.28 35.16 -31.64
C THR A 343 -11.11 36.08 -31.30
N GLU A 344 -11.07 36.56 -30.05
CA GLU A 344 -10.02 37.41 -29.52
C GLU A 344 -8.67 36.66 -29.61
N GLU A 345 -8.65 35.37 -29.20
CA GLU A 345 -7.44 34.54 -29.23
C GLU A 345 -6.91 34.34 -30.65
N LYS A 346 -7.81 34.01 -31.59
CA LYS A 346 -7.49 33.79 -33.00
C LYS A 346 -6.95 35.06 -33.61
N ASN A 347 -7.71 36.18 -33.50
CA ASN A 347 -7.27 37.45 -34.05
C ASN A 347 -6.00 37.98 -33.42
N SER A 348 -5.73 37.66 -32.13
CA SER A 348 -4.50 38.11 -31.48
C SER A 348 -3.29 37.47 -32.16
N MET A 349 -3.41 36.19 -32.55
CA MET A 349 -2.38 35.44 -33.25
C MET A 349 -2.25 35.97 -34.64
N TYR A 350 -3.37 36.26 -35.31
CA TYR A 350 -3.29 36.84 -36.66
C TYR A 350 -2.65 38.25 -36.66
N LYS A 351 -3.10 39.16 -35.78
CA LYS A 351 -2.56 40.50 -35.65
C LYS A 351 -1.05 40.45 -35.32
N LEU A 352 -0.61 39.52 -34.43
CA LEU A 352 0.83 39.42 -34.11
C LEU A 352 1.65 38.86 -35.27
N THR A 353 1.05 38.02 -36.14
CA THR A 353 1.72 37.49 -37.35
C THR A 353 1.94 38.64 -38.35
N GLY A 354 0.91 39.46 -38.52
CA GLY A 354 0.95 40.63 -39.38
C GLY A 354 1.97 41.63 -38.87
N ALA A 355 2.03 41.82 -37.53
CA ALA A 355 2.96 42.75 -36.89
C ALA A 355 4.39 42.33 -37.18
N ILE A 356 4.65 41.00 -37.13
CA ILE A 356 5.96 40.43 -37.46
C ILE A 356 6.31 40.78 -38.93
N MET A 357 5.34 40.62 -39.86
CA MET A 357 5.48 40.94 -41.28
C MET A 357 5.87 42.40 -41.51
N HIS A 358 5.26 43.34 -40.74
CA HIS A 358 5.53 44.77 -40.81
C HIS A 358 6.85 45.14 -40.18
N PHE A 359 7.26 44.40 -39.12
CA PHE A 359 8.51 44.65 -38.40
C PHE A 359 9.73 44.62 -39.35
N GLY A 360 9.78 43.69 -40.28
CA GLY A 360 10.89 43.61 -41.22
C GLY A 360 10.93 44.67 -42.29
N ASN A 361 9.80 45.38 -42.44
CA ASN A 361 9.73 46.47 -43.40
C ASN A 361 10.14 47.81 -42.77
N MET A 362 10.44 47.80 -41.45
CA MET A 362 10.93 48.98 -40.73
C MET A 362 12.37 49.22 -41.15
N LYS A 363 12.59 50.38 -41.80
CA LYS A 363 13.89 50.76 -42.34
C LYS A 363 14.56 51.82 -41.50
N PHE A 364 15.91 51.74 -41.43
CA PHE A 364 16.73 52.64 -40.63
C PHE A 364 17.88 53.24 -41.44
N LYS A 365 18.22 54.49 -41.12
CA LYS A 365 19.29 55.20 -41.78
C LYS A 365 20.18 55.84 -40.76
N LEU A 366 21.38 56.24 -41.17
CA LEU A 366 22.29 56.93 -40.26
C LEU A 366 21.98 58.42 -40.11
N LYS A 367 22.06 58.92 -38.86
CA LYS A 367 21.92 60.33 -38.54
C LYS A 367 23.09 61.06 -39.24
N GLN A 368 22.81 62.15 -39.99
CA GLN A 368 23.84 62.96 -40.69
C GLN A 368 24.99 63.36 -39.69
N ARG A 369 26.21 62.78 -39.92
CA ARG A 369 27.46 62.91 -39.13
C ARG A 369 27.31 62.24 -37.74
N GLU A 371 27.31 58.00 -36.08
CA GLU A 371 27.23 56.54 -36.23
C GLU A 371 26.04 55.98 -35.44
N GLN A 372 24.87 56.62 -35.60
CA GLN A 372 23.63 56.31 -34.90
C GLN A 372 22.50 56.19 -35.89
N ALA A 373 21.65 55.18 -35.67
CA ALA A 373 20.50 54.89 -36.48
C ALA A 373 19.35 55.78 -36.08
N GLU A 374 18.50 56.09 -37.05
CA GLU A 374 17.26 56.83 -36.92
C GLU A 374 16.27 56.23 -37.91
N PRO A 375 14.96 56.29 -37.68
CA PRO A 375 14.04 55.68 -38.65
C PRO A 375 14.03 56.31 -40.04
N ASP A 376 13.97 55.45 -41.06
CA ASP A 376 13.84 55.87 -42.46
C ASP A 376 12.32 55.73 -42.75
N GLY A 377 11.55 56.65 -42.17
CA GLY A 377 10.10 56.68 -42.25
C GLY A 377 9.47 55.96 -41.07
N THR A 378 8.14 56.04 -40.95
CA THR A 378 7.43 55.40 -39.82
C THR A 378 6.20 54.59 -40.21
N GLU A 379 5.80 54.57 -41.51
CA GLU A 379 4.55 53.93 -41.92
C GLU A 379 4.42 52.50 -41.42
N GLU A 380 5.45 51.65 -41.61
CA GLU A 380 5.44 50.25 -41.19
C GLU A 380 5.60 50.13 -39.70
N ALA A 381 6.28 51.08 -39.08
CA ALA A 381 6.43 51.08 -37.62
C ALA A 381 5.09 51.39 -36.95
N ASP A 382 4.29 52.30 -37.56
CA ASP A 382 2.95 52.69 -37.10
C ASP A 382 2.02 51.49 -37.17
N LYS A 383 2.08 50.75 -38.29
CA LYS A 383 1.28 49.53 -38.55
C LYS A 383 1.64 48.44 -37.55
N SER A 384 2.96 48.20 -37.34
CA SER A 384 3.45 47.23 -36.34
C SER A 384 2.98 47.60 -34.93
N ALA A 385 3.20 48.85 -34.50
CA ALA A 385 2.81 49.30 -33.17
C ALA A 385 1.30 49.27 -33.00
N TYR A 386 0.55 49.59 -34.05
CA TYR A 386 -0.89 49.55 -33.94
C TYR A 386 -1.36 48.13 -33.59
N LEU A 387 -0.88 47.12 -34.32
CA LEU A 387 -1.22 45.69 -34.13
C LEU A 387 -0.73 45.13 -32.79
N MET A 388 0.44 45.60 -32.32
CA MET A 388 1.07 45.16 -31.08
C MET A 388 0.68 45.94 -29.83
N GLY A 389 -0.26 46.87 -29.98
CA GLY A 389 -0.76 47.70 -28.87
C GLY A 389 0.33 48.52 -28.21
N LEU A 390 1.22 49.12 -29.03
CA LEU A 390 2.33 49.94 -28.57
C LEU A 390 2.24 51.33 -29.18
N ASN A 391 3.04 52.27 -28.64
CA ASN A 391 3.16 53.61 -29.18
C ASN A 391 4.33 53.51 -30.16
N SER A 392 4.10 53.81 -31.47
CA SER A 392 5.18 53.71 -32.45
C SER A 392 6.40 54.53 -32.09
N ALA A 393 6.21 55.74 -31.47
CA ALA A 393 7.33 56.60 -31.11
C ALA A 393 8.21 55.93 -30.07
N ASP A 394 7.60 55.32 -29.03
CA ASP A 394 8.31 54.60 -27.98
C ASP A 394 9.09 53.41 -28.55
N LEU A 395 8.51 52.72 -29.53
CA LEU A 395 9.15 51.58 -30.14
C LEU A 395 10.38 52.00 -30.96
N LEU A 396 10.26 53.04 -31.79
CA LEU A 396 11.37 53.51 -32.59
C LEU A 396 12.46 54.12 -31.69
N LYS A 397 12.06 54.87 -30.65
CA LYS A 397 12.97 55.46 -29.66
C LYS A 397 13.67 54.34 -28.89
N GLY A 398 12.95 53.24 -28.64
CA GLY A 398 13.42 52.07 -27.90
C GLY A 398 14.37 51.18 -28.65
N LEU A 399 14.25 51.16 -30.00
CA LEU A 399 15.11 50.37 -30.91
C LEU A 399 16.38 51.13 -31.15
N CYS A 400 16.28 52.47 -31.30
CA CYS A 400 17.45 53.30 -31.61
C CYS A 400 18.25 53.68 -30.40
N HIS A 401 17.58 53.98 -29.27
CA HIS A 401 18.21 54.43 -28.04
C HIS A 401 17.77 53.60 -26.84
N PRO A 402 18.23 52.32 -26.72
CA PRO A 402 17.82 51.48 -25.59
C PRO A 402 18.40 51.97 -24.26
N ARG A 403 17.61 51.85 -23.18
CA ARG A 403 18.00 52.24 -21.83
C ARG A 403 18.81 51.13 -21.19
N VAL A 404 19.93 51.52 -20.57
CA VAL A 404 20.82 50.62 -19.82
C VAL A 404 21.09 51.24 -18.42
N LYS A 405 20.86 50.48 -17.35
CA LYS A 405 21.02 50.97 -15.97
C LYS A 405 22.47 51.36 -15.62
N VAL A 406 22.63 52.53 -14.96
CA VAL A 406 23.90 53.07 -14.48
C VAL A 406 23.84 53.17 -12.92
N GLY A 407 23.47 52.04 -12.34
CA GLY A 407 23.31 51.86 -10.90
C GLY A 407 21.97 52.35 -10.39
N ASN A 408 21.92 53.64 -9.97
CA ASN A 408 20.74 54.30 -9.37
C ASN A 408 20.14 55.39 -10.29
N GLU A 409 20.17 55.12 -11.63
CA GLU A 409 19.71 55.99 -12.72
C GLU A 409 19.63 55.14 -13.99
N TYR A 410 19.19 55.72 -15.13
CA TYR A 410 19.12 55.01 -16.42
C TYR A 410 19.80 55.83 -17.52
N VAL A 411 20.80 55.23 -18.21
CA VAL A 411 21.53 55.89 -19.30
C VAL A 411 21.18 55.24 -20.65
N THR A 412 20.90 56.04 -21.67
CA THR A 412 20.60 55.47 -22.98
C THR A 412 21.88 55.16 -23.72
N LYS A 413 21.87 54.02 -24.36
CA LYS A 413 22.91 53.44 -25.19
C LYS A 413 22.69 53.94 -26.65
N GLY A 414 23.74 53.93 -27.45
CA GLY A 414 23.65 54.30 -28.85
C GLY A 414 23.51 53.04 -29.66
N GLN A 415 22.95 53.14 -30.88
CA GLN A 415 22.81 51.99 -31.77
C GLN A 415 23.04 52.40 -33.21
N ASN A 416 23.91 51.68 -33.94
CA ASN A 416 24.12 51.95 -35.35
C ASN A 416 22.99 51.24 -36.10
N VAL A 417 22.93 51.35 -37.44
CA VAL A 417 21.84 50.75 -38.21
C VAL A 417 21.84 49.19 -38.16
N GLN A 418 23.00 48.55 -38.27
CA GLN A 418 23.12 47.09 -38.23
C GLN A 418 22.64 46.51 -36.90
N GLN A 419 22.89 47.24 -35.81
CA GLN A 419 22.49 46.84 -34.46
C GLN A 419 20.99 46.89 -34.29
N VAL A 420 20.34 47.91 -34.90
CA VAL A 420 18.88 48.08 -34.82
C VAL A 420 18.23 47.00 -35.67
N VAL A 421 18.75 46.81 -36.89
CA VAL A 421 18.30 45.77 -37.82
C VAL A 421 18.38 44.39 -37.13
N TYR A 422 19.48 44.10 -36.40
CA TYR A 422 19.62 42.84 -35.68
C TYR A 422 18.53 42.72 -34.61
N ALA A 423 18.30 43.80 -33.86
CA ALA A 423 17.34 43.89 -32.76
C ALA A 423 15.92 43.63 -33.20
N LYS A 424 15.46 44.29 -34.31
CA LYS A 424 14.08 44.10 -34.78
C LYS A 424 13.84 42.67 -35.24
N GLY A 425 14.86 42.05 -35.81
CA GLY A 425 14.80 40.65 -36.22
C GLY A 425 14.62 39.72 -35.03
N ALA A 426 15.51 39.87 -34.01
CA ALA A 426 15.50 39.14 -32.74
C ALA A 426 14.16 39.25 -32.01
N LEU A 427 13.58 40.47 -31.96
CA LEU A 427 12.30 40.69 -31.28
C LEU A 427 11.19 39.98 -32.02
N ALA A 428 11.25 39.97 -33.39
CA ALA A 428 10.27 39.28 -34.24
C ALA A 428 10.31 37.76 -33.99
N LYS A 429 11.54 37.14 -33.95
CA LYS A 429 11.75 35.70 -33.66
C LYS A 429 11.20 35.40 -32.26
N ALA A 430 11.51 36.27 -31.26
CA ALA A 430 11.02 36.15 -29.88
C ALA A 430 9.50 36.16 -29.82
N VAL A 431 8.81 37.16 -30.42
CA VAL A 431 7.34 37.22 -30.45
C VAL A 431 6.76 35.94 -31.07
N TYR A 432 7.32 35.50 -32.23
CA TYR A 432 6.85 34.31 -32.94
C TYR A 432 6.99 33.03 -32.14
N GLU A 433 8.21 32.75 -31.61
CA GLU A 433 8.54 31.57 -30.80
C GLU A 433 7.66 31.51 -29.57
N ARG A 434 7.49 32.65 -28.88
CA ARG A 434 6.63 32.76 -27.69
C ARG A 434 5.13 32.58 -28.02
N MET A 435 4.67 33.08 -29.18
CA MET A 435 3.29 32.93 -29.63
C MET A 435 3.04 31.45 -29.97
N PHE A 436 4.09 30.71 -30.41
CA PHE A 436 3.98 29.27 -30.69
C PHE A 436 3.80 28.52 -29.39
N ASN A 437 4.63 28.83 -28.36
CA ASN A 437 4.56 28.21 -27.03
C ASN A 437 3.21 28.50 -26.36
N TRP A 438 2.64 29.69 -26.64
CA TRP A 438 1.34 30.10 -26.11
C TRP A 438 0.29 29.16 -26.67
N MET A 439 0.36 28.90 -27.96
CA MET A 439 -0.58 28.07 -28.67
C MET A 439 -0.52 26.61 -28.20
N VAL A 440 0.69 26.10 -27.86
CA VAL A 440 0.84 24.72 -27.38
C VAL A 440 0.21 24.59 -25.99
N THR A 441 0.49 25.58 -25.09
CA THR A 441 -0.05 25.66 -23.72
C THR A 441 -1.57 25.79 -23.80
N ARG A 442 -2.08 26.58 -24.76
CA ARG A 442 -3.52 26.75 -24.97
C ARG A 442 -4.21 25.46 -25.44
N ILE A 443 -3.57 24.70 -26.38
CA ILE A 443 -4.07 23.43 -26.92
C ILE A 443 -4.14 22.41 -25.76
N ASN A 444 -3.03 22.27 -25.01
CA ASN A 444 -2.89 21.39 -23.85
C ASN A 444 -4.00 21.63 -22.84
N ALA A 445 -4.40 22.91 -22.69
CA ALA A 445 -5.47 23.36 -21.81
C ALA A 445 -6.84 22.78 -22.24
N THR A 446 -7.11 22.71 -23.55
CA THR A 446 -8.35 22.15 -24.09
C THR A 446 -8.33 20.62 -23.98
N LEU A 447 -7.15 20.02 -24.25
CA LEU A 447 -6.92 18.59 -24.22
C LEU A 447 -6.89 17.99 -22.81
N GLU A 448 -6.66 18.82 -21.77
CA GLU A 448 -6.71 18.38 -20.35
C GLU A 448 -8.18 18.21 -19.88
N THR A 449 -8.55 16.96 -19.55
CA THR A 449 -9.90 16.63 -19.05
C THR A 449 -9.89 16.43 -17.53
N LYS A 450 -11.06 16.30 -16.92
CA LYS A 450 -11.12 16.06 -15.48
C LYS A 450 -10.95 14.54 -15.25
N GLN A 451 -11.03 13.76 -16.35
CA GLN A 451 -11.00 12.31 -16.43
C GLN A 451 -9.73 11.66 -15.92
N PRO A 452 -9.85 10.50 -15.22
CA PRO A 452 -8.65 9.85 -14.66
C PRO A 452 -7.82 9.07 -15.68
N ARG A 453 -6.50 9.11 -15.44
CA ARG A 453 -5.42 8.54 -16.25
C ARG A 453 -4.72 7.40 -15.54
N GLN A 454 -4.42 6.32 -16.24
CA GLN A 454 -3.64 5.27 -15.64
C GLN A 454 -2.31 5.20 -16.38
N TYR A 455 -2.39 5.15 -17.72
CA TYR A 455 -1.25 5.02 -18.61
C TYR A 455 -1.46 5.87 -19.83
N PHE A 456 -0.41 5.93 -20.68
CA PHE A 456 -0.40 6.65 -21.94
C PHE A 456 0.38 5.90 -22.98
N ILE A 457 0.19 6.30 -24.23
CA ILE A 457 0.90 5.81 -25.40
C ILE A 457 1.44 7.12 -25.99
N GLY A 458 2.73 7.35 -25.81
CA GLY A 458 3.40 8.54 -26.32
C GLY A 458 3.93 8.35 -27.73
N VAL A 459 3.66 9.30 -28.64
CA VAL A 459 4.13 9.27 -30.02
C VAL A 459 5.22 10.35 -30.20
N LEU A 460 6.40 9.99 -30.76
CA LEU A 460 7.49 10.93 -30.98
C LEU A 460 7.66 11.26 -32.44
N ASP A 461 7.45 12.54 -32.80
CA ASP A 461 7.63 13.06 -34.16
C ASP A 461 8.73 14.18 -34.17
N ILE A 462 9.94 13.78 -34.49
CA ILE A 462 11.06 14.73 -34.47
C ILE A 462 11.28 15.37 -35.84
N ALA A 463 12.02 16.48 -35.89
CA ALA A 463 12.39 17.12 -37.14
C ALA A 463 13.46 16.15 -37.70
N GLY A 464 13.22 15.63 -38.92
CA GLY A 464 14.09 14.66 -39.55
C GLY A 464 15.47 15.15 -39.97
N PHE A 465 16.38 14.17 -40.17
CA PHE A 465 17.74 14.42 -40.61
C PHE A 465 17.72 15.15 -41.95
N GLU A 466 18.43 16.31 -42.01
CA GLU A 466 18.51 17.14 -43.20
C GLU A 466 19.91 17.59 -43.50
N ILE A 467 20.23 17.70 -44.81
CA ILE A 467 21.49 18.25 -45.23
C ILE A 467 21.13 19.28 -46.31
N PHE A 468 21.51 20.55 -46.08
CA PHE A 468 21.28 21.65 -47.02
C PHE A 468 22.60 22.03 -47.68
N ASP A 469 22.59 23.00 -48.61
CA ASP A 469 23.86 23.49 -49.17
C ASP A 469 24.53 24.38 -48.10
N PHE A 470 23.67 24.89 -47.18
CA PHE A 470 24.04 25.69 -46.03
C PHE A 470 23.54 25.08 -44.72
N ASN A 471 24.45 24.52 -43.92
CA ASN A 471 24.12 23.92 -42.61
C ASN A 471 24.70 24.74 -41.47
N SER A 472 23.84 25.15 -40.55
CA SER A 472 24.21 25.93 -39.38
C SER A 472 23.75 25.22 -38.10
N PHE A 473 23.70 26.01 -37.01
CA PHE A 473 23.31 25.66 -35.65
C PHE A 473 21.98 24.93 -35.67
N GLU A 474 21.02 25.45 -36.46
CA GLU A 474 19.70 24.89 -36.67
C GLU A 474 19.78 23.42 -37.06
N GLN A 475 20.60 23.13 -38.08
CA GLN A 475 20.85 21.77 -38.58
C GLN A 475 21.57 20.90 -37.57
N LEU A 476 22.53 21.43 -36.79
CA LEU A 476 23.22 20.63 -35.77
C LEU A 476 22.22 20.16 -34.72
N CYS A 477 21.38 21.07 -34.20
CA CYS A 477 20.36 20.72 -33.21
C CYS A 477 19.43 19.63 -33.75
N ILE A 478 18.90 19.79 -35.01
CA ILE A 478 18.02 18.83 -35.70
C ILE A 478 18.67 17.47 -35.85
N ASN A 479 19.86 17.40 -36.46
CA ASN A 479 20.58 16.15 -36.71
C ASN A 479 21.07 15.47 -35.44
N PHE A 480 21.43 16.26 -34.40
CA PHE A 480 21.85 15.73 -33.09
C PHE A 480 20.72 14.86 -32.48
N THR A 481 19.45 15.35 -32.56
CA THR A 481 18.26 14.62 -32.11
C THR A 481 18.11 13.27 -32.85
N ASN A 482 18.27 13.26 -34.19
CA ASN A 482 18.21 12.06 -35.03
C ASN A 482 19.23 11.05 -34.62
N GLU A 483 20.49 11.51 -34.35
CA GLU A 483 21.62 10.71 -33.86
C GLU A 483 21.24 10.09 -32.53
N LYS A 484 20.75 10.95 -31.59
CA LYS A 484 20.32 10.54 -30.24
C LYS A 484 19.19 9.50 -30.27
N LEU A 485 18.22 9.64 -31.20
CA LEU A 485 17.10 8.70 -31.35
C LEU A 485 17.60 7.39 -31.97
N GLN A 486 18.49 7.46 -33.00
CA GLN A 486 19.06 6.26 -33.64
C GLN A 486 19.80 5.46 -32.60
N GLN A 487 20.57 6.11 -31.71
CA GLN A 487 21.28 5.43 -30.63
C GLN A 487 20.31 4.86 -29.58
N PHE A 488 19.10 5.47 -29.40
CA PHE A 488 18.08 4.91 -28.50
C PHE A 488 17.66 3.55 -29.06
N PHE A 489 17.47 3.46 -30.39
CA PHE A 489 17.13 2.22 -31.10
C PHE A 489 18.27 1.21 -30.93
N ASN A 490 19.52 1.62 -31.19
CA ASN A 490 20.71 0.75 -31.05
C ASN A 490 20.81 0.18 -29.63
N HIS A 491 20.73 1.05 -28.60
CA HIS A 491 20.85 0.65 -27.21
C HIS A 491 19.78 -0.35 -26.83
N HIS A 492 18.54 -0.05 -27.19
CA HIS A 492 17.42 -0.92 -26.90
C HIS A 492 17.55 -2.28 -27.55
N MET A 493 17.80 -2.30 -28.89
CA MET A 493 17.86 -3.49 -29.74
C MET A 493 19.06 -4.38 -29.56
N PHE A 494 20.24 -3.79 -29.41
CA PHE A 494 21.49 -4.55 -29.39
C PHE A 494 22.19 -4.58 -28.04
N VAL A 495 22.08 -3.52 -27.22
CA VAL A 495 22.74 -3.50 -25.94
C VAL A 495 21.88 -4.12 -24.84
N LEU A 496 20.72 -3.51 -24.51
CA LEU A 496 19.86 -4.04 -23.46
C LEU A 496 19.40 -5.44 -23.73
N GLU A 497 19.00 -5.68 -24.98
CA GLU A 497 18.52 -6.97 -25.42
C GLU A 497 19.47 -8.08 -24.99
N GLN A 498 20.75 -7.96 -25.40
CA GLN A 498 21.76 -8.96 -25.07
C GLN A 498 22.12 -8.98 -23.58
N GLU A 499 22.12 -7.81 -22.90
CA GLU A 499 22.40 -7.74 -21.46
C GLU A 499 21.34 -8.46 -20.67
N GLU A 500 20.09 -8.47 -21.17
CA GLU A 500 18.96 -9.16 -20.58
C GLU A 500 19.20 -10.66 -20.60
N TYR A 501 19.64 -11.19 -21.75
CA TYR A 501 19.91 -12.61 -21.89
C TYR A 501 20.94 -13.04 -20.86
N LYS A 502 22.03 -12.27 -20.70
CA LYS A 502 23.09 -12.61 -19.74
C LYS A 502 22.61 -12.49 -18.30
N LYS A 503 21.88 -11.39 -18.00
CA LYS A 503 21.29 -11.01 -16.71
C LYS A 503 20.40 -12.19 -16.17
N GLU A 504 19.63 -12.80 -17.08
CA GLU A 504 18.72 -13.90 -16.80
C GLU A 504 19.37 -15.29 -16.91
N GLY A 505 20.65 -15.32 -17.24
CA GLY A 505 21.41 -16.55 -17.33
C GLY A 505 21.07 -17.39 -18.54
N ILE A 506 20.56 -16.76 -19.60
CA ILE A 506 20.23 -17.42 -20.87
C ILE A 506 21.55 -17.55 -21.62
N GLU A 507 21.86 -18.77 -22.08
CA GLU A 507 23.08 -19.10 -22.82
C GLU A 507 23.12 -18.27 -24.08
N TRP A 508 24.05 -17.30 -24.08
CA TRP A 508 24.19 -16.35 -25.16
C TRP A 508 25.63 -15.94 -25.40
N GLU A 509 25.98 -15.73 -26.69
CA GLU A 509 27.26 -15.28 -27.24
C GLU A 509 27.06 -13.80 -27.57
N PHE A 510 27.80 -12.89 -26.94
CA PHE A 510 27.56 -11.50 -27.30
C PHE A 510 27.93 -11.23 -28.78
N ILE A 511 27.10 -10.47 -29.50
CA ILE A 511 27.25 -10.11 -30.90
C ILE A 511 27.47 -8.59 -31.06
N ASP A 512 28.55 -8.22 -31.73
CA ASP A 512 28.83 -6.82 -32.01
C ASP A 512 28.19 -6.51 -33.38
N PHE A 513 27.02 -5.84 -33.36
CA PHE A 513 26.31 -5.46 -34.58
C PHE A 513 26.90 -4.20 -35.25
N GLY A 514 27.87 -3.58 -34.58
CA GLY A 514 28.53 -2.37 -35.03
C GLY A 514 27.57 -1.21 -35.10
N MET A 515 26.62 -1.17 -34.12
CA MET A 515 25.62 -0.14 -33.98
C MET A 515 25.88 0.55 -32.63
N ASP A 516 26.78 1.53 -32.66
CA ASP A 516 27.17 2.35 -31.51
C ASP A 516 27.57 3.70 -32.06
N LEU A 517 26.83 4.76 -31.68
CA LEU A 517 27.06 6.14 -32.11
C LEU A 517 27.51 6.99 -30.94
N GLN A 518 27.93 6.37 -29.83
CA GLN A 518 28.35 7.11 -28.65
C GLN A 518 29.48 8.03 -28.97
N ALA A 519 30.38 7.59 -29.85
CA ALA A 519 31.51 8.42 -30.24
C ALA A 519 31.06 9.80 -30.71
N CYS A 520 30.11 9.82 -31.66
CA CYS A 520 29.58 11.02 -32.24
C CYS A 520 28.80 11.83 -31.24
N ILE A 521 27.82 11.20 -30.57
CA ILE A 521 27.01 11.85 -29.55
C ILE A 521 27.90 12.58 -28.53
N ASP A 522 28.99 11.93 -28.13
CA ASP A 522 29.95 12.48 -27.18
C ASP A 522 30.63 13.74 -27.74
N LEU A 523 31.01 13.71 -29.04
CA LEU A 523 31.60 14.87 -29.73
C LEU A 523 30.63 16.09 -29.65
N ILE A 524 29.31 15.85 -29.62
CA ILE A 524 28.33 16.91 -29.57
C ILE A 524 28.00 17.30 -28.14
N GLU A 525 27.42 16.40 -27.33
CA GLU A 525 26.92 16.74 -25.99
C GLU A 525 27.89 16.70 -24.80
N LYS A 526 28.91 15.81 -24.80
CA LYS A 526 29.79 15.68 -23.62
C LYS A 526 30.64 16.93 -23.38
N PRO A 527 31.19 17.13 -22.13
CA PRO A 527 32.01 18.32 -21.87
C PRO A 527 33.20 18.36 -22.80
N MET A 528 33.54 19.59 -23.23
CA MET A 528 34.58 19.91 -24.21
C MET A 528 34.14 19.55 -25.64
N GLY A 529 32.87 19.12 -25.80
CA GLY A 529 32.24 18.81 -27.08
C GLY A 529 31.85 20.08 -27.81
N ILE A 530 31.30 19.96 -29.02
CA ILE A 530 30.89 21.12 -29.81
C ILE A 530 30.00 22.07 -29.01
N MET A 531 28.90 21.54 -28.41
CA MET A 531 27.97 22.34 -27.61
C MET A 531 28.64 22.91 -26.39
N SER A 532 29.49 22.11 -25.70
CA SER A 532 30.19 22.58 -24.51
C SER A 532 31.12 23.75 -24.82
N ILE A 533 31.93 23.61 -25.89
CA ILE A 533 32.85 24.66 -26.34
C ILE A 533 32.07 25.94 -26.65
N LEU A 534 30.92 25.82 -27.37
CA LEU A 534 30.01 26.93 -27.70
C LEU A 534 29.47 27.61 -26.43
N GLU A 535 29.03 26.83 -25.45
CA GLU A 535 28.49 27.32 -24.21
C GLU A 535 29.51 28.03 -23.34
N GLU A 536 30.77 27.54 -23.37
CA GLU A 536 31.91 28.10 -22.65
C GLU A 536 32.26 29.45 -23.31
N GLU A 537 32.27 29.49 -24.65
CA GLU A 537 32.59 30.69 -25.43
C GLU A 537 31.57 31.81 -25.25
N CYS A 538 30.31 31.46 -24.94
CA CYS A 538 29.23 32.42 -24.67
C CYS A 538 29.50 33.28 -23.42
N MET A 539 30.29 32.72 -22.47
CA MET A 539 30.69 33.37 -21.23
C MET A 539 31.66 34.56 -21.44
N PHE A 540 32.55 34.46 -22.43
CA PHE A 540 33.53 35.48 -22.76
C PHE A 540 32.96 36.50 -23.76
N PRO A 541 32.95 37.81 -23.42
CA PRO A 541 32.34 38.80 -24.34
C PRO A 541 33.27 39.18 -25.50
N LYS A 542 34.61 39.00 -25.29
CA LYS A 542 35.64 39.23 -26.29
C LYS A 542 35.60 38.15 -27.39
N ALA A 543 34.98 36.97 -27.09
CA ALA A 543 34.86 35.83 -28.00
C ALA A 543 34.18 36.13 -29.32
N THR A 544 34.72 35.56 -30.41
CA THR A 544 34.19 35.70 -31.78
C THR A 544 33.92 34.34 -32.43
N ASP A 545 33.34 34.36 -33.64
CA ASP A 545 33.05 33.17 -34.42
C ASP A 545 34.37 32.45 -34.72
N MET A 546 35.44 33.20 -34.98
CA MET A 546 36.72 32.59 -35.26
C MET A 546 37.41 32.03 -34.00
N THR A 547 37.19 32.64 -32.82
CA THR A 547 37.79 32.11 -31.59
C THR A 547 37.15 30.77 -31.26
N PHE A 548 35.82 30.64 -31.50
CA PHE A 548 35.04 29.42 -31.30
C PHE A 548 35.53 28.34 -32.28
N ALA A 550 38.38 28.14 -33.78
CA ALA A 550 39.72 27.83 -33.30
C ALA A 550 39.67 26.81 -32.17
N LYS A 551 38.79 27.02 -31.15
CA LYS A 551 38.67 26.11 -30.01
C LYS A 551 38.23 24.73 -30.43
N LEU A 552 37.20 24.66 -31.32
CA LEU A 552 36.67 23.41 -31.86
C LEU A 552 37.82 22.61 -32.48
N PHE A 553 38.52 23.22 -33.45
CA PHE A 553 39.63 22.60 -34.17
C PHE A 553 40.73 22.11 -33.26
N ASP A 554 41.15 22.95 -32.30
CA ASP A 554 42.21 22.61 -31.35
C ASP A 554 41.88 21.33 -30.59
N ASN A 555 40.68 21.29 -30.00
CA ASN A 555 40.20 20.20 -29.18
C ASN A 555 39.81 18.93 -29.92
N HIS A 556 39.43 19.02 -31.23
CA HIS A 556 38.92 17.83 -31.93
C HIS A 556 39.57 17.42 -33.23
N LEU A 557 40.22 18.33 -34.00
CA LEU A 557 40.84 17.87 -35.24
C LEU A 557 42.00 16.96 -34.94
N GLY A 558 41.88 15.74 -35.45
CA GLY A 558 42.84 14.66 -35.25
C GLY A 558 42.74 14.01 -33.89
N LYS A 559 41.65 14.27 -33.15
CA LYS A 559 41.43 13.75 -31.80
C LYS A 559 40.11 13.01 -31.70
N SER A 560 39.02 13.61 -32.23
CA SER A 560 37.69 13.01 -32.28
C SER A 560 37.44 12.60 -33.72
N SER A 561 37.40 11.27 -33.98
CA SER A 561 37.23 10.61 -35.28
C SER A 561 36.08 11.17 -36.15
N ASN A 562 34.99 11.60 -35.49
CA ASN A 562 33.79 12.16 -36.11
C ASN A 562 33.89 13.61 -36.56
N PHE A 563 34.90 14.38 -36.06
CA PHE A 563 35.13 15.80 -36.40
C PHE A 563 36.19 15.88 -37.47
N GLN A 564 35.80 16.38 -38.64
CA GLN A 564 36.71 16.49 -39.78
C GLN A 564 36.78 17.93 -40.34
N LYS A 565 37.76 18.19 -41.24
CA LYS A 565 37.91 19.47 -41.93
C LYS A 565 36.70 19.65 -42.87
N PRO A 566 36.24 20.87 -43.23
CA PRO A 566 35.09 20.97 -44.12
C PRO A 566 35.45 20.53 -45.53
N ARG A 567 34.48 19.92 -46.24
CA ARG A 567 34.65 19.39 -47.59
C ARG A 567 33.99 20.37 -48.53
N ASN A 568 34.55 21.59 -48.60
CA ASN A 568 34.04 22.69 -49.40
C ASN A 568 34.13 22.47 -50.91
N ILE A 569 33.12 22.96 -51.64
CA ILE A 569 32.97 22.90 -53.09
C ILE A 569 32.84 24.33 -53.64
N LYS A 570 33.38 24.55 -54.88
CA LYS A 570 33.38 25.80 -55.64
C LYS A 570 31.92 26.18 -55.94
N GLY A 571 31.53 27.41 -55.57
CA GLY A 571 30.18 27.93 -55.77
C GLY A 571 29.23 27.65 -54.61
N LYS A 572 29.36 26.43 -54.00
CA LYS A 572 28.62 25.97 -52.83
C LYS A 572 29.11 26.68 -51.54
N PRO A 573 28.16 27.10 -50.64
CA PRO A 573 28.53 27.87 -49.42
C PRO A 573 29.71 27.41 -48.58
N GLU A 574 30.31 28.35 -47.80
CA GLU A 574 31.45 28.05 -46.92
C GLU A 574 31.05 27.23 -45.72
N ALA A 575 31.91 26.30 -45.33
CA ALA A 575 31.73 25.46 -44.14
C ALA A 575 33.01 25.53 -43.35
N HIS A 576 32.94 25.30 -42.03
CA HIS A 576 34.08 25.40 -41.13
C HIS A 576 34.57 24.05 -40.64
N PHE A 577 33.68 23.05 -40.52
CA PHE A 577 34.02 21.67 -40.18
C PHE A 577 32.99 20.75 -40.78
N SER A 578 33.28 19.45 -40.75
CA SER A 578 32.43 18.41 -41.28
C SER A 578 32.27 17.43 -40.17
N LEU A 579 31.03 17.04 -39.87
CA LEU A 579 30.72 16.08 -38.81
C LEU A 579 30.21 14.79 -39.43
N ILE A 580 30.83 13.66 -39.08
CA ILE A 580 30.36 12.36 -39.61
C ILE A 580 29.21 11.87 -38.78
N HIS A 581 27.98 12.20 -39.19
CA HIS A 581 26.75 11.75 -38.52
C HIS A 581 26.44 10.33 -38.96
N TYR A 582 25.52 9.65 -38.28
CA TYR A 582 25.05 8.31 -38.62
C TYR A 582 24.48 8.24 -40.05
N ALA A 583 23.69 9.26 -40.46
CA ALA A 583 23.01 9.30 -41.76
C ALA A 583 23.78 10.00 -42.87
N GLY A 584 25.01 10.41 -42.56
CA GLY A 584 25.89 11.06 -43.51
C GLY A 584 26.75 12.16 -42.93
N THR A 585 27.82 12.53 -43.66
CA THR A 585 28.72 13.60 -43.26
C THR A 585 28.11 14.95 -43.62
N VAL A 586 28.02 15.85 -42.63
CA VAL A 586 27.41 17.17 -42.81
C VAL A 586 28.45 18.25 -42.61
N ASP A 587 28.56 19.17 -43.59
CA ASP A 587 29.48 20.31 -43.52
C ASP A 587 28.78 21.51 -42.81
N TYR A 588 29.25 21.83 -41.59
CA TYR A 588 28.67 22.90 -40.78
C TYR A 588 29.36 24.25 -40.95
N ASN A 589 28.56 25.33 -40.86
CA ASN A 589 29.02 26.70 -40.93
C ASN A 589 28.75 27.26 -39.53
N ILE A 590 29.84 27.69 -38.82
CA ILE A 590 29.79 28.13 -37.42
C ILE A 590 29.53 29.63 -37.28
N ILE A 591 29.30 30.38 -38.41
CA ILE A 591 29.04 31.82 -38.32
C ILE A 591 27.74 32.10 -37.56
N GLY A 592 27.87 32.97 -36.58
CA GLY A 592 26.79 33.45 -35.71
C GLY A 592 26.18 32.51 -34.68
N TRP A 593 26.90 31.42 -34.29
CA TRP A 593 26.40 30.44 -33.30
C TRP A 593 26.35 31.05 -31.92
N LEU A 594 27.31 31.93 -31.61
CA LEU A 594 27.36 32.63 -30.34
C LEU A 594 26.13 33.53 -30.14
N GLN A 595 25.78 34.39 -31.15
CA GLN A 595 24.58 35.23 -31.02
C GLN A 595 23.36 34.33 -30.90
N LYS A 596 23.26 33.28 -31.77
CA LYS A 596 22.20 32.26 -31.79
C LYS A 596 21.97 31.60 -30.44
N ASN A 597 23.07 31.26 -29.73
CA ASN A 597 23.03 30.58 -28.46
C ASN A 597 22.61 31.48 -27.30
N LYS A 598 23.17 32.71 -27.23
CA LYS A 598 22.85 33.66 -26.16
C LYS A 598 21.46 34.29 -26.39
N ASP A 599 21.04 34.43 -27.66
CA ASP A 599 19.79 35.04 -28.13
C ASP A 599 19.48 36.36 -27.37
N PRO A 600 20.35 37.40 -27.50
CA PRO A 600 20.10 38.64 -26.75
C PRO A 600 18.94 39.44 -27.33
N LEU A 601 18.12 40.03 -26.44
CA LEU A 601 16.98 40.88 -26.83
C LEU A 601 17.08 42.33 -26.30
N ASN A 602 16.55 43.32 -27.08
CA ASN A 602 16.54 44.74 -26.66
C ASN A 602 15.48 44.80 -25.58
N GLU A 603 15.92 44.75 -24.32
CA GLU A 603 15.06 44.72 -23.13
C GLU A 603 14.16 45.97 -22.96
N THR A 604 14.56 47.15 -23.51
CA THR A 604 13.73 48.37 -23.47
C THR A 604 12.44 48.15 -24.29
N VAL A 605 12.57 47.45 -25.46
CA VAL A 605 11.43 47.14 -26.34
C VAL A 605 10.60 46.04 -25.70
N VAL A 606 11.28 45.01 -25.12
CA VAL A 606 10.58 43.92 -24.44
C VAL A 606 9.76 44.50 -23.29
N ASP A 607 10.19 45.67 -22.76
CA ASP A 607 9.43 46.32 -21.70
C ASP A 607 8.13 46.92 -22.19
N LEU A 608 8.15 47.51 -23.40
CA LEU A 608 6.99 48.07 -24.06
C LEU A 608 6.01 46.93 -24.39
N TYR A 609 6.55 45.72 -24.71
CA TYR A 609 5.77 44.51 -24.98
C TYR A 609 5.00 44.09 -23.73
N LYS A 610 5.61 44.19 -22.54
CA LYS A 610 4.98 43.84 -21.27
C LYS A 610 3.84 44.82 -20.96
N LYS A 611 4.04 46.09 -21.31
CA LYS A 611 3.07 47.17 -21.07
C LYS A 611 2.10 47.33 -22.26
N SER A 612 2.01 46.31 -23.15
CA SER A 612 1.15 46.33 -24.33
C SER A 612 -0.31 46.38 -23.98
N SER A 613 -1.09 46.99 -24.88
CA SER A 613 -2.54 47.08 -24.75
C SER A 613 -3.20 45.80 -25.34
N LEU A 614 -2.43 44.97 -26.10
CA LEU A 614 -2.86 43.67 -26.67
C LEU A 614 -2.61 42.66 -25.58
N LYS A 615 -3.69 42.13 -24.99
CA LYS A 615 -3.61 41.21 -23.87
C LYS A 615 -2.62 40.09 -24.22
N MET A 616 -2.79 39.46 -25.39
CA MET A 616 -1.87 38.40 -25.85
C MET A 616 -0.34 38.75 -25.76
N LEU A 617 0.10 39.92 -26.27
CA LEU A 617 1.52 40.27 -26.29
C LEU A 617 2.14 40.39 -24.90
N SER A 618 1.51 41.18 -23.96
CA SER A 618 2.03 41.36 -22.59
C SER A 618 2.22 40.03 -21.88
N SER A 619 1.29 39.05 -22.10
CA SER A 619 1.35 37.71 -21.54
C SER A 619 2.60 36.93 -22.02
N LEU A 620 2.96 37.07 -23.33
CA LEU A 620 4.13 36.41 -23.91
C LEU A 620 5.45 36.86 -23.25
N PHE A 621 5.54 38.13 -22.85
CA PHE A 621 6.77 38.64 -22.28
C PHE A 621 6.71 38.96 -20.76
N ALA A 622 5.58 38.71 -20.06
CA ALA A 622 5.45 39.05 -18.61
C ALA A 622 6.63 38.47 -17.81
N ASN A 623 6.80 37.16 -17.93
CA ASN A 623 7.82 36.33 -17.34
C ASN A 623 9.27 36.67 -17.73
N TYR A 624 9.48 37.25 -18.96
CA TYR A 624 10.76 37.50 -19.62
C TYR A 624 11.94 37.77 -18.72
N ALA A 625 12.97 36.94 -18.98
CA ALA A 625 14.33 36.87 -18.47
C ALA A 625 15.05 35.80 -19.32
N GLY A 626 16.33 36.04 -19.56
CA GLY A 626 17.22 35.18 -20.34
C GLY A 626 18.58 35.83 -20.44
N PHE A 627 19.67 35.05 -20.39
CA PHE A 627 21.00 35.65 -20.49
C PHE A 627 21.95 34.83 -21.38
N ASP A 628 23.17 34.53 -20.91
CA ASP A 628 24.21 33.83 -21.66
C ASP A 628 24.99 32.84 -20.79
N SER A 643 20.18 34.72 -15.47
CA SER A 643 19.77 33.45 -16.07
C SER A 643 20.97 32.56 -16.36
N PHE A 644 21.84 33.00 -17.31
CA PHE A 644 23.02 32.28 -17.79
C PHE A 644 22.69 30.96 -18.54
N GLN A 645 21.46 30.81 -19.12
CA GLN A 645 21.05 29.61 -19.87
C GLN A 645 21.02 29.83 -21.38
N THR A 646 21.73 28.95 -22.11
CA THR A 646 21.83 28.96 -23.57
C THR A 646 20.87 28.01 -24.23
N VAL A 647 20.64 28.22 -25.54
CA VAL A 647 19.79 27.43 -26.40
C VAL A 647 20.27 25.96 -26.44
N SER A 648 21.60 25.76 -26.67
CA SER A 648 22.19 24.41 -26.75
C SER A 648 22.06 23.70 -25.42
N ALA A 649 22.34 24.41 -24.30
CA ALA A 649 22.27 23.88 -22.94
C ALA A 649 20.87 23.40 -22.60
N LEU A 650 19.86 24.18 -22.97
CA LEU A 650 18.48 23.84 -22.73
C LEU A 650 18.02 22.67 -23.65
N HIS A 651 18.51 22.67 -24.90
CA HIS A 651 18.22 21.62 -25.89
C HIS A 651 18.78 20.25 -25.40
N ARG A 652 20.07 20.21 -24.93
CA ARG A 652 20.70 18.98 -24.40
C ARG A 652 19.92 18.49 -23.20
N GLU A 653 19.51 19.41 -22.32
CA GLU A 653 18.75 19.14 -21.11
C GLU A 653 17.41 18.49 -21.43
N ASN A 654 16.61 19.09 -22.35
CA ASN A 654 15.28 18.60 -22.75
C ASN A 654 15.36 17.28 -23.45
N LEU A 655 16.43 17.09 -24.25
CA LEU A 655 16.66 15.86 -24.99
C LEU A 655 16.98 14.68 -24.09
N ASN A 656 17.75 14.90 -23.03
CA ASN A 656 18.09 13.85 -22.07
C ASN A 656 16.88 13.48 -21.21
N LYS A 657 16.03 14.47 -20.88
CA LYS A 657 14.78 14.33 -20.14
C LYS A 657 13.86 13.43 -20.99
N LEU A 658 13.79 13.68 -22.31
CA LEU A 658 12.99 12.89 -23.24
C LEU A 658 13.47 11.44 -23.25
N MET A 659 14.78 11.26 -23.48
CA MET A 659 15.44 9.96 -23.59
C MET A 659 15.30 9.11 -22.34
N THR A 660 15.47 9.70 -21.14
CA THR A 660 15.32 8.91 -19.90
C THR A 660 13.85 8.58 -19.64
N ASN A 661 12.91 9.46 -20.04
CA ASN A 661 11.47 9.18 -19.91
C ASN A 661 11.07 8.08 -20.87
N LEU A 662 11.69 8.06 -22.08
CA LEU A 662 11.42 7.01 -23.09
C LEU A 662 11.97 5.66 -22.64
N ARG A 663 13.01 5.68 -21.79
CA ARG A 663 13.66 4.49 -21.23
C ARG A 663 12.72 3.76 -20.29
N SER A 664 11.76 4.49 -19.71
CA SER A 664 10.76 3.90 -18.83
C SER A 664 9.42 3.60 -19.57
N THR A 665 9.48 3.41 -20.89
CA THR A 665 8.33 3.07 -21.70
C THR A 665 8.71 1.86 -22.53
N HIS A 666 7.69 1.12 -22.99
CA HIS A 666 7.86 -0.01 -23.87
C HIS A 666 7.92 0.63 -25.28
N PRO A 667 9.10 0.73 -25.95
CA PRO A 667 9.11 1.39 -27.26
C PRO A 667 8.70 0.48 -28.40
N HIS A 668 8.10 1.10 -29.42
CA HIS A 668 7.71 0.45 -30.67
C HIS A 668 8.26 1.36 -31.78
N PHE A 669 9.19 0.82 -32.59
CA PHE A 669 9.85 1.61 -33.63
C PHE A 669 9.18 1.51 -34.98
N VAL A 670 8.97 2.67 -35.66
CA VAL A 670 8.43 2.75 -37.04
C VAL A 670 9.53 3.46 -37.84
N ARG A 671 10.08 2.78 -38.84
CA ARG A 671 11.19 3.30 -39.61
C ARG A 671 10.72 3.72 -40.98
N CYS A 672 10.65 5.04 -41.17
CA CYS A 672 10.19 5.61 -42.43
C CYS A 672 11.34 5.78 -43.38
N ILE A 673 11.17 5.24 -44.59
CA ILE A 673 12.14 5.27 -45.67
C ILE A 673 11.61 6.17 -46.76
N ILE A 674 12.42 7.11 -47.20
CA ILE A 674 12.11 7.98 -48.34
C ILE A 674 12.56 7.20 -49.62
N PRO A 675 11.65 6.97 -50.61
CA PRO A 675 12.07 6.17 -51.78
C PRO A 675 12.97 6.85 -52.82
N ASN A 676 12.74 8.15 -53.07
CA ASN A 676 13.47 8.94 -54.06
C ASN A 676 13.51 10.43 -53.70
N GLU A 677 14.42 11.18 -54.33
CA GLU A 677 14.59 12.62 -54.08
C GLU A 677 13.71 13.51 -54.97
N THR A 678 12.80 12.91 -55.78
CA THR A 678 11.93 13.66 -56.70
C THR A 678 10.44 13.62 -56.33
N LYS A 679 10.09 13.20 -55.08
CA LYS A 679 8.70 13.11 -54.61
C LYS A 679 7.78 12.33 -55.61
N SER A 680 8.35 11.35 -56.31
CA SER A 680 7.73 10.53 -57.34
C SER A 680 7.08 9.29 -56.76
N PRO A 681 5.74 9.10 -56.91
CA PRO A 681 5.13 7.88 -56.38
C PRO A 681 5.58 6.60 -57.08
N GLY A 682 5.74 5.55 -56.27
CA GLY A 682 6.10 4.22 -56.75
C GLY A 682 7.50 4.02 -57.25
N VAL A 683 8.36 5.05 -57.20
CA VAL A 683 9.74 4.97 -57.68
C VAL A 683 10.75 4.79 -56.54
N ILE A 684 11.52 3.68 -56.58
CA ILE A 684 12.54 3.38 -55.58
C ILE A 684 13.90 3.72 -56.18
N ASP A 685 14.74 4.42 -55.43
CA ASP A 685 16.14 4.74 -55.78
C ASP A 685 16.90 3.73 -54.94
N ASN A 686 17.32 2.63 -55.56
CA ASN A 686 18.01 1.52 -54.88
C ASN A 686 19.15 2.00 -53.94
N PRO A 687 20.14 2.84 -54.34
CA PRO A 687 21.16 3.28 -53.38
C PRO A 687 20.65 4.11 -52.21
N LEU A 688 19.60 4.92 -52.42
CA LEU A 688 19.02 5.78 -51.38
C LEU A 688 18.25 4.97 -50.35
N VAL A 689 17.45 3.98 -50.80
CA VAL A 689 16.69 3.09 -49.90
C VAL A 689 17.69 2.25 -49.08
N MET A 690 18.75 1.78 -49.76
CA MET A 690 19.80 1.00 -49.15
C MET A 690 20.59 1.76 -48.08
N HIS A 691 20.93 3.04 -48.34
CA HIS A 691 21.66 3.84 -47.36
C HIS A 691 20.87 4.02 -46.05
N GLN A 692 19.54 4.12 -46.19
CA GLN A 692 18.61 4.28 -45.09
C GLN A 692 18.49 2.98 -44.29
N LEU A 693 18.35 1.84 -44.97
CA LEU A 693 18.25 0.55 -44.30
C LEU A 693 19.52 0.19 -43.55
N ARG A 694 20.67 0.74 -44.02
CA ARG A 694 21.98 0.51 -43.42
C ARG A 694 22.19 1.33 -42.19
N CYS A 695 22.03 2.66 -42.28
CA CYS A 695 22.26 3.54 -41.14
C CYS A 695 21.20 3.44 -40.06
N ASN A 696 20.05 2.84 -40.37
CA ASN A 696 18.99 2.60 -39.39
C ASN A 696 19.29 1.25 -38.71
N GLY A 697 19.97 0.36 -39.40
CA GLY A 697 20.29 -0.94 -38.84
C GLY A 697 19.08 -1.84 -38.82
N VAL A 698 18.29 -1.77 -39.90
CA VAL A 698 17.11 -2.59 -40.12
C VAL A 698 17.55 -4.06 -40.17
N LEU A 699 18.58 -4.40 -40.97
CA LEU A 699 19.03 -5.78 -41.07
C LEU A 699 19.51 -6.33 -39.74
N GLU A 700 20.33 -5.56 -39.02
CA GLU A 700 20.84 -5.90 -37.67
C GLU A 700 19.68 -6.15 -36.69
N GLY A 701 18.67 -5.28 -36.73
CA GLY A 701 17.49 -5.38 -35.87
C GLY A 701 16.67 -6.63 -36.15
N ILE A 702 16.66 -7.12 -37.43
CA ILE A 702 15.94 -8.34 -37.84
C ILE A 702 16.76 -9.55 -37.34
N ARG A 703 18.10 -9.45 -37.43
CA ARG A 703 19.03 -10.48 -37.01
C ARG A 703 18.92 -10.78 -35.54
N ILE A 704 18.77 -9.74 -34.68
CA ILE A 704 18.68 -9.96 -33.24
C ILE A 704 17.35 -10.63 -32.89
N CYS A 705 16.25 -10.32 -33.64
N CYS A 705 16.26 -10.30 -33.60
CA CYS A 705 14.93 -10.92 -33.46
CA CYS A 705 14.95 -10.92 -33.33
C CYS A 705 15.03 -12.41 -33.73
C CYS A 705 14.91 -12.39 -33.80
N ARG A 706 15.72 -12.76 -34.84
CA ARG A 706 15.90 -14.12 -35.36
C ARG A 706 16.81 -14.93 -34.46
N LYS A 707 18.03 -14.40 -34.22
CA LYS A 707 19.04 -15.05 -33.41
C LYS A 707 18.70 -15.10 -31.89
N GLY A 708 18.04 -14.08 -31.34
CA GLY A 708 17.73 -14.05 -29.92
C GLY A 708 16.38 -14.57 -29.48
N PHE A 709 15.84 -13.99 -28.39
CA PHE A 709 14.57 -14.30 -27.73
C PHE A 709 13.86 -12.97 -27.58
N PRO A 710 13.08 -12.56 -28.62
CA PRO A 710 12.47 -11.22 -28.59
C PRO A 710 11.38 -10.99 -27.55
N ASN A 711 10.71 -12.07 -27.10
CA ASN A 711 9.63 -12.03 -26.12
C ASN A 711 10.05 -12.78 -24.87
N ARG A 712 9.61 -12.29 -23.70
CA ARG A 712 9.95 -12.85 -22.41
C ARG A 712 8.91 -12.41 -21.37
N ILE A 713 8.56 -13.30 -20.41
CA ILE A 713 7.53 -13.08 -19.40
C ILE A 713 7.98 -13.67 -18.06
N LEU A 714 7.77 -12.91 -16.96
CA LEU A 714 8.05 -13.28 -15.56
C LEU A 714 7.25 -14.53 -15.18
N TYR A 715 7.82 -15.46 -14.43
CA TYR A 715 7.12 -16.73 -14.20
C TYR A 715 5.71 -16.57 -13.63
N GLY A 716 5.55 -15.62 -12.71
CA GLY A 716 4.28 -15.29 -12.06
C GLY A 716 3.23 -14.85 -13.05
N ASP A 717 3.63 -14.03 -14.02
CA ASP A 717 2.78 -13.54 -15.10
C ASP A 717 2.51 -14.65 -16.11
N PHE A 718 3.48 -15.58 -16.36
CA PHE A 718 3.30 -16.68 -17.31
C PHE A 718 2.27 -17.67 -16.81
N ARG A 719 2.39 -18.08 -15.53
CA ARG A 719 1.55 -19.02 -14.80
C ARG A 719 0.14 -18.46 -14.86
N GLN A 720 -0.03 -17.17 -14.54
CA GLN A 720 -1.30 -16.46 -14.52
C GLN A 720 -2.04 -16.52 -15.83
N ARG A 721 -1.41 -16.05 -16.90
CA ARG A 721 -1.96 -15.99 -18.24
C ARG A 721 -2.17 -17.30 -18.97
N TYR A 722 -1.25 -18.28 -18.84
CA TYR A 722 -1.36 -19.50 -19.63
C TYR A 722 -1.72 -20.77 -18.86
N ARG A 723 -2.08 -20.66 -17.57
CA ARG A 723 -2.52 -21.87 -16.86
C ARG A 723 -3.73 -22.45 -17.61
N ILE A 724 -4.60 -21.55 -18.17
CA ILE A 724 -5.80 -21.85 -18.96
C ILE A 724 -5.53 -22.87 -20.06
N LEU A 725 -4.32 -22.79 -20.70
CA LEU A 725 -3.91 -23.67 -21.80
C LEU A 725 -3.92 -25.17 -21.45
N ASN A 726 -3.65 -25.49 -20.17
CA ASN A 726 -3.69 -26.84 -19.59
C ASN A 726 -3.59 -26.79 -18.03
N PRO A 727 -4.67 -26.45 -17.30
CA PRO A 727 -4.60 -26.41 -15.83
C PRO A 727 -4.02 -27.64 -15.13
N ALA A 728 -4.19 -28.86 -15.68
CA ALA A 728 -3.64 -30.09 -15.12
C ALA A 728 -2.09 -30.10 -14.92
N ALA A 729 -1.36 -29.31 -15.72
CA ALA A 729 0.09 -29.20 -15.60
C ALA A 729 0.47 -28.46 -14.33
N ILE A 730 -0.39 -27.52 -13.88
CA ILE A 730 -0.18 -26.72 -12.67
C ILE A 730 -1.37 -26.97 -11.70
N PRO A 731 -1.40 -28.14 -10.98
CA PRO A 731 -2.54 -28.44 -10.09
C PRO A 731 -2.78 -27.43 -8.99
N GLU A 732 -4.05 -27.19 -8.68
CA GLU A 732 -4.48 -26.16 -7.75
C GLU A 732 -4.16 -26.43 -6.25
N GLY A 733 -4.08 -27.70 -5.83
CA GLY A 733 -3.79 -28.00 -4.42
C GLY A 733 -2.59 -27.29 -3.76
N GLN A 734 -1.38 -27.75 -4.14
CA GLN A 734 -0.04 -27.44 -3.66
C GLN A 734 0.63 -26.25 -4.31
N PHE A 735 1.70 -25.78 -3.62
CA PHE A 735 2.65 -24.77 -4.10
C PHE A 735 3.51 -25.47 -5.14
N ILE A 736 3.48 -24.95 -6.37
CA ILE A 736 4.34 -25.47 -7.44
C ILE A 736 5.23 -24.32 -7.71
N ASP A 737 6.55 -24.54 -7.60
CA ASP A 737 7.59 -23.58 -7.94
C ASP A 737 7.25 -22.98 -9.32
N SER A 738 7.17 -21.63 -9.43
CA SER A 738 6.78 -20.92 -10.66
C SER A 738 7.55 -21.39 -11.94
N ARG A 739 8.87 -21.72 -11.79
CA ARG A 739 9.66 -22.22 -12.91
C ARG A 739 9.26 -23.64 -13.29
N LYS A 740 9.12 -24.56 -12.31
CA LYS A 740 8.67 -25.92 -12.60
C LYS A 740 7.26 -25.94 -13.20
N GLY A 741 6.45 -24.96 -12.84
CA GLY A 741 5.11 -24.78 -13.38
C GLY A 741 5.20 -24.42 -14.85
N ALA A 742 6.07 -23.46 -15.21
CA ALA A 742 6.29 -23.05 -16.60
C ALA A 742 6.89 -24.22 -17.44
N GLU A 743 7.83 -24.99 -16.85
CA GLU A 743 8.49 -26.12 -17.52
C GLU A 743 7.48 -27.19 -17.89
N LYS A 744 6.67 -27.62 -16.92
CA LYS A 744 5.67 -28.67 -17.08
C LYS A 744 4.52 -28.21 -17.96
N LEU A 745 4.12 -26.93 -17.86
CA LEU A 745 3.03 -26.40 -18.68
C LEU A 745 3.39 -26.35 -20.16
N LEU A 746 4.54 -25.75 -20.53
CA LEU A 746 5.01 -25.63 -21.90
C LEU A 746 5.34 -27.02 -22.45
N GLY A 747 5.89 -27.87 -21.60
CA GLY A 747 6.20 -29.25 -21.96
C GLY A 747 4.95 -30.01 -22.35
N SER A 748 3.83 -29.75 -21.65
CA SER A 748 2.56 -30.42 -21.91
C SER A 748 1.89 -29.96 -23.23
N LEU A 749 2.28 -28.79 -23.76
CA LEU A 749 1.67 -28.21 -24.96
C LEU A 749 2.23 -28.76 -26.26
N ASP A 750 1.45 -28.58 -27.34
CA ASP A 750 1.79 -28.98 -28.69
C ASP A 750 2.47 -27.79 -29.38
N ILE A 751 3.70 -27.53 -28.93
CA ILE A 751 4.56 -26.46 -29.39
C ILE A 751 5.96 -27.03 -29.67
N ASP A 752 6.83 -26.25 -30.34
CA ASP A 752 8.19 -26.72 -30.58
C ASP A 752 8.93 -26.43 -29.28
N HIS A 753 9.38 -27.49 -28.63
CA HIS A 753 10.02 -27.44 -27.33
C HIS A 753 11.46 -26.89 -27.38
N ASN A 754 11.89 -26.37 -28.53
CA ASN A 754 13.20 -25.74 -28.73
C ASN A 754 13.07 -24.20 -28.74
N GLN A 755 11.83 -23.74 -28.81
CA GLN A 755 11.44 -22.35 -28.96
C GLN A 755 11.40 -21.53 -27.68
N TYR A 756 11.66 -22.16 -26.54
CA TYR A 756 11.68 -21.44 -25.27
C TYR A 756 12.88 -21.80 -24.42
N LYS A 757 13.34 -20.87 -23.57
CA LYS A 757 14.47 -21.10 -22.65
C LYS A 757 14.15 -20.51 -21.31
N PHE A 758 14.70 -21.10 -20.22
CA PHE A 758 14.32 -20.64 -18.89
C PHE A 758 15.37 -19.79 -18.23
N GLY A 759 14.97 -18.56 -17.87
CA GLY A 759 15.80 -17.58 -17.20
C GLY A 759 15.65 -17.62 -15.69
N HIS A 760 16.33 -16.72 -14.93
CA HIS A 760 16.21 -16.68 -13.47
C HIS A 760 14.84 -16.24 -12.96
N THR A 761 14.23 -15.29 -13.69
CA THR A 761 12.94 -14.70 -13.34
C THR A 761 11.91 -14.81 -14.47
N LYS A 762 12.35 -15.03 -15.73
CA LYS A 762 11.48 -15.05 -16.91
C LYS A 762 11.63 -16.25 -17.82
N VAL A 763 10.58 -16.50 -18.63
CA VAL A 763 10.58 -17.52 -19.68
C VAL A 763 10.94 -16.77 -20.95
N PHE A 764 11.98 -17.21 -21.66
CA PHE A 764 12.34 -16.54 -22.89
C PHE A 764 11.77 -17.31 -24.08
N PHE A 765 11.18 -16.56 -25.02
CA PHE A 765 10.58 -17.15 -26.21
C PHE A 765 11.27 -16.70 -27.47
N LYS A 766 11.59 -17.69 -28.34
CA LYS A 766 12.13 -17.46 -29.68
C LYS A 766 10.99 -16.80 -30.46
N ALA A 767 11.31 -16.05 -31.52
CA ALA A 767 10.30 -15.33 -32.32
C ALA A 767 9.11 -16.19 -32.76
N GLY A 768 7.92 -15.62 -32.60
CA GLY A 768 6.67 -16.25 -33.01
C GLY A 768 5.96 -17.18 -32.04
N LEU A 769 6.66 -17.63 -30.98
CA LEU A 769 6.08 -18.55 -29.97
C LEU A 769 5.01 -17.86 -29.13
N LEU A 770 5.25 -16.58 -28.72
CA LEU A 770 4.26 -15.86 -27.92
C LEU A 770 2.95 -15.67 -28.66
N GLY A 771 3.04 -15.40 -29.97
CA GLY A 771 1.90 -15.24 -30.87
C GLY A 771 1.07 -16.49 -30.98
N LEU A 772 1.76 -17.66 -31.07
CA LEU A 772 1.10 -18.96 -31.13
C LEU A 772 0.44 -19.27 -29.79
N LEU A 773 1.11 -18.93 -28.66
CA LEU A 773 0.60 -19.13 -27.31
C LEU A 773 -0.67 -18.32 -27.15
N GLU A 774 -0.71 -17.11 -27.75
CA GLU A 774 -1.87 -16.22 -27.73
C GLU A 774 -3.01 -16.76 -28.60
N GLU A 775 -2.70 -17.40 -29.75
CA GLU A 775 -3.73 -17.97 -30.62
C GLU A 775 -4.38 -19.15 -29.91
N MET A 776 -3.55 -19.95 -29.23
CA MET A 776 -3.96 -21.12 -28.48
C MET A 776 -4.82 -20.72 -27.31
N ARG A 777 -4.46 -19.62 -26.64
CA ARG A 777 -5.19 -19.07 -25.49
C ARG A 777 -6.55 -18.53 -25.90
N ASP A 778 -6.60 -17.71 -26.98
CA ASP A 778 -7.84 -17.11 -27.48
C ASP A 778 -8.86 -18.17 -27.83
N GLU A 779 -8.40 -19.23 -28.51
CA GLU A 779 -9.18 -20.36 -28.96
C GLU A 779 -9.72 -21.16 -27.78
N ARG A 780 -8.81 -21.61 -26.91
CA ARG A 780 -9.14 -22.35 -25.69
C ARG A 780 -10.13 -21.55 -24.85
N LEU A 781 -9.93 -20.23 -24.71
CA LEU A 781 -10.88 -19.44 -23.93
C LEU A 781 -12.30 -19.54 -24.48
N SER A 782 -12.47 -19.43 -25.82
CA SER A 782 -13.77 -19.54 -26.49
C SER A 782 -14.42 -20.92 -26.31
N ARG A 783 -13.59 -21.99 -26.28
CA ARG A 783 -14.09 -23.35 -26.09
C ARG A 783 -14.66 -23.48 -24.67
N ILE A 784 -13.98 -22.88 -23.68
CA ILE A 784 -14.40 -22.92 -22.28
C ILE A 784 -15.72 -22.16 -22.11
N ILE A 785 -15.79 -20.90 -22.62
CA ILE A 785 -17.02 -20.11 -22.61
C ILE A 785 -18.17 -20.97 -23.11
N THR A 786 -18.03 -21.56 -24.33
CA THR A 786 -19.09 -22.41 -24.92
C THR A 786 -19.41 -23.63 -24.03
N ARG A 787 -18.42 -24.30 -23.44
CA ARG A 787 -18.72 -25.47 -22.58
C ARG A 787 -19.31 -25.05 -21.24
N ILE A 788 -19.09 -23.78 -20.82
CA ILE A 788 -19.71 -23.17 -19.64
C ILE A 788 -21.19 -22.92 -20.01
N GLN A 789 -21.42 -22.25 -21.17
CA GLN A 789 -22.74 -21.96 -21.73
C GLN A 789 -23.55 -23.21 -22.03
N ALA A 790 -22.87 -24.30 -22.44
CA ALA A 790 -23.48 -25.60 -22.72
C ALA A 790 -24.05 -26.19 -21.45
N GLN A 791 -23.31 -26.02 -20.32
CA GLN A 791 -23.68 -26.51 -18.98
C GLN A 791 -24.76 -25.63 -18.37
N SER A 792 -24.72 -24.28 -18.64
CA SER A 792 -25.73 -23.31 -18.24
C SER A 792 -27.09 -23.69 -18.87
N ARG A 793 -27.05 -24.03 -20.19
CA ARG A 793 -28.19 -24.49 -20.99
C ARG A 793 -28.76 -25.78 -20.42
N GLY A 794 -27.89 -26.67 -19.98
CA GLY A 794 -28.26 -27.94 -19.38
C GLY A 794 -28.95 -27.76 -18.05
N VAL A 795 -28.50 -26.75 -17.28
CA VAL A 795 -29.01 -26.34 -15.97
C VAL A 795 -30.45 -25.77 -16.11
N LEU A 796 -30.63 -24.70 -16.96
CA LEU A 796 -31.89 -24.02 -17.25
C LEU A 796 -32.94 -25.01 -17.77
N SER A 797 -32.51 -25.98 -18.59
CA SER A 797 -33.37 -27.00 -19.18
C SER A 797 -33.80 -28.07 -18.17
N ARG A 798 -32.92 -28.44 -17.22
CA ARG A 798 -33.22 -29.46 -16.22
C ARG A 798 -34.17 -28.94 -15.14
N MET A 799 -34.14 -27.60 -14.94
CA MET A 799 -35.03 -26.86 -14.07
C MET A 799 -36.44 -27.02 -14.67
N GLU A 800 -36.60 -26.69 -15.98
CA GLU A 800 -37.85 -26.83 -16.74
C GLU A 800 -38.28 -28.26 -16.85
N PHE A 801 -37.33 -29.22 -16.77
CA PHE A 801 -37.75 -30.63 -16.78
C PHE A 801 -38.35 -31.04 -15.45
N LYS A 802 -37.86 -30.48 -14.33
CA LYS A 802 -38.35 -30.76 -12.97
C LYS A 802 -39.80 -30.30 -12.87
N LYS A 803 -40.11 -29.12 -13.51
CA LYS A 803 -41.47 -28.56 -13.60
C LYS A 803 -42.40 -29.55 -14.33
N LEU A 804 -41.96 -30.11 -15.48
CA LEU A 804 -42.70 -31.14 -16.24
C LEU A 804 -43.04 -32.33 -15.36
N LEU A 805 -42.09 -32.77 -14.51
CA LEU A 805 -42.26 -33.92 -13.62
C LEU A 805 -43.28 -33.67 -12.49
N GLU A 806 -43.55 -32.36 -12.20
CA GLU A 806 -44.50 -31.93 -11.18
C GLU A 806 -45.96 -32.14 -11.63
N ARG A 807 -46.36 -31.46 -12.73
CA ARG A 807 -47.69 -31.50 -13.34
C ARG A 807 -48.10 -32.92 -13.77
N ASP B 3 -4.53 -21.36 63.00
CA ASP B 3 -4.60 -22.32 61.89
C ASP B 3 -6.04 -22.92 61.69
N ALA B 4 -7.01 -22.43 62.49
CA ALA B 4 -8.40 -22.88 62.38
C ALA B 4 -9.05 -22.23 61.15
N GLU B 5 -8.90 -20.90 61.01
CA GLU B 5 -9.45 -20.14 59.88
C GLU B 5 -8.57 -20.28 58.61
N MET B 6 -7.42 -20.98 58.71
CA MET B 6 -6.53 -21.19 57.56
C MET B 6 -6.74 -22.53 56.86
N ALA B 7 -7.73 -23.32 57.33
CA ALA B 7 -8.04 -24.63 56.77
C ALA B 7 -8.54 -24.60 55.34
N ALA B 8 -9.39 -23.60 55.00
CA ALA B 8 -10.02 -23.45 53.68
C ALA B 8 -9.04 -23.33 52.51
N PHE B 9 -7.80 -22.88 52.80
CA PHE B 9 -6.73 -22.67 51.83
C PHE B 9 -5.91 -23.93 51.53
N GLY B 10 -5.95 -24.89 52.45
CA GLY B 10 -5.21 -26.15 52.31
C GLY B 10 -3.70 -25.99 52.35
N GLU B 11 -3.00 -26.65 51.40
CA GLU B 11 -1.54 -26.67 51.23
C GLU B 11 -0.93 -25.27 51.05
N ALA B 12 -1.78 -24.28 50.68
CA ALA B 12 -1.42 -22.88 50.45
C ALA B 12 -1.27 -22.06 51.73
N ALA B 13 -2.01 -22.42 52.81
CA ALA B 13 -2.05 -21.72 54.11
C ALA B 13 -0.65 -21.30 54.66
N PRO B 14 0.43 -22.14 54.64
CA PRO B 14 1.74 -21.65 55.16
C PRO B 14 2.46 -20.59 54.30
N TYR B 15 1.96 -20.35 53.08
CA TYR B 15 2.48 -19.38 52.12
C TYR B 15 1.66 -18.09 52.12
N LEU B 16 0.61 -18.01 52.97
CA LEU B 16 -0.30 -16.85 53.04
C LEU B 16 -0.31 -16.18 54.41
N ARG B 17 -0.42 -16.99 55.49
CA ARG B 17 -0.49 -16.53 56.88
C ARG B 17 0.24 -17.54 57.77
N LYS B 18 1.08 -17.04 58.67
CA LYS B 18 1.84 -17.88 59.60
C LYS B 18 0.94 -18.38 60.73
N SER B 19 1.21 -19.62 61.20
CA SER B 19 0.43 -20.27 62.27
C SER B 19 0.49 -19.55 63.60
N GLU B 20 -0.54 -19.74 64.47
CA GLU B 20 -0.57 -19.14 65.81
C GLU B 20 0.67 -19.57 66.61
N LYS B 21 1.10 -20.84 66.45
CA LYS B 21 2.30 -21.40 67.08
C LYS B 21 3.56 -20.65 66.63
N GLU B 22 3.62 -20.23 65.34
CA GLU B 22 4.73 -19.46 64.78
C GLU B 22 4.64 -18.00 65.26
N ARG B 23 3.40 -17.46 65.34
CA ARG B 23 3.06 -16.08 65.75
C ARG B 23 3.54 -15.76 67.15
N LEU B 24 3.19 -16.62 68.13
CA LEU B 24 3.51 -16.44 69.55
C LEU B 24 5.01 -16.59 69.86
N GLU B 25 5.75 -17.37 69.02
CA GLU B 25 7.20 -17.57 69.14
C GLU B 25 7.92 -16.25 68.85
N ALA B 26 7.34 -15.43 67.94
CA ALA B 26 7.82 -14.11 67.55
C ALA B 26 7.57 -13.08 68.65
N GLN B 27 6.36 -13.09 69.26
CA GLN B 27 5.95 -12.17 70.33
C GLN B 27 6.71 -12.39 71.67
N THR B 28 7.64 -13.38 71.71
CA THR B 28 8.49 -13.69 72.87
C THR B 28 9.97 -13.38 72.57
N ARG B 29 10.31 -13.05 71.29
CA ARG B 29 11.67 -12.75 70.84
C ARG B 29 12.29 -11.55 71.60
N PRO B 30 13.64 -11.49 71.76
CA PRO B 30 14.24 -10.36 72.48
C PRO B 30 14.16 -9.04 71.71
N PHE B 31 13.70 -7.98 72.40
CA PHE B 31 13.52 -6.64 71.84
C PHE B 31 13.47 -5.55 72.94
N ASP B 32 14.32 -4.50 72.80
CA ASP B 32 14.35 -3.34 73.69
C ASP B 32 14.00 -2.10 72.87
N LEU B 33 12.85 -1.48 73.19
CA LEU B 33 12.34 -0.29 72.50
C LEU B 33 13.41 0.76 72.24
N LYS B 34 14.17 1.12 73.29
CA LYS B 34 15.23 2.14 73.27
C LYS B 34 16.45 1.70 72.46
N LYS B 35 16.99 0.49 72.74
CA LYS B 35 18.22 -0.05 72.15
C LYS B 35 18.10 -0.47 70.67
N ASP B 36 17.16 -1.38 70.34
CA ASP B 36 16.95 -1.94 69.00
C ASP B 36 16.35 -0.91 67.99
N VAL B 37 17.18 -0.53 66.98
CA VAL B 37 16.90 0.50 65.95
C VAL B 37 17.31 0.06 64.51
N PHE B 38 17.23 1.00 63.53
CA PHE B 38 17.65 0.89 62.14
C PHE B 38 18.60 2.06 61.85
N VAL B 39 19.78 1.76 61.31
CA VAL B 39 20.77 2.78 60.98
C VAL B 39 21.13 2.64 59.48
N PRO B 40 21.39 3.73 58.71
CA PRO B 40 21.68 3.55 57.28
C PRO B 40 22.97 2.80 56.97
N ASP B 41 22.98 2.13 55.81
CA ASP B 41 24.12 1.40 55.25
C ASP B 41 24.32 1.86 53.80
N ASP B 42 25.60 1.85 53.36
CA ASP B 42 26.04 2.21 52.01
C ASP B 42 25.54 1.11 51.08
N LYS B 43 26.07 -0.13 51.26
CA LYS B 43 25.78 -1.35 50.49
C LYS B 43 24.27 -1.70 50.50
N GLU B 44 23.76 -2.29 51.63
CA GLU B 44 22.33 -2.59 51.86
C GLU B 44 21.76 -1.20 52.06
N GLU B 45 20.46 -1.00 52.15
CA GLU B 45 20.13 0.43 52.24
C GLU B 45 20.09 0.99 53.68
N PHE B 46 19.75 0.11 54.61
CA PHE B 46 19.64 0.31 56.06
C PHE B 46 19.95 -1.03 56.71
N VAL B 47 20.41 -1.02 57.96
CA VAL B 47 20.70 -2.23 58.73
C VAL B 47 20.09 -2.15 60.13
N LYS B 48 19.73 -3.31 60.72
CA LYS B 48 19.21 -3.36 62.10
C LYS B 48 20.43 -3.15 63.02
N ALA B 49 20.24 -2.49 64.17
CA ALA B 49 21.31 -2.21 65.12
C ALA B 49 20.81 -2.09 66.56
N THR B 50 21.73 -2.19 67.54
CA THR B 50 21.44 -2.02 68.97
C THR B 50 22.29 -0.85 69.46
N ILE B 51 21.65 0.23 69.97
CA ILE B 51 22.33 1.43 70.49
C ILE B 51 23.21 1.06 71.69
N LEU B 52 24.47 1.47 71.64
CA LEU B 52 25.42 1.25 72.73
C LEU B 52 25.57 2.54 73.58
N SER B 53 25.68 3.72 72.89
CA SER B 53 25.83 5.06 73.50
C SER B 53 25.34 6.21 72.59
N ARG B 54 24.59 7.17 73.21
CA ARG B 54 24.08 8.41 72.58
C ARG B 54 24.96 9.55 73.09
N GLU B 55 26.06 9.81 72.37
CA GLU B 55 27.09 10.81 72.68
C GLU B 55 26.62 12.27 72.42
N GLY B 56 27.49 13.07 71.82
CA GLY B 56 27.22 14.45 71.47
C GLY B 56 26.47 14.53 70.15
N GLY B 57 25.15 14.45 70.23
CA GLY B 57 24.26 14.47 69.07
C GLY B 57 24.34 13.25 68.18
N LYS B 58 25.42 12.47 68.33
CA LYS B 58 25.69 11.26 67.57
C LYS B 58 25.26 10.01 68.35
N VAL B 59 25.11 8.88 67.64
CA VAL B 59 24.72 7.61 68.24
C VAL B 59 25.63 6.48 67.74
N THR B 60 26.19 5.70 68.69
CA THR B 60 27.02 4.53 68.40
C THR B 60 26.14 3.29 68.56
N ALA B 61 26.31 2.29 67.66
CA ALA B 61 25.55 1.04 67.70
C ALA B 61 26.27 -0.09 67.00
N GLU B 62 25.96 -1.32 67.42
CA GLU B 62 26.54 -2.53 66.83
C GLU B 62 25.49 -3.09 65.88
N THR B 63 25.84 -3.09 64.59
CA THR B 63 25.04 -3.51 63.44
C THR B 63 24.71 -5.02 63.50
N GLU B 64 23.70 -5.42 62.73
CA GLU B 64 23.26 -6.82 62.59
C GLU B 64 24.33 -7.69 61.89
N HIS B 65 25.56 -7.18 61.79
CA HIS B 65 26.71 -7.87 61.21
C HIS B 65 27.91 -7.81 62.16
N GLY B 66 27.66 -7.24 63.34
CA GLY B 66 28.61 -7.06 64.42
C GLY B 66 29.52 -5.85 64.27
N LYS B 67 29.31 -5.06 63.19
CA LYS B 67 30.15 -3.90 62.90
C LYS B 67 29.66 -2.61 63.55
N THR B 68 30.46 -2.09 64.50
CA THR B 68 30.20 -0.86 65.26
C THR B 68 30.32 0.35 64.33
N VAL B 69 29.43 1.35 64.48
CA VAL B 69 29.42 2.60 63.71
C VAL B 69 28.64 3.71 64.44
N THR B 70 29.02 4.97 64.19
CA THR B 70 28.41 6.16 64.80
C THR B 70 27.83 7.08 63.71
N VAL B 71 26.54 7.47 63.89
CA VAL B 71 25.75 8.31 62.97
C VAL B 71 25.00 9.42 63.73
N LYS B 72 24.44 10.44 63.00
CA LYS B 72 23.62 11.51 63.62
C LYS B 72 22.36 10.89 64.23
N GLU B 73 21.81 11.52 65.29
CA GLU B 73 20.58 11.07 65.97
C GLU B 73 19.43 11.01 64.96
N ASP B 74 19.38 12.00 64.04
CA ASP B 74 18.37 12.13 62.98
C ASP B 74 18.42 11.02 61.91
N GLN B 75 19.47 10.17 61.91
CA GLN B 75 19.63 9.09 60.92
C GLN B 75 19.11 7.74 61.43
N VAL B 76 19.03 7.62 62.77
CA VAL B 76 18.55 6.50 63.55
C VAL B 76 17.01 6.45 63.51
N LEU B 77 16.46 5.29 63.10
CA LEU B 77 15.03 5.04 63.00
C LEU B 77 14.58 3.87 63.86
N GLN B 78 13.43 4.03 64.53
CA GLN B 78 12.88 3.04 65.45
C GLN B 78 12.37 1.75 64.78
N GLN B 79 12.78 0.59 65.32
CA GLN B 79 12.32 -0.73 64.86
C GLN B 79 10.89 -0.90 65.37
N ASN B 80 10.06 -1.69 64.68
CA ASN B 80 8.70 -1.94 65.16
C ASN B 80 8.73 -3.17 66.06
N PRO B 81 7.99 -3.13 67.19
CA PRO B 81 7.98 -4.30 68.10
C PRO B 81 7.61 -5.65 67.45
N PRO B 82 8.04 -6.78 68.07
CA PRO B 82 7.80 -8.12 67.47
C PRO B 82 6.36 -8.52 67.18
N LYS B 83 5.37 -7.77 67.71
CA LYS B 83 3.98 -8.05 67.41
C LYS B 83 3.69 -7.73 65.93
N PHE B 84 4.43 -6.74 65.38
CA PHE B 84 4.33 -6.26 63.99
C PHE B 84 5.12 -7.09 62.96
N ASP B 85 5.87 -8.10 63.39
CA ASP B 85 6.66 -8.95 62.50
C ASP B 85 5.80 -9.60 61.42
N LYS B 86 6.25 -9.46 60.14
CA LYS B 86 5.56 -9.93 58.95
C LYS B 86 4.06 -9.51 58.98
N ILE B 87 3.78 -8.19 59.20
CA ILE B 87 2.43 -7.62 59.24
C ILE B 87 1.78 -7.69 57.85
N GLU B 88 0.47 -7.93 57.79
CA GLU B 88 -0.22 -8.05 56.52
C GLU B 88 -0.56 -6.69 55.87
N ASP B 89 -0.77 -5.63 56.67
CA ASP B 89 -1.01 -4.26 56.16
C ASP B 89 0.02 -3.35 56.85
N MET B 90 0.88 -2.71 56.06
CA MET B 90 1.92 -1.88 56.63
C MET B 90 1.40 -0.52 57.11
N ALA B 91 0.16 -0.13 56.75
CA ALA B 91 -0.42 1.12 57.24
C ALA B 91 -0.81 1.00 58.72
N MET B 92 -0.57 -0.18 59.31
CA MET B 92 -0.87 -0.52 60.70
C MET B 92 0.38 -0.57 61.56
N LEU B 93 1.55 -0.34 60.98
CA LEU B 93 2.80 -0.33 61.73
C LEU B 93 2.84 0.91 62.63
N THR B 94 3.42 0.81 63.83
CA THR B 94 3.50 1.99 64.69
C THR B 94 4.50 3.02 64.07
N PHE B 95 5.68 2.54 63.63
CA PHE B 95 6.69 3.39 62.98
C PHE B 95 6.68 3.13 61.50
N LEU B 96 6.27 4.14 60.71
CA LEU B 96 6.27 4.03 59.27
C LEU B 96 7.34 4.90 58.62
N HIS B 97 8.43 4.22 58.20
CA HIS B 97 9.62 4.75 57.53
C HIS B 97 10.18 3.72 56.56
N GLU B 98 11.17 4.12 55.74
CA GLU B 98 11.74 3.25 54.71
C GLU B 98 12.25 1.88 55.26
N PRO B 99 13.18 1.78 56.26
CA PRO B 99 13.57 0.44 56.71
C PRO B 99 12.44 -0.43 57.25
N ALA B 100 11.39 0.17 57.90
CA ALA B 100 10.23 -0.57 58.42
C ALA B 100 9.48 -1.26 57.30
N VAL B 101 9.22 -0.52 56.19
CA VAL B 101 8.55 -1.05 54.99
C VAL B 101 9.45 -2.13 54.33
N LEU B 102 10.72 -1.80 54.09
CA LEU B 102 11.67 -2.72 53.48
C LEU B 102 11.80 -4.03 54.24
N TYR B 103 11.96 -3.95 55.57
CA TYR B 103 12.19 -5.14 56.39
C TYR B 103 10.95 -5.99 56.53
N ASN B 104 9.76 -5.36 56.54
CA ASN B 104 8.51 -6.11 56.61
C ASN B 104 8.33 -6.89 55.31
N LEU B 105 8.73 -6.30 54.17
CA LEU B 105 8.62 -6.96 52.85
C LEU B 105 9.66 -8.09 52.77
N LYS B 106 10.91 -7.81 53.15
CA LYS B 106 11.99 -8.78 53.15
C LYS B 106 11.64 -10.00 54.02
N GLU B 107 11.09 -9.78 55.24
CA GLU B 107 10.76 -10.85 56.18
C GLU B 107 9.63 -11.75 55.68
N ARG B 108 8.62 -11.14 55.06
CA ARG B 108 7.46 -11.83 54.49
C ARG B 108 7.89 -12.63 53.28
N TYR B 109 8.68 -11.98 52.39
CA TYR B 109 9.20 -12.58 51.16
C TYR B 109 10.04 -13.81 51.48
N ALA B 110 10.80 -13.73 52.58
CA ALA B 110 11.63 -14.81 53.09
C ALA B 110 10.77 -16.04 53.50
N SER B 111 9.49 -15.81 53.77
CA SER B 111 8.54 -16.86 54.16
C SER B 111 7.64 -17.22 52.96
N TRP B 112 8.02 -16.71 51.77
CA TRP B 112 7.35 -16.86 50.46
C TRP B 112 5.96 -16.23 50.47
N MET B 113 5.77 -15.19 51.31
CA MET B 113 4.52 -14.43 51.36
C MET B 113 4.84 -13.21 50.53
N ILE B 114 4.42 -13.31 49.24
CA ILE B 114 4.72 -12.33 48.20
C ILE B 114 3.76 -11.11 48.21
N TYR B 115 2.52 -11.24 48.77
CA TYR B 115 1.58 -10.12 48.84
C TYR B 115 1.58 -9.47 50.22
N THR B 116 1.55 -8.12 50.26
CA THR B 116 1.49 -7.30 51.48
C THR B 116 0.63 -6.08 51.20
N TYR B 117 -0.31 -5.73 52.08
CA TYR B 117 -1.12 -4.54 51.88
C TYR B 117 -0.35 -3.32 52.30
N SER B 118 -0.61 -2.20 51.65
CA SER B 118 -0.01 -0.91 51.93
C SER B 118 -1.13 0.13 52.07
N GLY B 119 -2.01 -0.09 53.01
CA GLY B 119 -3.17 0.76 53.15
C GLY B 119 -4.20 0.36 52.13
N LEU B 120 -4.65 1.32 51.32
CA LEU B 120 -5.67 1.05 50.31
C LEU B 120 -5.17 0.30 49.06
N PHE B 121 -3.88 0.00 48.99
CA PHE B 121 -3.32 -0.70 47.83
C PHE B 121 -2.43 -1.86 48.26
N CYS B 122 -1.82 -2.55 47.30
CA CYS B 122 -1.07 -3.76 47.57
C CYS B 122 0.26 -3.82 46.88
N VAL B 123 1.22 -4.44 47.55
CA VAL B 123 2.57 -4.64 47.06
C VAL B 123 2.83 -6.13 46.89
N THR B 124 3.53 -6.50 45.82
CA THR B 124 3.89 -7.89 45.56
C THR B 124 5.32 -7.96 45.04
N ILE B 125 6.10 -8.91 45.57
CA ILE B 125 7.51 -9.09 45.14
C ILE B 125 7.59 -10.41 44.39
N ASN B 126 8.07 -10.37 43.13
CA ASN B 126 8.21 -11.56 42.25
C ASN B 126 8.99 -12.69 42.95
N PRO B 127 8.36 -13.86 43.19
CA PRO B 127 9.08 -14.95 43.87
C PRO B 127 10.05 -15.71 42.99
N TYR B 128 9.95 -15.57 41.63
CA TYR B 128 10.77 -16.30 40.64
C TYR B 128 10.67 -17.81 40.94
N TRP B 130 7.15 -20.97 41.35
N TRP B 130 7.21 -21.05 41.46
CA TRP B 130 5.69 -21.17 41.39
CA TRP B 130 5.82 -21.46 41.53
C TRP B 130 5.30 -21.82 42.74
C TRP B 130 5.53 -21.74 43.00
N LEU B 131 4.51 -21.08 43.53
CA LEU B 131 4.05 -21.39 44.89
C LEU B 131 2.63 -21.97 44.80
N PRO B 132 2.23 -22.92 45.68
CA PRO B 132 0.90 -23.53 45.54
C PRO B 132 -0.23 -22.65 46.06
N VAL B 133 -0.34 -21.41 45.55
CA VAL B 133 -1.30 -20.41 46.05
C VAL B 133 -2.32 -19.94 45.00
N TYR B 134 -2.34 -20.53 43.79
CA TYR B 134 -3.26 -20.08 42.74
C TYR B 134 -4.24 -21.15 42.25
N ASN B 135 -4.63 -22.09 43.13
CA ASN B 135 -5.53 -23.17 42.78
C ASN B 135 -6.99 -22.78 43.02
N ALA B 136 -7.95 -23.59 42.52
CA ALA B 136 -9.37 -23.35 42.66
C ALA B 136 -9.82 -23.42 44.11
N GLU B 137 -9.15 -24.25 44.95
CA GLU B 137 -9.42 -24.40 46.39
C GLU B 137 -9.19 -23.03 47.09
N VAL B 138 -8.10 -22.32 46.68
CA VAL B 138 -7.73 -20.99 47.17
C VAL B 138 -8.74 -19.93 46.68
N VAL B 139 -9.15 -20.04 45.37
CA VAL B 139 -10.16 -19.15 44.75
C VAL B 139 -11.45 -19.14 45.62
N ALA B 140 -11.91 -20.34 46.03
CA ALA B 140 -13.10 -20.55 46.85
C ALA B 140 -12.86 -20.03 48.27
N ALA B 141 -11.64 -20.23 48.79
CA ALA B 141 -11.29 -19.79 50.15
C ALA B 141 -11.33 -18.27 50.29
N TYR B 142 -10.95 -17.52 49.24
CA TYR B 142 -10.94 -16.07 49.25
C TYR B 142 -12.29 -15.43 48.97
N ARG B 143 -13.20 -16.21 48.35
CA ARG B 143 -14.54 -15.78 47.94
C ARG B 143 -15.36 -15.24 49.10
N GLY B 144 -15.70 -13.94 49.00
CA GLY B 144 -16.54 -13.22 49.95
C GLY B 144 -15.86 -12.63 51.17
N LYS B 145 -14.62 -13.08 51.44
CA LYS B 145 -13.83 -12.65 52.59
C LYS B 145 -13.46 -11.16 52.59
N LYS B 146 -13.44 -10.61 53.82
CA LYS B 146 -13.07 -9.26 54.21
C LYS B 146 -11.55 -9.27 54.37
N ARG B 147 -10.86 -8.13 54.11
CA ARG B 147 -9.40 -7.97 54.30
C ARG B 147 -8.92 -8.54 55.65
N SER B 148 -9.79 -8.47 56.69
CA SER B 148 -9.52 -8.99 58.03
C SER B 148 -9.39 -10.54 58.04
N GLU B 149 -10.43 -11.25 57.56
CA GLU B 149 -10.52 -12.71 57.59
C GLU B 149 -9.68 -13.44 56.50
N ALA B 150 -8.96 -12.68 55.64
CA ALA B 150 -8.17 -13.23 54.54
C ALA B 150 -6.78 -12.57 54.34
N PRO B 151 -5.70 -13.40 54.21
CA PRO B 151 -4.35 -12.84 54.01
C PRO B 151 -4.21 -12.02 52.72
N PRO B 152 -3.17 -11.16 52.51
CA PRO B 152 -3.03 -10.46 51.21
C PRO B 152 -2.82 -11.44 50.07
N HIS B 153 -3.42 -11.16 48.89
CA HIS B 153 -3.35 -12.00 47.70
C HIS B 153 -4.08 -11.27 46.60
N ILE B 154 -3.65 -11.49 45.35
CA ILE B 154 -4.29 -10.92 44.17
C ILE B 154 -5.80 -11.32 44.06
N PHE B 155 -6.18 -12.51 44.57
CA PHE B 155 -7.58 -12.96 44.56
C PHE B 155 -8.35 -12.09 45.59
N SER B 156 -7.68 -11.71 46.68
CA SER B 156 -8.29 -10.83 47.67
C SER B 156 -8.58 -9.46 47.02
N ILE B 157 -7.62 -8.86 46.29
CA ILE B 157 -7.79 -7.60 45.56
C ILE B 157 -8.97 -7.75 44.61
N SER B 158 -8.99 -8.86 43.87
CA SER B 158 -10.03 -9.24 42.93
C SER B 158 -11.39 -9.26 43.61
N ASP B 159 -11.55 -10.00 44.73
CA ASP B 159 -12.83 -10.04 45.42
C ASP B 159 -13.28 -8.67 45.93
N ASN B 160 -12.37 -7.92 46.58
CA ASN B 160 -12.65 -6.59 47.14
C ASN B 160 -13.17 -5.64 46.07
N ALA B 161 -12.61 -5.71 44.84
CA ALA B 161 -13.05 -4.92 43.68
C ALA B 161 -14.49 -5.32 43.30
N TYR B 162 -14.77 -6.64 43.31
CA TYR B 162 -16.09 -7.18 42.98
C TYR B 162 -17.10 -6.76 44.03
N GLN B 163 -16.71 -6.80 45.32
CA GLN B 163 -17.57 -6.38 46.42
C GLN B 163 -17.95 -4.91 46.29
N TYR B 164 -16.97 -4.00 46.01
CA TYR B 164 -17.25 -2.57 45.82
C TYR B 164 -18.18 -2.39 44.64
N MET B 165 -17.95 -3.16 43.54
CA MET B 165 -18.74 -3.05 42.33
C MET B 165 -20.23 -3.22 42.60
N LEU B 166 -20.60 -4.26 43.36
CA LEU B 166 -21.99 -4.54 43.66
C LEU B 166 -22.58 -3.61 44.69
N THR B 167 -21.83 -3.28 45.76
CA THR B 167 -22.29 -2.38 46.83
C THR B 167 -22.51 -0.94 46.30
N ASP B 168 -21.48 -0.33 45.71
CA ASP B 168 -21.50 1.02 45.16
C ASP B 168 -22.19 1.09 43.78
N ARG B 169 -22.48 -0.07 43.12
CA ARG B 169 -23.08 -0.19 41.77
C ARG B 169 -22.22 0.68 40.81
N GLU B 170 -20.90 0.40 40.79
CA GLU B 170 -19.92 1.24 40.12
C GLU B 170 -18.77 0.43 39.50
N ASN B 171 -18.35 0.76 38.24
CA ASN B 171 -17.26 0.02 37.57
C ASN B 171 -15.94 0.19 38.28
N GLN B 172 -15.07 -0.82 38.18
CA GLN B 172 -13.81 -0.85 38.88
C GLN B 172 -12.71 -1.04 37.91
N SER B 173 -11.45 -0.85 38.37
CA SER B 173 -10.25 -1.11 37.56
C SER B 173 -9.14 -1.56 38.47
N ILE B 174 -8.36 -2.56 38.02
CA ILE B 174 -7.21 -3.10 38.73
C ILE B 174 -5.98 -2.67 37.93
N LEU B 175 -5.23 -1.72 38.50
CA LEU B 175 -4.08 -1.14 37.84
C LEU B 175 -2.80 -1.73 38.38
N ILE B 176 -2.24 -2.68 37.61
CA ILE B 176 -1.05 -3.43 38.02
C ILE B 176 0.19 -2.79 37.42
N THR B 177 0.96 -2.14 38.27
CA THR B 177 2.19 -1.45 37.87
C THR B 177 3.45 -2.32 38.08
N GLY B 178 4.54 -1.88 37.45
CA GLY B 178 5.82 -2.54 37.58
C GLY B 178 6.71 -2.46 36.36
N GLU B 179 8.01 -2.54 36.63
CA GLU B 179 9.08 -2.57 35.65
C GLU B 179 8.90 -3.85 34.90
N SER B 180 9.59 -3.96 33.72
CA SER B 180 9.61 -5.17 32.90
C SER B 180 10.25 -6.29 33.74
N GLY B 181 9.47 -7.35 33.95
CA GLY B 181 9.89 -8.54 34.69
C GLY B 181 9.28 -8.65 36.07
N ALA B 182 8.56 -7.60 36.56
CA ALA B 182 7.98 -7.47 37.92
C ALA B 182 6.85 -8.46 38.28
N GLY B 183 5.87 -8.67 37.39
CA GLY B 183 4.79 -9.63 37.61
C GLY B 183 3.40 -9.19 37.19
N LYS B 184 3.30 -8.11 36.36
CA LYS B 184 2.02 -7.55 35.88
C LYS B 184 1.15 -8.57 35.14
N THR B 185 1.69 -9.23 34.08
CA THR B 185 0.99 -10.24 33.28
C THR B 185 0.57 -11.44 34.13
N VAL B 186 1.50 -12.02 34.95
CA VAL B 186 1.18 -13.09 35.90
C VAL B 186 -0.05 -12.68 36.76
N ASN B 187 0.01 -11.51 37.43
CA ASN B 187 -1.13 -11.05 38.25
C ASN B 187 -2.39 -10.73 37.44
N THR B 188 -2.25 -10.22 36.19
CA THR B 188 -3.41 -9.92 35.33
C THR B 188 -4.17 -11.23 35.04
N LYS B 189 -3.41 -12.28 34.74
CA LYS B 189 -3.98 -13.57 34.44
C LYS B 189 -4.57 -14.21 35.71
N ARG B 190 -4.07 -13.87 36.93
CA ARG B 190 -4.66 -14.40 38.16
C ARG B 190 -6.01 -13.73 38.50
N VAL B 191 -6.17 -12.43 38.15
CA VAL B 191 -7.43 -11.70 38.36
C VAL B 191 -8.47 -12.38 37.48
N ILE B 192 -8.12 -12.61 36.20
CA ILE B 192 -8.96 -13.30 35.21
C ILE B 192 -9.29 -14.70 35.73
N GLN B 193 -8.28 -15.47 36.23
CA GLN B 193 -8.50 -16.82 36.77
C GLN B 193 -9.56 -16.80 37.86
N TYR B 194 -9.43 -15.86 38.83
CA TYR B 194 -10.34 -15.74 39.94
C TYR B 194 -11.78 -15.67 39.45
N PHE B 195 -12.14 -14.67 38.61
CA PHE B 195 -13.52 -14.51 38.11
C PHE B 195 -14.00 -15.69 37.27
N ALA B 196 -13.10 -16.26 36.43
CA ALA B 196 -13.41 -17.43 35.61
C ALA B 196 -13.69 -18.69 36.46
N VAL B 197 -12.90 -18.96 37.52
CA VAL B 197 -13.09 -20.09 38.43
C VAL B 197 -14.42 -19.91 39.20
N ILE B 198 -14.64 -18.73 39.79
CA ILE B 198 -15.87 -18.36 40.52
C ILE B 198 -17.08 -18.53 39.60
N ALA B 199 -16.94 -18.15 38.30
CA ALA B 199 -18.02 -18.21 37.32
C ALA B 199 -18.36 -19.62 36.96
N ALA B 200 -17.35 -20.49 36.89
CA ALA B 200 -17.52 -21.91 36.60
C ALA B 200 -18.27 -22.65 37.72
N ILE B 201 -18.24 -22.10 38.96
CA ILE B 201 -18.93 -22.67 40.13
C ILE B 201 -20.46 -22.40 39.99
N GLY B 202 -20.90 -21.22 40.48
CA GLY B 202 -22.29 -20.79 40.45
C GLY B 202 -22.65 -19.90 41.63
N GLY B 212 -12.96 -27.57 19.89
CA GLY B 212 -14.31 -27.17 20.27
C GLY B 212 -14.33 -25.92 21.14
N LYS B 213 -15.19 -24.93 20.74
CA LYS B 213 -15.39 -23.65 21.42
C LYS B 213 -15.87 -23.83 22.89
N GLY B 214 -15.03 -23.43 23.83
CA GLY B 214 -15.27 -23.53 25.27
C GLY B 214 -16.36 -22.62 25.79
N THR B 215 -16.50 -22.51 27.13
CA THR B 215 -17.47 -21.62 27.76
C THR B 215 -16.82 -20.25 27.90
N LEU B 216 -17.59 -19.18 28.19
CA LEU B 216 -17.04 -17.83 28.33
C LEU B 216 -15.82 -17.79 29.22
N GLU B 217 -15.87 -18.49 30.39
CA GLU B 217 -14.77 -18.54 31.38
C GLU B 217 -13.50 -19.17 30.80
N ASP B 218 -13.63 -20.27 30.00
CA ASP B 218 -12.52 -20.94 29.31
C ASP B 218 -11.90 -20.03 28.25
N GLN B 219 -12.78 -19.28 27.55
CA GLN B 219 -12.40 -18.32 26.53
C GLN B 219 -11.63 -17.14 27.08
N ILE B 220 -12.05 -16.53 28.23
CA ILE B 220 -11.32 -15.40 28.84
C ILE B 220 -9.88 -15.84 29.23
N ILE B 221 -9.78 -17.04 29.81
CA ILE B 221 -8.52 -17.67 30.22
C ILE B 221 -7.60 -17.93 29.01
N GLN B 222 -8.18 -18.40 27.89
CA GLN B 222 -7.44 -18.70 26.65
C GLN B 222 -7.09 -17.48 25.80
N ALA B 223 -7.72 -16.32 26.07
CA ALA B 223 -7.45 -15.12 25.29
C ALA B 223 -5.97 -14.71 25.42
N ASN B 224 -5.39 -14.80 26.64
N ASN B 224 -5.40 -14.80 26.65
CA ASN B 224 -4.00 -14.44 26.92
CA ASN B 224 -4.02 -14.45 26.96
C ASN B 224 -3.00 -15.36 26.20
C ASN B 224 -2.99 -15.36 26.22
N PRO B 225 -2.99 -16.71 26.39
CA PRO B 225 -2.03 -17.55 25.61
C PRO B 225 -2.01 -17.33 24.08
N ALA B 226 -3.16 -16.92 23.49
CA ALA B 226 -3.25 -16.64 22.06
C ALA B 226 -2.51 -15.33 21.72
N LEU B 227 -2.86 -14.20 22.39
CA LEU B 227 -2.24 -12.90 22.17
C LEU B 227 -0.74 -12.92 22.49
N GLU B 228 -0.32 -13.64 23.54
CA GLU B 228 1.10 -13.73 23.90
C GLU B 228 1.98 -14.38 22.86
N ALA B 229 1.47 -15.36 22.10
CA ALA B 229 2.25 -15.99 21.06
C ALA B 229 2.71 -14.92 20.06
N PHE B 230 1.84 -13.92 19.78
CA PHE B 230 2.09 -12.85 18.81
C PHE B 230 2.59 -11.53 19.37
N GLY B 231 2.27 -11.21 20.62
CA GLY B 231 2.59 -9.92 21.21
C GLY B 231 3.60 -9.94 22.33
N ASN B 232 4.13 -11.13 22.66
CA ASN B 232 5.14 -11.26 23.70
C ASN B 232 6.44 -11.83 23.12
N ALA B 233 7.59 -11.44 23.70
CA ALA B 233 8.91 -11.84 23.23
C ALA B 233 9.90 -11.85 24.38
N LYS B 234 10.99 -12.61 24.23
CA LYS B 234 12.07 -12.65 25.20
C LYS B 234 12.95 -11.40 25.04
N THR B 235 13.07 -10.59 26.09
CA THR B 235 13.97 -9.46 26.11
C THR B 235 14.98 -9.72 27.21
N VAL B 236 16.04 -8.90 27.27
CA VAL B 236 17.13 -9.05 28.25
C VAL B 236 16.58 -9.09 29.74
N ARG B 237 15.40 -8.48 29.97
CA ARG B 237 14.73 -8.31 31.26
C ARG B 237 13.67 -9.37 31.63
N ASN B 238 12.99 -9.93 30.63
CA ASN B 238 11.89 -10.88 30.82
C ASN B 238 11.82 -11.83 29.62
N ASP B 239 11.82 -13.14 29.89
CA ASP B 239 11.69 -14.18 28.86
C ASP B 239 10.32 -14.13 28.22
N ASN B 240 9.34 -13.53 28.89
CA ASN B 240 8.00 -13.39 28.34
C ASN B 240 7.52 -11.95 28.38
N SER B 241 8.33 -11.01 27.84
CA SER B 241 7.94 -9.60 27.88
C SER B 241 6.72 -9.26 27.02
N SER B 242 5.78 -8.43 27.56
CA SER B 242 4.60 -7.92 26.87
C SER B 242 5.07 -6.73 26.02
N ARG B 243 4.95 -6.88 24.68
CA ARG B 243 5.39 -5.87 23.71
C ARG B 243 4.27 -4.95 23.28
N PHE B 244 3.13 -5.11 23.94
CA PHE B 244 1.92 -4.33 23.75
C PHE B 244 1.25 -4.24 25.11
N GLY B 245 0.45 -3.22 25.30
CA GLY B 245 -0.29 -3.06 26.55
C GLY B 245 -1.73 -3.40 26.32
N LYS B 246 -2.41 -3.92 27.35
CA LYS B 246 -3.83 -4.33 27.24
C LYS B 246 -4.67 -3.92 28.41
N PHE B 247 -5.99 -3.75 28.14
CA PHE B 247 -7.02 -3.43 29.12
C PHE B 247 -8.13 -4.41 28.92
N ILE B 248 -8.35 -5.31 29.91
CA ILE B 248 -9.39 -6.33 29.86
C ILE B 248 -10.57 -5.91 30.76
N ARG B 249 -11.77 -5.74 30.18
CA ARG B 249 -12.97 -5.42 30.96
C ARG B 249 -13.78 -6.69 31.12
N ILE B 250 -14.01 -7.13 32.37
CA ILE B 250 -14.77 -8.32 32.73
C ILE B 250 -16.17 -7.80 33.16
N HIS B 251 -17.19 -7.93 32.29
CA HIS B 251 -18.57 -7.44 32.49
C HIS B 251 -19.42 -8.38 33.28
N PHE B 252 -20.22 -7.80 34.18
CA PHE B 252 -21.10 -8.50 35.09
C PHE B 252 -22.54 -7.95 35.02
N GLY B 253 -23.50 -8.82 35.31
CA GLY B 253 -24.89 -8.44 35.40
C GLY B 253 -25.17 -7.85 36.78
N ALA B 254 -26.37 -7.27 36.96
CA ALA B 254 -26.79 -6.61 38.20
C ALA B 254 -26.57 -7.46 39.45
N THR B 255 -26.73 -8.78 39.33
CA THR B 255 -26.59 -9.75 40.44
C THR B 255 -25.13 -10.26 40.58
N GLY B 256 -24.21 -9.71 39.79
CA GLY B 256 -22.79 -10.06 39.84
C GLY B 256 -22.42 -11.34 39.13
N LYS B 257 -23.23 -11.75 38.12
CA LYS B 257 -22.99 -12.95 37.30
C LYS B 257 -22.11 -12.54 36.08
N LEU B 258 -21.04 -13.32 35.76
CA LEU B 258 -20.17 -13.01 34.62
C LEU B 258 -20.99 -12.97 33.31
N ALA B 259 -20.94 -11.85 32.59
CA ALA B 259 -21.75 -11.64 31.39
C ALA B 259 -20.97 -11.74 30.10
N SER B 260 -19.93 -10.92 29.94
CA SER B 260 -19.09 -10.82 28.77
C SER B 260 -17.71 -10.30 29.26
N ALA B 261 -16.77 -10.09 28.31
CA ALA B 261 -15.43 -9.57 28.52
C ALA B 261 -14.99 -8.98 27.20
N ASP B 262 -14.06 -8.01 27.24
CA ASP B 262 -13.51 -7.40 26.04
C ASP B 262 -12.08 -6.95 26.27
N ILE B 263 -11.27 -6.98 25.20
CA ILE B 263 -9.86 -6.61 25.20
C ILE B 263 -9.58 -5.42 24.27
N GLU B 264 -8.83 -4.42 24.76
CA GLU B 264 -8.35 -3.28 24.01
C GLU B 264 -6.84 -3.38 24.14
N THR B 265 -6.12 -3.39 23.02
CA THR B 265 -4.67 -3.46 23.06
C THR B 265 -4.11 -2.14 22.58
N TYR B 266 -2.86 -1.85 22.96
CA TYR B 266 -2.17 -0.61 22.68
C TYR B 266 -0.84 -0.83 22.00
N LEU B 267 -0.38 0.16 21.25
CA LEU B 267 0.84 0.17 20.46
C LEU B 267 1.73 -1.06 20.56
N LEU B 268 1.64 -1.98 19.56
CA LEU B 268 2.50 -3.17 19.48
C LEU B 268 3.87 -2.76 18.92
N GLU B 269 4.97 -3.38 19.44
CA GLU B 269 6.35 -3.11 19.04
C GLU B 269 6.60 -3.77 17.67
N LYS B 270 6.13 -3.10 16.61
CA LYS B 270 6.24 -3.49 15.21
C LYS B 270 7.67 -3.79 14.81
N SER B 271 8.64 -2.96 15.28
CA SER B 271 10.08 -3.07 14.97
C SER B 271 10.63 -4.49 15.10
N ARG B 272 10.20 -5.21 16.20
CA ARG B 272 10.63 -6.57 16.57
C ARG B 272 10.41 -7.58 15.49
N VAL B 273 9.32 -7.46 14.70
CA VAL B 273 9.00 -8.38 13.60
C VAL B 273 10.20 -8.61 12.66
N ILE B 274 10.96 -7.54 12.36
CA ILE B 274 12.07 -7.62 11.42
C ILE B 274 13.41 -7.27 12.06
N PHE B 275 13.44 -7.02 13.39
CA PHE B 275 14.68 -6.59 14.07
C PHE B 275 14.84 -7.10 15.49
N GLN B 276 16.06 -7.57 15.84
CA GLN B 276 16.36 -8.03 17.20
C GLN B 276 17.70 -7.55 17.67
N LEU B 277 17.77 -7.08 18.92
CA LEU B 277 19.04 -6.67 19.53
C LEU B 277 19.79 -7.92 19.99
N LYS B 278 21.02 -7.79 20.47
CA LYS B 278 21.84 -8.93 20.83
C LYS B 278 21.18 -9.97 21.75
N ALA B 279 20.47 -9.54 22.82
CA ALA B 279 19.91 -10.50 23.77
C ALA B 279 18.39 -10.70 23.73
N GLU B 280 17.81 -10.68 22.53
CA GLU B 280 16.37 -10.77 22.51
C GLU B 280 15.89 -11.53 21.33
N ARG B 281 14.64 -11.97 21.36
CA ARG B 281 14.06 -12.75 20.28
C ARG B 281 12.94 -11.99 19.61
N ASP B 282 12.52 -12.47 18.45
CA ASP B 282 11.35 -11.98 17.75
C ASP B 282 10.15 -12.59 18.56
N TYR B 283 8.94 -12.39 18.06
CA TYR B 283 7.76 -12.89 18.75
C TYR B 283 7.78 -14.40 18.90
N HIS B 284 7.27 -14.88 20.02
CA HIS B 284 7.29 -16.28 20.33
C HIS B 284 6.84 -17.18 19.18
N ILE B 285 5.75 -16.77 18.49
CA ILE B 285 5.08 -17.54 17.44
C ILE B 285 6.06 -18.14 16.42
N PHE B 286 7.06 -17.36 15.96
CA PHE B 286 8.04 -17.80 14.96
C PHE B 286 8.77 -19.05 15.38
N TYR B 287 9.20 -19.09 16.63
CA TYR B 287 9.94 -20.21 17.20
C TYR B 287 9.07 -21.38 17.60
N GLN B 288 7.80 -21.10 17.94
CA GLN B 288 6.82 -22.10 18.29
C GLN B 288 6.54 -22.89 17.01
N ILE B 289 6.32 -22.18 15.88
CA ILE B 289 6.07 -22.79 14.55
C ILE B 289 7.33 -23.59 14.13
N LEU B 290 8.51 -23.00 14.31
CA LEU B 290 9.74 -23.66 13.93
C LEU B 290 10.10 -24.89 14.80
N SER B 291 9.49 -25.02 15.99
CA SER B 291 9.72 -26.15 16.89
C SER B 291 9.50 -27.49 16.20
N ASN B 292 8.69 -27.51 15.11
CA ASN B 292 8.33 -28.68 14.33
C ASN B 292 7.50 -29.68 15.17
N LYS B 293 6.75 -29.17 16.18
CA LYS B 293 5.85 -29.98 17.02
C LYS B 293 4.69 -30.42 16.13
N LYS B 294 4.22 -29.49 15.25
CA LYS B 294 3.20 -29.74 14.23
C LYS B 294 3.96 -29.68 12.88
N PRO B 295 4.53 -30.81 12.37
CA PRO B 295 5.31 -30.77 11.11
C PRO B 295 4.54 -30.24 9.93
N GLU B 296 3.22 -30.46 9.92
CA GLU B 296 2.28 -30.00 8.91
C GLU B 296 2.37 -28.47 8.71
N LEU B 297 2.63 -27.71 9.80
CA LEU B 297 2.74 -26.25 9.71
C LEU B 297 3.92 -25.82 8.88
N LEU B 298 5.02 -26.58 8.95
CA LEU B 298 6.22 -26.29 8.18
C LEU B 298 5.98 -26.59 6.71
N ASP B 299 5.23 -27.66 6.43
CA ASP B 299 4.87 -28.03 5.05
C ASP B 299 3.93 -26.97 4.48
N MET B 300 2.92 -26.54 5.25
CA MET B 300 1.96 -25.51 4.83
C MET B 300 2.66 -24.17 4.52
N LEU B 301 3.56 -23.73 5.44
CA LEU B 301 4.29 -22.48 5.41
C LEU B 301 5.49 -22.47 4.46
N LEU B 302 5.84 -23.65 3.86
CA LEU B 302 6.96 -23.84 2.92
C LEU B 302 8.30 -23.38 3.53
N ILE B 303 8.47 -23.62 4.84
CA ILE B 303 9.64 -23.22 5.60
C ILE B 303 10.49 -24.42 6.05
N THR B 304 11.74 -24.16 6.46
CA THR B 304 12.67 -25.13 7.04
C THR B 304 12.42 -25.16 8.58
N ASN B 305 13.19 -25.94 9.35
CA ASN B 305 13.02 -25.98 10.80
C ASN B 305 14.12 -25.19 11.45
N ASN B 306 14.83 -24.37 10.65
CA ASN B 306 15.98 -23.61 11.09
C ASN B 306 15.72 -22.10 11.08
N PRO B 307 15.68 -21.48 12.28
CA PRO B 307 15.45 -20.02 12.34
C PRO B 307 16.54 -19.20 11.64
N TYR B 308 17.75 -19.76 11.50
CA TYR B 308 18.88 -19.05 10.90
C TYR B 308 18.77 -18.96 9.39
N ASP B 309 17.73 -19.60 8.83
CA ASP B 309 17.37 -19.51 7.42
C ASP B 309 16.43 -18.30 7.21
N TYR B 310 16.00 -17.61 8.31
CA TYR B 310 15.06 -16.49 8.24
C TYR B 310 15.64 -15.26 8.90
N ALA B 311 16.15 -14.34 8.06
CA ALA B 311 16.88 -13.17 8.47
C ALA B 311 16.11 -12.24 9.40
N PHE B 312 14.79 -12.14 9.24
CA PHE B 312 13.93 -11.26 10.02
C PHE B 312 13.89 -11.63 11.48
N ILE B 313 14.05 -12.94 11.81
CA ILE B 313 13.90 -13.53 13.16
C ILE B 313 15.24 -13.99 13.86
N SER B 314 16.33 -14.17 13.12
CA SER B 314 17.56 -14.74 13.63
C SER B 314 18.65 -13.77 14.06
N GLN B 315 18.33 -12.48 14.22
CA GLN B 315 19.33 -11.45 14.57
C GLN B 315 19.84 -11.51 16.02
N GLY B 316 18.93 -11.77 16.96
CA GLY B 316 19.28 -11.85 18.38
C GLY B 316 19.56 -13.28 18.78
N GLU B 317 18.64 -13.85 19.62
CA GLU B 317 18.63 -15.23 20.11
C GLU B 317 17.48 -15.94 19.44
N THR B 318 17.50 -17.30 19.44
CA THR B 318 16.47 -18.13 18.79
C THR B 318 15.87 -19.14 19.75
N THR B 319 16.55 -19.40 20.87
CA THR B 319 16.10 -20.31 21.92
C THR B 319 16.26 -19.68 23.28
N VAL B 320 15.29 -19.94 24.15
CA VAL B 320 15.31 -19.47 25.53
C VAL B 320 15.19 -20.70 26.43
N ALA B 321 16.06 -20.77 27.45
CA ALA B 321 16.15 -21.88 28.39
C ALA B 321 14.84 -22.13 29.10
N SER B 322 14.23 -21.05 29.60
CA SER B 322 12.98 -21.13 30.32
C SER B 322 11.75 -21.51 29.43
N ILE B 323 11.86 -21.37 28.08
CA ILE B 323 10.78 -21.58 27.10
C ILE B 323 10.89 -22.90 26.28
N ASP B 324 9.81 -23.74 26.32
CA ASP B 324 9.69 -24.94 25.48
C ASP B 324 8.77 -24.53 24.36
N ASP B 325 9.33 -24.14 23.21
CA ASP B 325 8.55 -23.68 22.07
C ASP B 325 7.60 -24.73 21.51
N ALA B 326 7.93 -26.03 21.67
CA ALA B 326 7.06 -27.11 21.21
C ALA B 326 5.80 -27.10 22.06
N GLU B 327 5.95 -27.12 23.38
CA GLU B 327 4.85 -27.10 24.33
C GLU B 327 4.02 -25.85 24.19
N GLU B 328 4.67 -24.71 23.95
CA GLU B 328 3.98 -23.43 23.76
C GLU B 328 3.18 -23.37 22.48
N LEU B 329 3.67 -24.02 21.38
CA LEU B 329 2.91 -24.06 20.11
C LEU B 329 1.59 -24.76 20.33
N MET B 330 1.61 -25.85 21.11
CA MET B 330 0.43 -26.64 21.45
C MET B 330 -0.52 -25.75 22.25
N ALA B 331 0.04 -24.94 23.17
CA ALA B 331 -0.76 -24.02 23.99
C ALA B 331 -1.46 -22.99 23.10
N THR B 332 -0.72 -22.42 22.13
CA THR B 332 -1.24 -21.46 21.17
C THR B 332 -2.36 -22.09 20.33
N ASP B 333 -2.06 -23.21 19.67
CA ASP B 333 -3.01 -23.88 18.78
C ASP B 333 -4.35 -24.22 19.48
N ASN B 334 -4.27 -24.70 20.73
CA ASN B 334 -5.42 -25.03 21.55
C ASN B 334 -6.22 -23.78 21.96
N ALA B 335 -5.54 -22.68 22.32
CA ALA B 335 -6.17 -21.40 22.67
C ALA B 335 -7.12 -21.03 21.51
N PHE B 336 -6.64 -21.08 20.25
CA PHE B 336 -7.40 -20.74 19.06
C PHE B 336 -8.60 -21.64 18.89
N ASP B 337 -8.45 -22.95 19.22
CA ASP B 337 -9.56 -23.92 19.20
C ASP B 337 -10.63 -23.51 20.22
N VAL B 338 -10.23 -23.23 21.48
CA VAL B 338 -11.14 -22.83 22.57
C VAL B 338 -11.90 -21.53 22.23
N LEU B 339 -11.18 -20.52 21.70
CA LEU B 339 -11.76 -19.24 21.28
C LEU B 339 -12.63 -19.42 20.01
N GLY B 340 -12.72 -20.68 19.54
CA GLY B 340 -13.52 -21.03 18.39
C GLY B 340 -13.07 -20.50 17.04
N PHE B 341 -11.74 -20.39 16.81
CA PHE B 341 -11.25 -19.98 15.50
C PHE B 341 -11.44 -21.17 14.55
N THR B 342 -11.84 -20.90 13.29
CA THR B 342 -12.00 -21.95 12.29
C THR B 342 -10.61 -22.41 11.86
N THR B 343 -10.53 -23.54 11.13
CA THR B 343 -9.25 -24.03 10.61
C THR B 343 -8.70 -23.04 9.58
N GLU B 344 -9.59 -22.44 8.78
CA GLU B 344 -9.26 -21.44 7.78
C GLU B 344 -8.63 -20.21 8.51
N GLU B 345 -9.23 -19.77 9.65
CA GLU B 345 -8.75 -18.64 10.41
C GLU B 345 -7.35 -18.88 11.00
N LYS B 346 -7.16 -20.06 11.59
CA LYS B 346 -5.89 -20.46 12.21
C LYS B 346 -4.81 -20.54 11.13
N ASN B 347 -5.07 -21.29 10.04
CA ASN B 347 -4.11 -21.43 8.96
C ASN B 347 -3.84 -20.11 8.26
N SER B 348 -4.81 -19.19 8.21
CA SER B 348 -4.57 -17.88 7.57
C SER B 348 -3.50 -17.09 8.34
N MET B 349 -3.53 -17.18 9.67
CA MET B 349 -2.55 -16.57 10.56
C MET B 349 -1.24 -17.27 10.41
N TYR B 350 -1.24 -18.61 10.35
CA TYR B 350 0.01 -19.34 10.15
C TYR B 350 0.67 -19.04 8.78
N LYS B 351 -0.10 -19.10 7.67
CA LYS B 351 0.37 -18.80 6.32
C LYS B 351 0.92 -17.36 6.26
N LEU B 352 0.25 -16.37 6.89
CA LEU B 352 0.76 -14.99 6.87
C LEU B 352 2.02 -14.82 7.71
N THR B 353 2.22 -15.63 8.77
CA THR B 353 3.43 -15.60 9.59
C THR B 353 4.60 -16.14 8.77
N GLY B 354 4.35 -17.22 8.03
CA GLY B 354 5.32 -17.84 7.14
C GLY B 354 5.69 -16.90 6.02
N ALA B 355 4.69 -16.17 5.47
CA ALA B 355 4.88 -15.21 4.37
C ALA B 355 5.81 -14.11 4.82
N ILE B 356 5.64 -13.64 6.08
CA ILE B 356 6.48 -12.60 6.69
C ILE B 356 7.93 -13.13 6.75
N MET B 357 8.11 -14.43 7.16
CA MET B 357 9.41 -15.11 7.26
C MET B 357 10.13 -15.13 5.92
N HIS B 358 9.39 -15.41 4.82
CA HIS B 358 9.90 -15.47 3.44
C HIS B 358 10.19 -14.10 2.89
N PHE B 359 9.40 -13.08 3.28
CA PHE B 359 9.56 -11.69 2.83
C PHE B 359 10.98 -11.19 3.11
N GLY B 360 11.49 -11.58 4.27
CA GLY B 360 12.83 -11.22 4.73
C GLY B 360 13.93 -11.75 3.88
N ASN B 361 13.67 -12.89 3.22
CA ASN B 361 14.64 -13.58 2.39
C ASN B 361 14.64 -13.15 0.93
N MET B 362 13.73 -12.24 0.52
CA MET B 362 13.69 -11.70 -0.83
C MET B 362 14.88 -10.79 -1.00
N LYS B 363 15.74 -11.10 -1.97
CA LYS B 363 16.97 -10.37 -2.21
C LYS B 363 16.87 -9.55 -3.46
N PHE B 364 17.54 -8.38 -3.41
CA PHE B 364 17.57 -7.40 -4.50
C PHE B 364 19.00 -6.98 -4.85
N LYS B 365 19.22 -6.71 -6.13
CA LYS B 365 20.51 -6.29 -6.63
C LYS B 365 20.33 -5.07 -7.51
N LEU B 366 21.42 -4.34 -7.77
CA LEU B 366 21.35 -3.19 -8.65
C LEU B 366 21.41 -3.56 -10.14
N LYS B 367 20.56 -2.88 -10.95
CA LYS B 367 20.53 -2.99 -12.42
C LYS B 367 21.89 -2.47 -12.87
N GLN B 368 22.65 -3.23 -13.70
CA GLN B 368 24.00 -2.84 -14.13
C GLN B 368 24.10 -1.40 -14.64
N ARG B 369 23.05 -0.96 -15.36
CA ARG B 369 22.93 0.37 -15.94
C ARG B 369 22.82 1.54 -14.90
N GLU B 370 21.73 1.53 -14.08
CA GLU B 370 21.31 2.58 -13.12
C GLU B 370 21.34 2.22 -11.60
N GLU B 371 20.96 3.23 -10.75
CA GLU B 371 20.82 3.18 -9.29
C GLU B 371 19.41 2.70 -8.94
N GLN B 372 19.03 1.55 -9.53
CA GLN B 372 17.72 0.93 -9.42
C GLN B 372 17.84 -0.54 -9.06
N ALA B 373 16.97 -0.99 -8.15
CA ALA B 373 16.90 -2.36 -7.69
C ALA B 373 16.12 -3.20 -8.66
N GLU B 374 16.50 -4.47 -8.73
CA GLU B 374 15.85 -5.53 -9.49
C GLU B 374 15.96 -6.82 -8.66
N PRO B 375 15.06 -7.81 -8.81
CA PRO B 375 15.18 -9.01 -7.98
C PRO B 375 16.41 -9.85 -8.22
N ASP B 376 17.00 -10.35 -7.11
CA ASP B 376 18.10 -11.27 -7.12
C ASP B 376 17.43 -12.66 -6.89
N GLY B 377 16.73 -13.13 -7.91
CA GLY B 377 16.00 -14.39 -7.91
C GLY B 377 14.54 -14.20 -7.55
N THR B 378 13.76 -15.30 -7.55
CA THR B 378 12.33 -15.27 -7.23
C THR B 378 11.82 -16.34 -6.26
N GLU B 379 12.65 -17.31 -5.85
CA GLU B 379 12.15 -18.44 -5.07
C GLU B 379 11.38 -18.06 -3.80
N GLU B 380 11.93 -17.17 -2.96
CA GLU B 380 11.29 -16.67 -1.74
C GLU B 380 10.15 -15.74 -2.04
N ALA B 381 10.22 -15.02 -3.18
CA ALA B 381 9.14 -14.13 -3.61
C ALA B 381 7.93 -14.95 -4.04
N ASP B 382 8.16 -16.10 -4.69
CA ASP B 382 7.12 -17.04 -5.14
C ASP B 382 6.42 -17.64 -3.94
N LYS B 383 7.20 -18.06 -2.90
CA LYS B 383 6.71 -18.64 -1.66
C LYS B 383 5.88 -17.62 -0.90
N SER B 384 6.38 -16.36 -0.76
CA SER B 384 5.66 -15.27 -0.13
C SER B 384 4.33 -14.98 -0.85
N ALA B 385 4.39 -14.77 -2.17
CA ALA B 385 3.20 -14.46 -2.96
C ALA B 385 2.20 -15.63 -2.93
N TYR B 386 2.69 -16.87 -2.94
CA TYR B 386 1.79 -18.01 -2.88
C TYR B 386 0.97 -17.95 -1.60
N LEU B 387 1.62 -17.79 -0.43
CA LEU B 387 0.98 -17.72 0.89
C LEU B 387 0.03 -16.51 1.05
N MET B 388 0.41 -15.36 0.44
CA MET B 388 -0.33 -14.09 0.51
C MET B 388 -1.39 -13.89 -0.60
N GLY B 389 -1.59 -14.91 -1.42
CA GLY B 389 -2.59 -14.86 -2.49
C GLY B 389 -2.36 -13.77 -3.50
N LEU B 390 -1.07 -13.57 -3.88
CA LEU B 390 -0.61 -12.54 -4.81
C LEU B 390 0.12 -13.17 -5.96
N ASN B 391 0.33 -12.38 -7.04
CA ASN B 391 1.10 -12.78 -8.19
C ASN B 391 2.52 -12.33 -7.89
N SER B 392 3.49 -13.27 -7.87
CA SER B 392 4.86 -12.91 -7.54
C SER B 392 5.44 -11.82 -8.46
N ALA B 393 5.06 -11.84 -9.76
CA ALA B 393 5.54 -10.80 -10.70
C ALA B 393 5.07 -9.40 -10.30
N ASP B 394 3.78 -9.25 -9.90
CA ASP B 394 3.19 -8.00 -9.46
C ASP B 394 3.88 -7.49 -8.20
N LEU B 395 4.20 -8.41 -7.25
CA LEU B 395 4.91 -8.11 -6.00
C LEU B 395 6.34 -7.56 -6.29
N LEU B 396 7.10 -8.19 -7.17
CA LEU B 396 8.44 -7.74 -7.48
C LEU B 396 8.42 -6.42 -8.26
N LYS B 397 7.50 -6.31 -9.24
CA LYS B 397 7.30 -5.09 -10.06
C LYS B 397 6.89 -3.88 -9.18
N GLY B 398 6.05 -4.14 -8.18
CA GLY B 398 5.53 -3.12 -7.26
C GLY B 398 6.50 -2.69 -6.21
N LEU B 399 7.45 -3.58 -5.83
CA LEU B 399 8.48 -3.26 -4.84
C LEU B 399 9.58 -2.45 -5.49
N CYS B 400 9.90 -2.76 -6.76
CA CYS B 400 10.96 -2.06 -7.46
C CYS B 400 10.52 -0.76 -8.09
N HIS B 401 9.29 -0.74 -8.66
CA HIS B 401 8.77 0.42 -9.38
C HIS B 401 7.41 0.82 -8.87
N PRO B 402 7.31 1.39 -7.64
CA PRO B 402 5.99 1.76 -7.12
C PRO B 402 5.38 2.95 -7.83
N ARG B 403 4.06 2.90 -8.09
CA ARG B 403 3.35 4.03 -8.72
C ARG B 403 3.07 5.02 -7.58
N VAL B 404 3.22 6.33 -7.89
CA VAL B 404 2.95 7.48 -7.03
C VAL B 404 2.12 8.50 -7.82
N LYS B 405 1.00 8.92 -7.19
CA LYS B 405 0.02 9.85 -7.76
C LYS B 405 0.42 11.34 -7.58
N VAL B 406 1.09 11.89 -8.60
CA VAL B 406 1.54 13.28 -8.65
C VAL B 406 0.57 13.99 -9.63
N GLY B 407 -0.37 14.74 -9.05
CA GLY B 407 -1.45 15.40 -9.77
C GLY B 407 -2.49 14.35 -10.12
N ASN B 408 -3.16 14.50 -11.29
CA ASN B 408 -4.13 13.49 -11.76
C ASN B 408 -3.31 12.29 -12.31
N GLU B 409 -2.00 12.56 -12.63
CA GLU B 409 -1.04 11.60 -13.16
C GLU B 409 -0.46 10.60 -12.16
N TYR B 410 -0.35 9.35 -12.63
CA TYR B 410 0.23 8.21 -11.90
C TYR B 410 1.59 8.03 -12.51
N VAL B 411 2.63 8.42 -11.77
CA VAL B 411 4.02 8.29 -12.19
C VAL B 411 4.74 7.20 -11.39
N THR B 412 5.53 6.33 -12.05
CA THR B 412 6.27 5.32 -11.30
C THR B 412 7.54 5.93 -10.79
N LYS B 413 7.83 5.62 -9.54
CA LYS B 413 8.98 6.03 -8.77
C LYS B 413 10.09 4.98 -9.00
N GLY B 414 11.32 5.41 -8.83
CA GLY B 414 12.48 4.53 -8.91
C GLY B 414 12.80 4.09 -7.51
N GLN B 415 13.48 2.96 -7.33
CA GLN B 415 13.86 2.50 -6.00
C GLN B 415 15.23 1.85 -6.04
N ASN B 416 16.15 2.28 -5.16
CA ASN B 416 17.47 1.66 -5.08
C ASN B 416 17.26 0.40 -4.20
N VAL B 417 18.33 -0.38 -3.96
CA VAL B 417 18.21 -1.62 -3.19
C VAL B 417 17.84 -1.37 -1.70
N GLN B 418 18.45 -0.38 -1.04
CA GLN B 418 18.16 -0.07 0.37
C GLN B 418 16.69 0.34 0.58
N GLN B 419 16.12 1.03 -0.41
CA GLN B 419 14.74 1.51 -0.37
C GLN B 419 13.79 0.33 -0.49
N VAL B 420 14.12 -0.69 -1.31
CA VAL B 420 13.27 -1.87 -1.50
C VAL B 420 13.32 -2.71 -0.21
N VAL B 421 14.57 -2.83 0.37
CA VAL B 421 14.89 -3.50 1.65
C VAL B 421 14.07 -2.86 2.78
N TYR B 422 13.88 -1.55 2.74
CA TYR B 422 13.10 -0.85 3.77
C TYR B 422 11.61 -1.08 3.56
N ALA B 423 11.14 -1.01 2.30
CA ALA B 423 9.76 -1.06 1.88
C ALA B 423 9.10 -2.34 2.23
N LYS B 424 9.72 -3.49 1.83
CA LYS B 424 9.39 -4.86 2.25
C LYS B 424 9.98 -4.83 3.63
N GLY B 425 9.40 -5.46 4.60
CA GLY B 425 10.01 -5.18 5.90
C GLY B 425 9.10 -4.18 6.60
N ALA B 426 8.88 -2.99 5.98
CA ALA B 426 7.86 -2.07 6.47
C ALA B 426 6.49 -2.69 6.17
N LEU B 427 6.33 -3.38 5.05
CA LEU B 427 5.10 -4.10 4.68
C LEU B 427 4.91 -5.31 5.59
N ALA B 428 6.01 -5.99 5.95
CA ALA B 428 5.99 -7.14 6.86
C ALA B 428 5.50 -6.69 8.26
N LYS B 429 6.00 -5.53 8.81
CA LYS B 429 5.57 -4.94 10.11
C LYS B 429 4.07 -4.62 10.02
N ALA B 430 3.62 -4.01 8.90
CA ALA B 430 2.22 -3.67 8.65
C ALA B 430 1.33 -4.91 8.65
N VAL B 431 1.68 -5.97 7.87
CA VAL B 431 0.89 -7.22 7.86
C VAL B 431 0.81 -7.80 9.28
N TYR B 432 1.94 -7.86 10.00
CA TYR B 432 2.00 -8.42 11.33
C TYR B 432 1.14 -7.67 12.35
N GLU B 433 1.30 -6.34 12.45
CA GLU B 433 0.55 -5.44 13.34
C GLU B 433 -0.96 -5.54 13.06
N ARG B 434 -1.34 -5.51 11.78
CA ARG B 434 -2.73 -5.63 11.37
C ARG B 434 -3.31 -7.04 11.64
N MET B 435 -2.46 -8.09 11.51
CA MET B 435 -2.84 -9.48 11.80
C MET B 435 -3.12 -9.59 13.30
N PHE B 436 -2.34 -8.87 14.11
CA PHE B 436 -2.51 -8.86 15.57
C PHE B 436 -3.86 -8.23 15.93
N ASN B 437 -4.16 -7.04 15.35
CA ASN B 437 -5.43 -6.33 15.56
C ASN B 437 -6.63 -7.18 15.10
N TRP B 438 -6.43 -8.00 14.06
CA TRP B 438 -7.46 -8.90 13.53
C TRP B 438 -7.80 -9.89 14.59
N MET B 439 -6.76 -10.46 15.21
CA MET B 439 -6.91 -11.47 16.24
C MET B 439 -7.60 -10.94 17.50
N VAL B 440 -7.33 -9.67 17.88
CA VAL B 440 -7.96 -9.04 19.04
C VAL B 440 -9.47 -8.84 18.76
N THR B 441 -9.81 -8.31 17.55
CA THR B 441 -11.20 -8.09 17.10
C THR B 441 -11.93 -9.41 17.03
N ARG B 442 -11.23 -10.46 16.57
CA ARG B 442 -11.79 -11.82 16.50
C ARG B 442 -12.09 -12.42 17.88
N ILE B 443 -11.17 -12.24 18.86
CA ILE B 443 -11.29 -12.73 20.24
C ILE B 443 -12.49 -12.02 20.89
N ASN B 444 -12.54 -10.68 20.77
CA ASN B 444 -13.62 -9.82 21.28
C ASN B 444 -14.99 -10.26 20.77
N ALA B 445 -15.01 -10.76 19.52
CA ALA B 445 -16.21 -11.29 18.88
C ALA B 445 -16.72 -12.55 19.58
N THR B 446 -15.81 -13.43 20.06
CA THR B 446 -16.19 -14.66 20.77
C THR B 446 -16.64 -14.32 22.18
N LEU B 447 -15.92 -13.36 22.81
CA LEU B 447 -16.13 -12.92 24.17
C LEU B 447 -17.39 -12.09 24.36
N GLU B 448 -17.92 -11.49 23.29
CA GLU B 448 -19.18 -10.74 23.35
C GLU B 448 -20.34 -11.75 23.35
N THR B 449 -21.16 -11.73 24.39
CA THR B 449 -22.22 -12.72 24.53
C THR B 449 -23.64 -12.19 24.33
N LYS B 450 -23.79 -10.86 24.28
CA LYS B 450 -25.10 -10.19 24.11
C LYS B 450 -26.01 -10.37 25.39
N GLN B 451 -25.47 -11.01 26.47
CA GLN B 451 -26.06 -11.16 27.81
C GLN B 451 -26.04 -9.76 28.46
N PRO B 452 -26.99 -9.43 29.40
CA PRO B 452 -27.02 -8.09 29.98
C PRO B 452 -25.87 -7.79 30.94
N ARG B 453 -25.31 -6.59 30.79
CA ARG B 453 -24.19 -6.09 31.57
C ARG B 453 -24.68 -4.87 32.35
N GLN B 454 -24.10 -4.64 33.51
CA GLN B 454 -24.39 -3.46 34.34
C GLN B 454 -23.09 -2.73 34.62
N TYR B 455 -22.06 -3.49 35.02
CA TYR B 455 -20.76 -2.97 35.39
C TYR B 455 -19.69 -3.91 34.92
N PHE B 456 -18.42 -3.47 35.05
CA PHE B 456 -17.24 -4.24 34.70
C PHE B 456 -16.14 -3.98 35.73
N ILE B 457 -15.11 -4.84 35.69
CA ILE B 457 -13.90 -4.75 36.47
C ILE B 457 -12.83 -4.83 35.40
N GLY B 458 -12.20 -3.70 35.10
CA GLY B 458 -11.17 -3.66 34.06
C GLY B 458 -9.78 -3.87 34.64
N VAL B 459 -8.96 -4.71 34.01
CA VAL B 459 -7.58 -4.99 34.42
C VAL B 459 -6.60 -4.37 33.41
N LEU B 460 -5.61 -3.59 33.89
CA LEU B 460 -4.64 -2.94 33.02
C LEU B 460 -3.28 -3.59 33.13
N ASP B 461 -2.79 -4.18 32.01
CA ASP B 461 -1.46 -4.79 31.91
C ASP B 461 -0.64 -4.08 30.82
N ILE B 462 0.21 -3.13 31.23
CA ILE B 462 1.01 -2.35 30.27
C ILE B 462 2.38 -2.95 30.07
N ALA B 463 3.08 -2.55 28.99
CA ALA B 463 4.45 -2.97 28.77
C ALA B 463 5.26 -2.18 29.83
N GLY B 464 5.97 -2.92 30.69
CA GLY B 464 6.75 -2.35 31.78
C GLY B 464 7.95 -1.50 31.40
N PHE B 465 8.36 -0.66 32.37
CA PHE B 465 9.50 0.22 32.23
C PHE B 465 10.77 -0.62 31.93
N GLU B 466 11.46 -0.27 30.83
CA GLU B 466 12.67 -0.97 30.42
C GLU B 466 13.78 -0.02 30.04
N ILE B 467 15.02 -0.45 30.32
CA ILE B 467 16.20 0.27 29.90
C ILE B 467 17.12 -0.76 29.24
N PHE B 468 17.43 -0.55 27.95
CA PHE B 468 18.33 -1.42 27.17
C PHE B 468 19.66 -0.66 26.98
N ASP B 469 20.65 -1.29 26.32
CA ASP B 469 21.90 -0.59 25.98
C ASP B 469 21.58 0.32 24.79
N PHE B 470 20.49 -0.03 24.07
CA PHE B 470 19.95 0.69 22.93
C PHE B 470 18.48 1.03 23.14
N ASN B 471 18.21 2.30 23.52
CA ASN B 471 16.83 2.79 23.71
C ASN B 471 16.50 3.73 22.56
N SER B 472 15.32 3.54 21.97
CA SER B 472 14.81 4.28 20.82
C SER B 472 13.34 4.63 21.04
N PHE B 473 12.64 4.99 19.96
CA PHE B 473 11.24 5.41 19.90
C PHE B 473 10.33 4.41 20.62
N GLU B 474 10.56 3.13 20.39
CA GLU B 474 9.87 1.99 21.00
C GLU B 474 9.90 2.13 22.52
N GLN B 475 11.11 2.34 23.09
CA GLN B 475 11.31 2.53 24.53
C GLN B 475 10.69 3.81 25.05
N LEU B 476 10.71 4.93 24.26
CA LEU B 476 10.08 6.17 24.73
C LEU B 476 8.56 5.97 24.89
N CYS B 477 7.90 5.33 23.88
CA CYS B 477 6.47 5.05 23.96
C CYS B 477 6.14 4.21 25.19
N ILE B 478 6.90 3.09 25.40
CA ILE B 478 6.77 2.16 26.54
C ILE B 478 6.91 2.88 27.88
N ASN B 479 8.04 3.58 28.08
CA ASN B 479 8.34 4.29 29.33
C ASN B 479 7.39 5.46 29.61
N PHE B 480 6.93 6.16 28.54
CA PHE B 480 5.98 7.26 28.65
C PHE B 480 4.69 6.78 29.33
N THR B 481 4.19 5.58 28.91
CA THR B 481 2.99 4.94 29.50
C THR B 481 3.18 4.68 30.99
N ASN B 482 4.35 4.11 31.37
CA ASN B 482 4.71 3.82 32.77
C ASN B 482 4.66 5.12 33.60
N GLU B 483 5.26 6.23 33.07
CA GLU B 483 5.26 7.56 33.69
C GLU B 483 3.83 8.02 33.85
N LYS B 484 3.02 7.96 32.76
CA LYS B 484 1.60 8.34 32.77
C LYS B 484 0.75 7.55 33.77
N LEU B 485 1.01 6.24 33.93
CA LEU B 485 0.30 5.40 34.91
C LEU B 485 0.74 5.75 36.34
N GLN B 486 2.07 5.99 36.56
CA GLN B 486 2.59 6.37 37.87
C GLN B 486 1.94 7.66 38.30
N GLN B 487 1.79 8.64 37.36
CA GLN B 487 1.14 9.91 37.67
C GLN B 487 -0.38 9.73 37.89
N PHE B 488 -1.01 8.67 37.30
CA PHE B 488 -2.42 8.36 37.59
C PHE B 488 -2.53 7.98 39.07
N PHE B 489 -1.57 7.17 39.57
CA PHE B 489 -1.50 6.78 40.97
C PHE B 489 -1.29 7.99 41.85
N ASN B 490 -0.31 8.86 41.52
CA ASN B 490 -0.03 10.09 42.27
C ASN B 490 -1.27 11.00 42.35
N HIS B 491 -1.91 11.28 41.21
CA HIS B 491 -3.08 12.15 41.14
C HIS B 491 -4.22 11.60 41.97
N HIS B 492 -4.50 10.31 41.84
CA HIS B 492 -5.56 9.68 42.59
C HIS B 492 -5.30 9.70 44.10
N MET B 493 -4.10 9.26 44.54
CA MET B 493 -3.70 9.10 45.93
C MET B 493 -3.47 10.39 46.70
N PHE B 494 -2.80 11.36 46.06
CA PHE B 494 -2.39 12.58 46.73
C PHE B 494 -3.14 13.83 46.33
N VAL B 495 -3.58 13.93 45.05
CA VAL B 495 -4.27 15.13 44.60
C VAL B 495 -5.77 15.05 44.81
N LEU B 496 -6.47 14.08 44.18
CA LEU B 496 -7.92 13.96 44.34
C LEU B 496 -8.31 13.68 45.75
N GLU B 497 -7.56 12.80 46.42
CA GLU B 497 -7.79 12.44 47.79
C GLU B 497 -7.95 13.68 48.64
N GLN B 498 -6.96 14.57 48.62
CA GLN B 498 -6.97 15.82 49.40
C GLN B 498 -8.03 16.82 48.90
N GLU B 499 -8.29 16.88 47.59
CA GLU B 499 -9.32 17.76 47.02
C GLU B 499 -10.71 17.32 47.44
N GLU B 500 -10.91 16.01 47.70
CA GLU B 500 -12.16 15.43 48.19
C GLU B 500 -12.42 15.94 49.59
N TYR B 501 -11.39 15.93 50.45
CA TYR B 501 -11.54 16.40 51.83
C TYR B 501 -12.01 17.83 51.82
N LYS B 502 -11.40 18.69 50.97
CA LYS B 502 -11.77 20.11 50.89
C LYS B 502 -13.19 20.31 50.30
N LYS B 503 -13.49 19.56 49.23
CA LYS B 503 -14.75 19.52 48.47
C LYS B 503 -15.92 19.23 49.41
N GLU B 504 -15.72 18.31 50.36
CA GLU B 504 -16.70 17.89 51.36
C GLU B 504 -16.69 18.75 52.65
N GLY B 505 -15.78 19.71 52.70
CA GLY B 505 -15.66 20.60 53.83
C GLY B 505 -15.05 19.98 55.07
N ILE B 506 -14.27 18.92 54.89
CA ILE B 506 -13.56 18.23 55.97
C ILE B 506 -12.31 19.08 56.26
N GLU B 507 -12.06 19.37 57.53
CA GLU B 507 -10.93 20.17 57.99
C GLU B 507 -9.66 19.43 57.64
N TRP B 508 -8.91 19.96 56.69
CA TRP B 508 -7.69 19.36 56.22
C TRP B 508 -6.64 20.40 55.85
N GLU B 509 -5.39 20.14 56.24
CA GLU B 509 -4.23 20.94 55.85
C GLU B 509 -3.54 20.18 54.72
N PHE B 510 -3.36 20.80 53.54
CA PHE B 510 -2.72 20.16 52.38
C PHE B 510 -1.33 19.66 52.69
N ILE B 511 -0.94 18.52 52.09
CA ILE B 511 0.37 17.87 52.22
C ILE B 511 1.02 17.66 50.84
N ASP B 512 2.23 18.20 50.68
CA ASP B 512 2.99 17.99 49.45
C ASP B 512 3.85 16.75 49.64
N PHE B 513 3.41 15.62 49.06
CA PHE B 513 4.12 14.34 49.12
C PHE B 513 5.33 14.26 48.13
N GLY B 514 5.46 15.29 47.30
CA GLY B 514 6.52 15.35 46.31
C GLY B 514 6.38 14.25 45.27
N MET B 515 5.11 13.94 44.93
CA MET B 515 4.70 12.96 43.93
C MET B 515 3.94 13.73 42.83
N ASP B 516 4.71 14.28 41.91
CA ASP B 516 4.21 15.01 40.77
C ASP B 516 5.23 14.81 39.67
N LEU B 517 4.81 14.18 38.55
CA LEU B 517 5.64 13.89 37.38
C LEU B 517 5.17 14.71 36.20
N GLN B 518 4.34 15.74 36.45
CA GLN B 518 3.81 16.57 35.37
C GLN B 518 4.92 17.19 34.59
N ALA B 519 6.01 17.57 35.26
CA ALA B 519 7.15 18.16 34.58
C ALA B 519 7.65 17.27 33.42
N CYS B 520 7.90 15.96 33.71
CA CYS B 520 8.39 14.98 32.74
C CYS B 520 7.35 14.65 31.69
N ILE B 521 6.11 14.41 32.11
CA ILE B 521 5.01 14.11 31.19
C ILE B 521 4.86 15.25 30.17
N ASP B 522 4.97 16.51 30.65
CA ASP B 522 4.87 17.70 29.82
C ASP B 522 5.99 17.75 28.80
N LEU B 523 7.25 17.40 29.20
CA LEU B 523 8.40 17.36 28.28
C LEU B 523 8.11 16.36 27.12
N ILE B 524 7.30 15.31 27.39
CA ILE B 524 6.99 14.31 26.38
C ILE B 524 5.75 14.71 25.57
N GLU B 525 4.56 14.79 26.21
CA GLU B 525 3.29 15.01 25.49
C GLU B 525 2.87 16.45 25.15
N LYS B 526 3.20 17.45 25.97
CA LYS B 526 2.69 18.81 25.72
C LYS B 526 3.28 19.45 24.45
N PRO B 527 2.64 20.52 23.89
CA PRO B 527 3.17 21.15 22.67
C PRO B 527 4.58 21.64 22.89
N MET B 528 5.40 21.50 21.84
CA MET B 528 6.82 21.80 21.81
C MET B 528 7.66 20.75 22.58
N GLY B 529 6.98 19.69 23.06
CA GLY B 529 7.60 18.56 23.75
C GLY B 529 8.28 17.63 22.76
N ILE B 530 8.91 16.55 23.25
CA ILE B 530 9.61 15.60 22.39
C ILE B 530 8.70 15.10 21.26
N MET B 531 7.50 14.56 21.61
CA MET B 531 6.52 14.06 20.64
C MET B 531 6.04 15.18 19.73
N SER B 532 5.78 16.38 20.27
CA SER B 532 5.31 17.48 19.45
C SER B 532 6.35 17.90 18.43
N ILE B 533 7.62 18.05 18.85
CA ILE B 533 8.74 18.41 17.97
C ILE B 533 8.87 17.37 16.84
N LEU B 534 8.78 16.07 17.19
CA LEU B 534 8.82 14.94 16.25
C LEU B 534 7.67 15.02 15.25
N GLU B 535 6.44 15.30 15.73
CA GLU B 535 5.24 15.41 14.89
C GLU B 535 5.28 16.60 13.94
N GLU B 536 5.88 17.73 14.40
CA GLU B 536 6.06 18.95 13.63
C GLU B 536 7.10 18.66 12.52
N GLU B 537 8.21 17.97 12.87
CA GLU B 537 9.28 17.62 11.95
C GLU B 537 8.84 16.67 10.86
N CYS B 538 7.82 15.84 11.11
CA CYS B 538 7.25 14.90 10.14
C CYS B 538 6.58 15.63 8.96
N MET B 539 6.11 16.86 9.19
CA MET B 539 5.48 17.75 8.20
C MET B 539 6.45 18.23 7.11
N PHE B 540 7.72 18.47 7.47
CA PHE B 540 8.76 18.94 6.56
C PHE B 540 9.48 17.75 5.91
N PRO B 541 9.51 17.67 4.56
CA PRO B 541 10.17 16.52 3.91
C PRO B 541 11.70 16.67 3.86
N LYS B 542 12.21 17.92 3.94
CA LYS B 542 13.63 18.28 4.00
C LYS B 542 14.24 17.83 5.36
N ALA B 543 13.39 17.65 6.41
CA ALA B 543 13.79 17.28 7.76
C ALA B 543 14.57 15.97 7.85
N THR B 544 15.60 15.95 8.71
CA THR B 544 16.46 14.78 8.98
C THR B 544 16.52 14.46 10.47
N ASP B 545 17.19 13.35 10.81
CA ASP B 545 17.38 12.90 12.19
C ASP B 545 18.15 13.97 12.95
N MET B 546 19.13 14.59 12.29
CA MET B 546 19.91 15.65 12.92
C MET B 546 19.14 16.96 13.07
N THR B 547 18.20 17.28 12.14
CA THR B 547 17.44 18.52 12.29
C THR B 547 16.51 18.39 13.47
N PHE B 548 15.94 17.18 13.69
CA PHE B 548 15.06 16.84 14.83
C PHE B 548 15.85 16.94 16.13
N ALA B 550 18.61 18.58 16.70
CA ALA B 550 18.87 20.01 16.85
C ALA B 550 17.68 20.73 17.47
N LYS B 551 16.43 20.48 16.99
CA LYS B 551 15.23 21.13 17.52
C LYS B 551 14.99 20.78 18.98
N LEU B 552 15.15 19.48 19.32
CA LEU B 552 14.98 18.99 20.68
C LEU B 552 15.91 19.77 21.60
N PHE B 553 17.22 19.74 21.30
CA PHE B 553 18.25 20.41 22.08
C PHE B 553 18.01 21.88 22.26
N ASP B 554 17.65 22.59 21.16
CA ASP B 554 17.39 24.03 21.18
C ASP B 554 16.29 24.38 22.19
N ASN B 555 15.16 23.69 22.05
CA ASN B 555 13.97 23.90 22.86
C ASN B 555 14.06 23.41 24.31
N HIS B 556 14.92 22.40 24.63
CA HIS B 556 14.91 21.83 25.97
C HIS B 556 16.23 21.77 26.75
N LEU B 557 17.41 21.77 26.10
CA LEU B 557 18.63 21.70 26.90
C LEU B 557 18.81 23.00 27.65
N GLY B 558 18.86 22.87 28.98
CA GLY B 558 18.96 23.98 29.91
C GLY B 558 17.66 24.73 30.13
N LYS B 559 16.53 24.14 29.69
CA LYS B 559 15.20 24.75 29.77
C LYS B 559 14.22 23.81 30.48
N SER B 560 14.18 22.52 30.08
CA SER B 560 13.35 21.49 30.70
C SER B 560 14.27 20.60 31.52
N SER B 561 14.12 20.66 32.86
CA SER B 561 14.90 19.95 33.89
C SER B 561 15.11 18.46 33.62
N ASN B 562 14.08 17.81 33.03
CA ASN B 562 14.07 16.39 32.70
C ASN B 562 14.83 15.98 31.43
N PHE B 563 15.18 16.94 30.54
CA PHE B 563 15.92 16.70 29.30
C PHE B 563 17.38 17.01 29.52
N GLN B 564 18.24 15.99 29.40
CA GLN B 564 19.66 16.13 29.61
C GLN B 564 20.50 15.64 28.41
N LYS B 565 21.82 15.95 28.42
CA LYS B 565 22.76 15.49 27.38
C LYS B 565 22.88 13.95 27.52
N PRO B 566 23.24 13.17 26.47
CA PRO B 566 23.35 11.72 26.66
C PRO B 566 24.57 11.36 27.48
N ARG B 567 24.48 10.30 28.27
CA ARG B 567 25.53 9.82 29.17
C ARG B 567 26.16 8.60 28.52
N ASN B 568 26.81 8.83 27.37
CA ASN B 568 27.45 7.82 26.53
C ASN B 568 28.67 7.15 27.16
N ILE B 569 28.81 5.84 26.88
CA ILE B 569 29.88 4.95 27.32
C ILE B 569 30.56 4.32 26.09
N LYS B 570 31.89 4.11 26.19
CA LYS B 570 32.78 3.50 25.20
C LYS B 570 32.33 2.03 25.00
N GLY B 571 32.11 1.64 23.74
CA GLY B 571 31.66 0.30 23.35
C GLY B 571 30.15 0.17 23.30
N LYS B 572 29.45 0.82 24.27
CA LYS B 572 27.99 0.88 24.41
C LYS B 572 27.37 1.83 23.36
N PRO B 573 26.23 1.42 22.71
CA PRO B 573 25.62 2.24 21.63
C PRO B 573 25.47 3.76 21.85
N GLU B 574 25.42 4.52 20.73
CA GLU B 574 25.30 5.98 20.77
C GLU B 574 23.92 6.41 21.21
N ALA B 575 23.87 7.51 21.97
CA ALA B 575 22.62 8.11 22.43
C ALA B 575 22.70 9.59 22.10
N HIS B 576 21.56 10.26 21.94
CA HIS B 576 21.46 11.68 21.56
C HIS B 576 21.01 12.58 22.68
N PHE B 577 20.20 12.08 23.62
CA PHE B 577 19.77 12.78 24.83
C PHE B 577 19.47 11.77 25.90
N SER B 578 19.28 12.24 27.12
CA SER B 578 18.98 11.44 28.29
C SER B 578 17.77 12.07 28.91
N LEU B 579 16.77 11.25 29.21
CA LEU B 579 15.50 11.71 29.82
C LEU B 579 15.41 11.21 31.25
N ILE B 580 15.19 12.12 32.23
CA ILE B 580 15.05 11.70 33.61
C ILE B 580 13.62 11.23 33.87
N HIS B 581 13.37 9.94 33.68
CA HIS B 581 12.05 9.34 33.94
C HIS B 581 11.89 9.11 35.45
N TYR B 582 10.67 8.83 35.90
CA TYR B 582 10.37 8.52 37.30
C TYR B 582 11.20 7.34 37.80
N ALA B 583 11.34 6.24 36.99
CA ALA B 583 12.04 4.99 37.36
C ALA B 583 13.49 4.96 37.01
N GLY B 584 14.01 6.05 36.45
CA GLY B 584 15.41 6.18 36.10
C GLY B 584 15.69 7.00 34.87
N THR B 585 16.95 7.43 34.70
CA THR B 585 17.39 8.20 33.54
C THR B 585 17.67 7.27 32.38
N VAL B 586 17.04 7.53 31.24
CA VAL B 586 17.18 6.69 30.05
C VAL B 586 17.85 7.46 28.92
N ASP B 587 18.91 6.87 28.33
CA ASP B 587 19.63 7.47 27.21
C ASP B 587 18.98 7.04 25.87
N TYR B 588 18.32 8.01 25.19
CA TYR B 588 17.63 7.76 23.94
C TYR B 588 18.47 8.00 22.70
N ASN B 589 18.23 7.18 21.66
CA ASN B 589 18.86 7.29 20.34
C ASN B 589 17.74 7.71 19.41
N ILE B 590 17.86 8.89 18.78
CA ILE B 590 16.82 9.51 17.95
C ILE B 590 16.92 9.11 16.47
N ILE B 591 17.86 8.21 16.10
CA ILE B 591 17.99 7.75 14.70
C ILE B 591 16.73 7.01 14.26
N GLY B 592 16.21 7.46 13.10
CA GLY B 592 15.03 6.96 12.41
C GLY B 592 13.66 7.15 13.04
N TRP B 593 13.50 8.14 13.95
CA TRP B 593 12.20 8.41 14.61
C TRP B 593 11.18 8.99 13.63
N LEU B 594 11.66 9.80 12.69
CA LEU B 594 10.84 10.38 11.66
C LEU B 594 10.21 9.29 10.77
N GLN B 595 11.02 8.32 10.25
CA GLN B 595 10.44 7.23 9.45
C GLN B 595 9.46 6.43 10.30
N LYS B 596 9.87 6.09 11.56
CA LYS B 596 9.08 5.37 12.56
C LYS B 596 7.72 6.02 12.83
N ASN B 597 7.68 7.35 12.92
CA ASN B 597 6.47 8.09 13.21
C ASN B 597 5.53 8.19 12.03
N LYS B 598 6.04 8.50 10.81
CA LYS B 598 5.23 8.63 9.62
C LYS B 598 4.75 7.22 9.13
N ASP B 599 5.58 6.18 9.39
CA ASP B 599 5.38 4.79 8.99
C ASP B 599 4.93 4.68 7.53
N PRO B 600 5.76 5.15 6.54
CA PRO B 600 5.31 5.13 5.15
C PRO B 600 5.34 3.72 4.59
N LEU B 601 4.32 3.39 3.78
CA LEU B 601 4.22 2.09 3.16
C LEU B 601 4.22 2.19 1.63
N ASN B 602 4.77 1.16 0.93
CA ASN B 602 4.71 1.13 -0.54
C ASN B 602 3.24 0.82 -0.88
N GLU B 603 2.47 1.86 -1.18
CA GLU B 603 1.03 1.80 -1.45
C GLU B 603 0.65 0.94 -2.67
N THR B 604 1.58 0.75 -3.64
CA THR B 604 1.34 -0.12 -4.81
C THR B 604 1.23 -1.57 -4.36
N VAL B 605 2.08 -1.98 -3.36
CA VAL B 605 2.07 -3.34 -2.81
C VAL B 605 0.86 -3.49 -1.91
N VAL B 606 0.56 -2.46 -1.08
CA VAL B 606 -0.63 -2.48 -0.22
C VAL B 606 -1.86 -2.64 -1.09
N ASP B 607 -1.80 -2.18 -2.36
CA ASP B 607 -2.94 -2.35 -3.24
C ASP B 607 -3.14 -3.79 -3.67
N LEU B 608 -2.03 -4.52 -3.93
CA LEU B 608 -2.04 -5.93 -4.27
C LEU B 608 -2.56 -6.73 -3.06
N TYR B 609 -2.27 -6.27 -1.80
CA TYR B 609 -2.76 -6.87 -0.56
C TYR B 609 -4.29 -6.76 -0.51
N LYS B 610 -4.86 -5.63 -0.95
CA LYS B 610 -6.31 -5.43 -0.93
C LYS B 610 -6.98 -6.36 -1.96
N LYS B 611 -6.31 -6.59 -3.09
CA LYS B 611 -6.80 -7.43 -4.18
C LYS B 611 -6.34 -8.91 -4.00
N SER B 612 -5.94 -9.28 -2.75
CA SER B 612 -5.48 -10.64 -2.44
C SER B 612 -6.55 -11.67 -2.58
N SER B 613 -6.14 -12.90 -2.86
CA SER B 613 -7.06 -14.02 -3.00
C SER B 613 -7.27 -14.65 -1.63
N LEU B 614 -6.45 -14.23 -0.58
CA LEU B 614 -6.52 -14.72 0.81
C LEU B 614 -7.41 -13.77 1.51
N LYS B 615 -8.62 -14.26 1.89
CA LYS B 615 -9.69 -13.51 2.59
C LYS B 615 -9.13 -12.58 3.66
N MET B 616 -8.33 -13.15 4.59
CA MET B 616 -7.74 -12.43 5.70
C MET B 616 -6.93 -11.23 5.27
N LEU B 617 -5.96 -11.43 4.32
CA LEU B 617 -5.06 -10.35 3.91
C LEU B 617 -5.78 -9.16 3.33
N SER B 618 -6.75 -9.40 2.44
CA SER B 618 -7.52 -8.30 1.87
C SER B 618 -8.25 -7.55 2.99
N SER B 619 -8.69 -8.27 4.07
CA SER B 619 -9.37 -7.67 5.22
C SER B 619 -8.42 -6.73 5.90
N LEU B 620 -7.22 -7.23 6.27
CA LEU B 620 -6.25 -6.39 6.99
C LEU B 620 -5.99 -5.01 6.34
N PHE B 621 -6.00 -4.91 5.00
CA PHE B 621 -5.69 -3.65 4.34
C PHE B 621 -6.89 -2.97 3.65
N ALA B 622 -8.11 -3.55 3.81
CA ALA B 622 -9.36 -3.09 3.19
C ALA B 622 -9.56 -1.58 3.18
N ASN B 623 -9.22 -0.97 4.28
CA ASN B 623 -9.36 0.45 4.45
C ASN B 623 -8.00 0.98 4.94
N TYR B 624 -7.01 1.01 4.03
CA TYR B 624 -5.70 1.52 4.42
C TYR B 624 -5.68 3.00 4.11
N ALA B 625 -4.94 3.74 4.95
CA ALA B 625 -4.65 5.16 4.88
C ALA B 625 -3.44 5.45 5.80
N GLY B 626 -2.53 6.34 5.36
CA GLY B 626 -1.33 6.76 6.08
C GLY B 626 -1.01 8.24 5.92
N PHE B 644 -2.70 12.51 7.64
CA PHE B 644 -1.79 13.34 8.46
C PHE B 644 -1.67 12.87 9.93
N GLN B 645 -1.89 11.55 10.22
CA GLN B 645 -1.78 11.02 11.59
C GLN B 645 -0.53 10.20 11.84
N THR B 646 0.24 10.58 12.88
CA THR B 646 1.47 9.91 13.29
C THR B 646 1.25 8.92 14.42
N VAL B 647 2.23 8.02 14.61
CA VAL B 647 2.28 6.99 15.64
C VAL B 647 2.21 7.63 17.05
N SER B 648 3.06 8.64 17.29
CA SER B 648 3.12 9.35 18.56
C SER B 648 1.80 10.04 18.86
N ALA B 649 1.24 10.75 17.86
CA ALA B 649 -0.02 11.48 17.96
C ALA B 649 -1.18 10.56 18.34
N LEU B 650 -1.25 9.39 17.72
CA LEU B 650 -2.28 8.40 18.01
C LEU B 650 -2.07 7.75 19.38
N HIS B 651 -0.79 7.52 19.75
CA HIS B 651 -0.40 6.94 21.03
C HIS B 651 -0.82 7.88 22.20
N ARG B 652 -0.52 9.21 22.07
CA ARG B 652 -0.89 10.22 23.08
C ARG B 652 -2.41 10.24 23.23
N GLU B 653 -3.12 10.22 22.09
CA GLU B 653 -4.58 10.21 21.99
C GLU B 653 -5.19 9.03 22.72
N ASN B 654 -4.74 7.79 22.43
CA ASN B 654 -5.25 6.54 23.04
C ASN B 654 -4.96 6.46 24.51
N LEU B 655 -3.79 6.98 24.91
CA LEU B 655 -3.36 6.97 26.30
C LEU B 655 -4.20 7.92 27.16
N ASN B 656 -4.58 9.09 26.62
CA ASN B 656 -5.42 10.05 27.34
C ASN B 656 -6.87 9.52 27.43
N LYS B 657 -7.35 8.79 26.40
CA LYS B 657 -8.67 8.16 26.33
C LYS B 657 -8.72 7.11 27.45
N LEU B 658 -7.63 6.32 27.61
CA LEU B 658 -7.51 5.32 28.68
C LEU B 658 -7.59 5.98 30.05
N MET B 659 -6.74 6.97 30.26
CA MET B 659 -6.61 7.71 31.51
C MET B 659 -7.91 8.39 31.94
N THR B 660 -8.64 9.05 31.00
CA THR B 660 -9.92 9.70 31.39
C THR B 660 -11.00 8.65 31.66
N ASN B 661 -10.96 7.49 30.96
CA ASN B 661 -11.92 6.41 31.22
C ASN B 661 -11.63 5.79 32.57
N LEU B 662 -10.33 5.68 32.93
CA LEU B 662 -9.91 5.13 34.23
C LEU B 662 -10.32 6.05 35.37
N ARG B 663 -10.43 7.37 35.09
CA ARG B 663 -10.81 8.40 36.05
C ARG B 663 -12.24 8.20 36.51
N SER B 664 -13.07 7.60 35.65
CA SER B 664 -14.46 7.30 35.98
C SER B 664 -14.65 5.82 36.51
N THR B 665 -13.62 5.27 37.18
CA THR B 665 -13.63 3.92 37.76
C THR B 665 -13.03 4.05 39.15
N HIS B 666 -13.37 3.08 40.04
CA HIS B 666 -12.80 2.96 41.37
C HIS B 666 -11.50 2.13 41.16
N PRO B 667 -10.31 2.77 41.15
CA PRO B 667 -9.09 2.01 40.90
C PRO B 667 -8.58 1.25 42.10
N HIS B 668 -7.87 0.15 41.82
CA HIS B 668 -7.25 -0.78 42.75
C HIS B 668 -5.83 -1.01 42.31
N PHE B 669 -4.84 -0.45 43.04
CA PHE B 669 -3.44 -0.55 42.58
C PHE B 669 -2.70 -1.76 43.11
N VAL B 670 -1.99 -2.49 42.21
CA VAL B 670 -1.13 -3.65 42.56
C VAL B 670 0.28 -3.25 42.10
N ARG B 671 1.21 -3.16 43.03
CA ARG B 671 2.55 -2.67 42.72
C ARG B 671 3.51 -3.83 42.75
N CYS B 672 3.94 -4.24 41.55
CA CYS B 672 4.86 -5.35 41.40
C CYS B 672 6.31 -4.86 41.49
N ILE B 673 7.06 -5.49 42.39
CA ILE B 673 8.45 -5.19 42.65
C ILE B 673 9.29 -6.36 42.15
N ILE B 674 10.31 -6.05 41.37
CA ILE B 674 11.29 -7.03 40.90
C ILE B 674 12.38 -7.13 42.03
N PRO B 675 12.66 -8.32 42.58
CA PRO B 675 13.62 -8.40 43.72
C PRO B 675 15.10 -8.25 43.37
N ASN B 676 15.52 -8.80 42.21
CA ASN B 676 16.92 -8.82 41.75
C ASN B 676 17.00 -8.89 40.22
N GLU B 677 18.19 -8.54 39.69
CA GLU B 677 18.45 -8.52 38.24
C GLU B 677 18.93 -9.88 37.65
N THR B 678 18.93 -10.94 38.48
CA THR B 678 19.41 -12.27 38.06
C THR B 678 18.31 -13.34 38.02
N LYS B 679 17.00 -12.95 38.06
CA LYS B 679 15.86 -13.89 38.02
C LYS B 679 16.00 -15.03 39.08
N SER B 680 16.65 -14.71 40.23
CA SER B 680 16.96 -15.59 41.34
C SER B 680 15.84 -15.63 42.36
N PRO B 681 15.22 -16.81 42.62
CA PRO B 681 14.15 -16.86 43.64
C PRO B 681 14.63 -16.59 45.06
N GLY B 682 13.81 -15.86 45.81
CA GLY B 682 14.05 -15.55 47.21
C GLY B 682 15.15 -14.57 47.53
N VAL B 683 15.80 -13.99 46.50
CA VAL B 683 16.91 -13.05 46.71
C VAL B 683 16.46 -11.59 46.53
N ILE B 684 16.59 -10.77 47.59
CA ILE B 684 16.25 -9.35 47.56
C ILE B 684 17.55 -8.55 47.41
N ASP B 685 17.55 -7.58 46.48
CA ASP B 685 18.65 -6.64 46.26
C ASP B 685 18.11 -5.39 46.94
N ASN B 686 18.56 -5.13 48.18
CA ASN B 686 18.07 -4.00 48.99
C ASN B 686 18.02 -2.66 48.20
N PRO B 687 19.08 -2.17 47.50
CA PRO B 687 18.95 -0.91 46.76
C PRO B 687 17.94 -0.93 45.63
N LEU B 688 17.76 -2.09 44.95
CA LEU B 688 16.83 -2.24 43.82
C LEU B 688 15.38 -2.23 44.30
N VAL B 689 15.07 -2.95 45.39
CA VAL B 689 13.73 -2.99 45.98
C VAL B 689 13.39 -1.58 46.49
N MET B 690 14.38 -0.91 47.12
CA MET B 690 14.25 0.44 47.65
C MET B 690 13.98 1.48 46.55
N HIS B 691 14.69 1.40 45.43
CA HIS B 691 14.49 2.34 44.32
C HIS B 691 13.05 2.29 43.78
N GLN B 692 12.49 1.07 43.76
CA GLN B 692 11.15 0.78 43.30
C GLN B 692 10.11 1.31 44.28
N LEU B 693 10.30 1.07 45.59
CA LEU B 693 9.38 1.56 46.62
C LEU B 693 9.36 3.08 46.68
N ARG B 694 10.47 3.71 46.28
CA ARG B 694 10.61 5.16 46.29
C ARG B 694 9.90 5.80 45.11
N CYS B 695 10.25 5.37 43.87
CA CYS B 695 9.66 5.97 42.68
C CYS B 695 8.20 5.59 42.48
N ASN B 696 7.69 4.57 43.18
CA ASN B 696 6.29 4.19 43.12
C ASN B 696 5.54 5.03 44.19
N GLY B 697 6.24 5.45 45.23
CA GLY B 697 5.61 6.25 46.28
C GLY B 697 4.74 5.40 47.16
N VAL B 698 5.23 4.19 47.47
CA VAL B 698 4.58 3.24 48.34
C VAL B 698 4.47 3.89 49.73
N LEU B 699 5.57 4.44 50.27
CA LEU B 699 5.52 5.04 51.60
C LEU B 699 4.55 6.20 51.70
N GLU B 700 4.58 7.10 50.71
CA GLU B 700 3.68 8.26 50.62
C GLU B 700 2.21 7.81 50.58
N GLY B 701 1.93 6.75 49.81
CA GLY B 701 0.60 6.18 49.68
C GLY B 701 0.07 5.60 50.97
N ILE B 702 0.98 5.05 51.81
CA ILE B 702 0.63 4.49 53.12
C ILE B 702 0.34 5.67 54.09
N ARG B 703 1.15 6.74 53.98
CA ARG B 703 1.03 7.95 54.80
C ARG B 703 -0.31 8.63 54.62
N ILE B 704 -0.83 8.72 53.38
CA ILE B 704 -2.11 9.39 53.13
C ILE B 704 -3.25 8.59 53.71
N CYS B 705 -3.11 7.26 53.73
CA CYS B 705 -4.08 6.34 54.32
C CYS B 705 -4.18 6.64 55.82
N ARG B 706 -3.01 6.72 56.45
CA ARG B 706 -2.86 6.93 57.89
C ARG B 706 -3.29 8.33 58.31
N LYS B 707 -2.73 9.35 57.66
CA LYS B 707 -3.01 10.75 57.94
C LYS B 707 -4.44 11.23 57.54
N GLY B 708 -4.99 10.72 56.45
CA GLY B 708 -6.30 11.16 55.98
C GLY B 708 -7.50 10.38 56.48
N PHE B 709 -8.52 10.28 55.60
CA PHE B 709 -9.79 9.57 55.78
C PHE B 709 -9.92 8.70 54.56
N PRO B 710 -9.32 7.48 54.58
CA PRO B 710 -9.28 6.65 53.36
C PRO B 710 -10.63 6.11 52.91
N ASN B 711 -11.60 5.99 53.83
CA ASN B 711 -12.95 5.49 53.57
C ASN B 711 -13.99 6.59 53.84
N ARG B 712 -15.08 6.60 53.09
CA ARG B 712 -16.16 7.57 53.19
C ARG B 712 -17.38 6.97 52.55
N ILE B 713 -18.58 7.31 53.03
CA ILE B 713 -19.84 6.76 52.55
C ILE B 713 -20.89 7.86 52.48
N LEU B 714 -21.63 7.93 51.34
CA LEU B 714 -22.76 8.85 51.16
C LEU B 714 -23.78 8.55 52.26
N TYR B 715 -24.38 9.57 52.80
CA TYR B 715 -25.28 9.35 53.93
C TYR B 715 -26.38 8.32 53.69
N GLY B 716 -26.98 8.37 52.50
CA GLY B 716 -28.06 7.48 52.10
C GLY B 716 -27.65 6.03 52.13
N ASP B 717 -26.43 5.80 51.67
CA ASP B 717 -25.80 4.49 51.64
C ASP B 717 -25.41 4.05 53.06
N PHE B 718 -25.00 4.99 53.93
CA PHE B 718 -24.62 4.66 55.30
C PHE B 718 -25.81 4.21 56.13
N ARG B 719 -26.91 4.98 56.06
CA ARG B 719 -28.18 4.75 56.74
C ARG B 719 -28.67 3.35 56.34
N GLN B 720 -28.66 3.06 55.02
CA GLN B 720 -29.09 1.79 54.42
C GLN B 720 -28.37 0.59 55.02
N ARG B 721 -27.04 0.58 54.90
CA ARG B 721 -26.17 -0.48 55.37
C ARG B 721 -26.04 -0.68 56.88
N TYR B 722 -25.99 0.40 57.68
CA TYR B 722 -25.71 0.24 59.10
C TYR B 722 -26.87 0.53 60.02
N ARG B 723 -28.10 0.71 59.51
CA ARG B 723 -29.25 0.87 60.40
C ARG B 723 -29.36 -0.36 61.31
N ILE B 724 -29.02 -1.56 60.75
CA ILE B 724 -28.99 -2.88 61.42
C ILE B 724 -28.21 -2.85 62.74
N LEU B 725 -27.09 -2.06 62.79
CA LEU B 725 -26.23 -1.92 63.97
C LEU B 725 -26.95 -1.43 65.23
N ASN B 726 -27.99 -0.60 65.04
CA ASN B 726 -28.88 -0.06 66.08
C ASN B 726 -30.12 0.65 65.48
N PRO B 727 -31.15 -0.11 65.01
CA PRO B 727 -32.35 0.52 64.42
C PRO B 727 -33.01 1.64 65.25
N ALA B 728 -32.96 1.56 66.58
CA ALA B 728 -33.53 2.58 67.47
C ALA B 728 -33.00 4.02 67.25
N ALA B 729 -31.76 4.15 66.73
CA ALA B 729 -31.17 5.45 66.45
C ALA B 729 -31.86 6.12 65.25
N ILE B 730 -32.38 5.31 64.30
CA ILE B 730 -33.09 5.77 63.10
C ILE B 730 -34.53 5.17 63.11
N PRO B 731 -35.46 5.72 63.96
CA PRO B 731 -36.82 5.15 64.06
C PRO B 731 -37.60 5.07 62.75
N GLU B 732 -38.33 3.95 62.60
CA GLU B 732 -39.17 3.65 61.43
C GLU B 732 -40.52 4.32 61.62
N GLY B 733 -41.22 4.60 60.52
CA GLY B 733 -42.52 5.26 60.57
C GLY B 733 -42.40 6.76 60.72
N GLN B 734 -41.31 7.32 60.15
CA GLN B 734 -40.98 8.75 60.15
C GLN B 734 -39.97 9.08 59.05
N PHE B 735 -39.91 10.37 58.69
CA PHE B 735 -38.93 10.95 57.79
C PHE B 735 -37.76 11.46 58.66
N ILE B 736 -36.52 11.01 58.35
CA ILE B 736 -35.35 11.56 59.06
C ILE B 736 -34.26 12.00 58.03
N ASP B 737 -33.57 13.10 58.37
CA ASP B 737 -32.49 13.70 57.60
C ASP B 737 -31.32 12.71 57.65
N SER B 738 -30.82 12.30 56.46
CA SER B 738 -29.73 11.33 56.33
C SER B 738 -28.46 11.66 57.19
N ARG B 739 -28.08 12.96 57.34
CA ARG B 739 -26.95 13.33 58.18
C ARG B 739 -27.28 13.11 59.64
N LYS B 740 -28.47 13.55 60.11
CA LYS B 740 -28.86 13.36 61.51
C LYS B 740 -28.97 11.87 61.85
N GLY B 741 -29.36 11.05 60.85
CA GLY B 741 -29.42 9.60 60.96
C GLY B 741 -28.04 9.02 61.21
N ALA B 742 -27.06 9.42 60.41
CA ALA B 742 -25.67 9.00 60.56
C ALA B 742 -25.05 9.48 61.88
N GLU B 743 -25.34 10.75 62.29
CA GLU B 743 -24.82 11.34 63.53
C GLU B 743 -25.27 10.55 64.73
N LYS B 744 -26.59 10.31 64.83
CA LYS B 744 -27.23 9.61 65.95
C LYS B 744 -26.87 8.14 65.96
N LEU B 745 -26.76 7.52 64.79
CA LEU B 745 -26.39 6.10 64.72
C LEU B 745 -24.96 5.83 65.17
N LEU B 746 -23.95 6.58 64.64
CA LEU B 746 -22.53 6.43 65.00
C LEU B 746 -22.33 6.86 66.45
N GLY B 747 -23.05 7.88 66.87
CA GLY B 747 -23.01 8.36 68.23
C GLY B 747 -23.46 7.31 69.21
N SER B 748 -24.48 6.51 68.82
CA SER B 748 -25.02 5.44 69.66
C SER B 748 -24.09 4.24 69.80
N LEU B 749 -23.12 4.09 68.87
CA LEU B 749 -22.21 2.95 68.85
C LEU B 749 -21.01 3.09 69.79
N ASP B 750 -20.41 1.95 70.14
CA ASP B 750 -19.24 1.88 71.02
C ASP B 750 -18.00 1.88 70.13
N ILE B 751 -17.74 3.06 69.57
CA ILE B 751 -16.63 3.35 68.67
C ILE B 751 -15.95 4.63 69.14
N ASP B 752 -14.76 4.92 68.63
CA ASP B 752 -14.09 6.15 69.03
C ASP B 752 -14.72 7.23 68.17
N HIS B 753 -15.37 8.15 68.82
CA HIS B 753 -16.14 9.21 68.18
C HIS B 753 -15.27 10.31 67.54
N ASN B 754 -13.94 10.10 67.48
CA ASN B 754 -12.95 11.00 66.86
C ASN B 754 -12.51 10.44 65.48
N GLN B 755 -12.91 9.21 65.21
CA GLN B 755 -12.54 8.43 64.03
C GLN B 755 -13.38 8.71 62.79
N TYR B 756 -14.39 9.56 62.92
CA TYR B 756 -15.24 9.93 61.81
C TYR B 756 -15.47 11.42 61.74
N LYS B 757 -15.66 11.95 60.53
CA LYS B 757 -15.97 13.37 60.35
C LYS B 757 -17.14 13.51 59.38
N PHE B 758 -17.97 14.56 59.54
CA PHE B 758 -19.13 14.70 58.69
C PHE B 758 -18.90 15.72 57.58
N GLY B 759 -19.01 15.21 56.34
CA GLY B 759 -18.87 15.99 55.12
C GLY B 759 -20.22 16.48 54.64
N HIS B 760 -20.18 17.17 53.51
CA HIS B 760 -21.33 17.77 52.90
C HIS B 760 -22.36 16.71 52.44
N THR B 761 -21.87 15.58 51.89
CA THR B 761 -22.63 14.47 51.32
C THR B 761 -22.24 13.09 51.88
N LYS B 762 -21.04 12.98 52.49
CA LYS B 762 -20.49 11.71 53.00
C LYS B 762 -19.98 11.76 54.45
N VAL B 763 -19.89 10.57 55.13
CA VAL B 763 -19.25 10.40 56.46
C VAL B 763 -17.83 9.99 56.11
N PHE B 764 -16.85 10.70 56.61
CA PHE B 764 -15.45 10.34 56.38
C PHE B 764 -14.95 9.53 57.55
N PHE B 765 -14.22 8.46 57.24
CA PHE B 765 -13.74 7.51 58.24
C PHE B 765 -12.25 7.44 58.26
N LYS B 766 -11.66 7.58 59.45
CA LYS B 766 -10.21 7.42 59.67
C LYS B 766 -9.95 5.95 59.44
N ALA B 767 -8.70 5.58 59.04
CA ALA B 767 -8.34 4.19 58.75
C ALA B 767 -8.76 3.19 59.84
N GLY B 768 -9.33 2.08 59.38
CA GLY B 768 -9.75 0.98 60.21
C GLY B 768 -11.15 1.00 60.75
N LEU B 769 -11.82 2.20 60.79
CA LEU B 769 -13.18 2.32 61.33
C LEU B 769 -14.22 1.59 60.47
N LEU B 770 -14.10 1.66 59.11
CA LEU B 770 -15.06 0.99 58.22
C LEU B 770 -15.01 -0.53 58.40
N GLY B 771 -13.80 -1.06 58.58
CA GLY B 771 -13.54 -2.48 58.82
C GLY B 771 -14.18 -2.96 60.11
N LEU B 772 -14.11 -2.14 61.18
CA LEU B 772 -14.70 -2.44 62.46
C LEU B 772 -16.22 -2.40 62.33
N LEU B 773 -16.75 -1.40 61.58
CA LEU B 773 -18.18 -1.23 61.34
C LEU B 773 -18.71 -2.46 60.61
N GLU B 774 -17.90 -3.02 59.70
CA GLU B 774 -18.22 -4.23 58.95
C GLU B 774 -18.18 -5.48 59.82
N GLU B 775 -17.24 -5.55 60.80
CA GLU B 775 -17.14 -6.68 61.73
C GLU B 775 -18.35 -6.69 62.61
N MET B 776 -18.75 -5.50 63.08
CA MET B 776 -19.90 -5.26 63.94
C MET B 776 -21.18 -5.63 63.22
N ARG B 777 -21.28 -5.28 61.92
CA ARG B 777 -22.43 -5.56 61.07
C ARG B 777 -22.57 -7.07 60.82
N ASP B 778 -21.47 -7.74 60.42
CA ASP B 778 -21.44 -9.17 60.13
C ASP B 778 -21.83 -9.98 61.35
N GLU B 779 -21.27 -9.61 62.53
CA GLU B 779 -21.54 -10.24 63.81
C GLU B 779 -23.01 -10.11 64.18
N ARG B 780 -23.54 -8.86 64.28
CA ARG B 780 -24.94 -8.62 64.62
C ARG B 780 -25.90 -9.21 63.58
N LEU B 781 -25.54 -9.27 62.29
CA LEU B 781 -26.42 -9.94 61.35
C LEU B 781 -26.57 -11.42 61.75
N SER B 782 -25.46 -12.12 62.11
CA SER B 782 -25.49 -13.54 62.56
C SER B 782 -26.28 -13.72 63.86
N ARG B 783 -26.21 -12.73 64.77
CA ARG B 783 -26.94 -12.71 66.02
C ARG B 783 -28.45 -12.69 65.72
N ILE B 784 -28.89 -11.86 64.74
CA ILE B 784 -30.29 -11.71 64.32
C ILE B 784 -30.79 -13.00 63.67
N ILE B 785 -30.02 -13.55 62.69
CA ILE B 785 -30.35 -14.83 62.05
C ILE B 785 -30.63 -15.86 63.15
N THR B 786 -29.70 -16.04 64.13
CA THR B 786 -29.87 -17.00 65.24
C THR B 786 -31.13 -16.67 66.09
N ARG B 787 -31.38 -15.38 66.44
CA ARG B 787 -32.57 -14.96 67.20
C ARG B 787 -33.88 -15.18 66.40
N ILE B 788 -33.80 -15.19 65.04
CA ILE B 788 -34.91 -15.46 64.10
C ILE B 788 -35.12 -16.98 64.15
N GLN B 789 -34.03 -17.76 63.96
CA GLN B 789 -34.02 -19.23 64.00
C GLN B 789 -34.48 -19.78 65.35
N ALA B 790 -34.17 -19.07 66.46
CA ALA B 790 -34.58 -19.43 67.81
C ALA B 790 -36.11 -19.35 67.93
N GLN B 791 -36.71 -18.32 67.30
CA GLN B 791 -38.16 -18.08 67.28
C GLN B 791 -38.85 -19.01 66.31
N SER B 792 -38.18 -19.36 65.18
CA SER B 792 -38.66 -20.34 64.19
C SER B 792 -38.80 -21.71 64.88
N ARG B 793 -37.78 -22.08 65.68
CA ARG B 793 -37.71 -23.31 66.49
C ARG B 793 -38.85 -23.36 67.50
N GLY B 794 -39.14 -22.21 68.11
CA GLY B 794 -40.22 -22.05 69.08
C GLY B 794 -41.58 -22.25 68.44
N VAL B 795 -41.72 -21.77 67.19
CA VAL B 795 -42.92 -21.85 66.34
C VAL B 795 -43.20 -23.31 65.93
N LEU B 796 -42.21 -24.00 65.30
CA LEU B 796 -42.28 -25.40 64.85
C LEU B 796 -42.59 -26.34 66.01
N SER B 797 -42.03 -26.06 67.20
CA SER B 797 -42.23 -26.84 68.42
C SER B 797 -43.62 -26.64 69.03
N ARG B 798 -44.17 -25.43 68.95
CA ARG B 798 -45.49 -25.12 69.51
C ARG B 798 -46.63 -25.66 68.67
N PRO C 43 -25.20 -39.61 -39.97
CA PRO C 43 -24.49 -40.84 -39.56
C PRO C 43 -25.32 -41.74 -38.62
N SER C 44 -26.64 -41.91 -38.89
CA SER C 44 -27.59 -42.67 -38.06
C SER C 44 -27.26 -44.17 -37.79
N LYS C 45 -26.10 -44.67 -38.28
CA LYS C 45 -25.63 -46.04 -38.10
C LYS C 45 -24.69 -46.16 -36.89
N ILE C 46 -25.30 -46.15 -35.67
CA ILE C 46 -24.68 -46.21 -34.33
C ILE C 46 -25.21 -47.47 -33.58
N LYS C 47 -24.32 -48.13 -32.79
CA LYS C 47 -24.66 -49.29 -31.97
C LYS C 47 -25.23 -48.79 -30.63
N ILE C 48 -26.41 -49.28 -30.23
CA ILE C 48 -27.02 -48.83 -28.98
C ILE C 48 -26.55 -49.72 -27.82
N GLU C 49 -25.70 -49.13 -26.96
CA GLU C 49 -25.07 -49.76 -25.78
C GLU C 49 -25.81 -49.38 -24.48
N PHE C 50 -27.13 -49.13 -24.58
CA PHE C 50 -27.96 -48.78 -23.42
C PHE C 50 -28.69 -50.04 -23.00
N THR C 51 -28.80 -50.28 -21.68
CA THR C 51 -29.49 -51.46 -21.14
C THR C 51 -31.00 -51.43 -21.50
N PRO C 52 -31.77 -52.53 -21.43
CA PRO C 52 -33.21 -52.43 -21.71
C PRO C 52 -33.93 -51.51 -20.72
N GLU C 53 -33.31 -51.34 -19.52
CA GLU C 53 -33.74 -50.49 -18.41
C GLU C 53 -33.57 -49.02 -18.81
N GLN C 54 -32.33 -48.63 -19.24
CA GLN C 54 -31.94 -47.29 -19.67
C GLN C 54 -32.89 -46.76 -20.73
N ILE C 55 -33.14 -47.57 -21.78
CA ILE C 55 -34.00 -47.24 -22.92
C ILE C 55 -35.43 -46.93 -22.45
N GLU C 56 -35.93 -47.66 -21.44
CA GLU C 56 -37.28 -47.43 -20.90
C GLU C 56 -37.35 -46.12 -20.11
N GLU C 57 -36.31 -45.82 -19.32
CA GLU C 57 -36.22 -44.58 -18.54
C GLU C 57 -36.19 -43.35 -19.47
N PHE C 58 -35.46 -43.44 -20.64
CA PHE C 58 -35.38 -42.35 -21.62
C PHE C 58 -36.71 -42.15 -22.34
N LYS C 59 -37.35 -43.28 -22.73
CA LYS C 59 -38.65 -43.36 -23.39
C LYS C 59 -39.72 -42.72 -22.48
N GLU C 60 -39.51 -42.77 -21.15
CA GLU C 60 -40.41 -42.19 -20.15
C GLU C 60 -40.29 -40.66 -20.09
N ALA C 61 -39.07 -40.13 -20.21
CA ALA C 61 -38.82 -38.70 -20.24
C ALA C 61 -39.28 -38.15 -21.58
N PHE C 62 -39.11 -38.97 -22.65
CA PHE C 62 -39.50 -38.65 -24.02
C PHE C 62 -41.01 -38.35 -24.10
N THR C 63 -41.89 -39.20 -23.48
CA THR C 63 -43.35 -38.96 -23.46
C THR C 63 -43.65 -37.54 -22.93
N LEU C 64 -42.92 -37.08 -21.87
CA LEU C 64 -43.14 -35.76 -21.27
C LEU C 64 -42.96 -34.60 -22.24
N PHE C 65 -42.07 -34.73 -23.23
CA PHE C 65 -41.89 -33.71 -24.24
C PHE C 65 -42.87 -33.85 -25.41
N ASP C 66 -43.70 -34.92 -25.41
CA ASP C 66 -44.66 -35.18 -26.49
C ASP C 66 -45.76 -34.14 -26.56
N ARG C 67 -45.56 -33.12 -27.42
CA ARG C 67 -46.52 -32.03 -27.59
C ARG C 67 -47.60 -32.34 -28.66
N THR C 68 -47.65 -33.58 -29.18
CA THR C 68 -48.60 -33.89 -30.25
C THR C 68 -50.01 -34.02 -29.73
N PRO C 69 -51.01 -33.66 -30.56
CA PRO C 69 -52.40 -33.77 -30.13
C PRO C 69 -52.77 -35.22 -29.82
N LYS C 70 -52.60 -36.13 -30.81
CA LYS C 70 -52.95 -37.56 -30.74
C LYS C 70 -51.93 -38.43 -29.95
N CYS C 71 -50.86 -37.82 -29.40
CA CYS C 71 -49.78 -38.47 -28.63
C CYS C 71 -49.09 -39.58 -29.42
N GLU C 72 -48.64 -39.19 -30.61
CA GLU C 72 -48.04 -40.04 -31.61
C GLU C 72 -46.56 -40.34 -31.29
N MET C 73 -46.11 -40.00 -30.03
CA MET C 73 -44.74 -40.15 -29.48
C MET C 73 -43.66 -39.66 -30.45
N LYS C 74 -43.69 -38.34 -30.70
CA LYS C 74 -42.81 -37.58 -31.57
C LYS C 74 -42.52 -36.18 -30.94
N ILE C 75 -41.25 -35.77 -30.99
CA ILE C 75 -40.77 -34.47 -30.54
C ILE C 75 -40.32 -33.73 -31.82
N THR C 76 -40.30 -32.37 -31.82
CA THR C 76 -39.82 -31.67 -33.01
C THR C 76 -38.27 -31.78 -33.06
N TYR C 77 -37.64 -31.19 -34.07
CA TYR C 77 -36.18 -31.20 -34.12
C TYR C 77 -35.69 -30.15 -33.10
N GLY C 78 -36.50 -29.10 -32.91
CA GLY C 78 -36.26 -28.00 -31.98
C GLY C 78 -36.31 -28.44 -30.54
N GLN C 79 -37.11 -29.48 -30.27
CA GLN C 79 -37.29 -30.04 -28.94
C GLN C 79 -36.14 -30.96 -28.53
N CYS C 80 -35.42 -31.53 -29.52
CA CYS C 80 -34.33 -32.46 -29.32
C CYS C 80 -33.31 -32.02 -28.28
N GLY C 81 -32.81 -30.79 -28.41
CA GLY C 81 -31.82 -30.24 -27.49
C GLY C 81 -32.28 -30.26 -26.05
N ASP C 82 -33.53 -29.80 -25.81
CA ASP C 82 -34.14 -29.81 -24.49
C ASP C 82 -34.30 -31.23 -23.90
N VAL C 83 -34.51 -32.25 -24.77
CA VAL C 83 -34.63 -33.64 -24.34
C VAL C 83 -33.27 -34.20 -23.90
N LEU C 84 -32.20 -34.00 -24.70
CA LEU C 84 -30.82 -34.45 -24.40
C LEU C 84 -30.42 -33.88 -23.04
N ARG C 85 -30.70 -32.58 -22.83
CA ARG C 85 -30.43 -31.84 -21.60
C ARG C 85 -31.20 -32.43 -20.42
N ALA C 86 -32.49 -32.75 -20.62
CA ALA C 86 -33.34 -33.36 -19.58
C ALA C 86 -32.77 -34.71 -19.10
N LEU C 87 -32.16 -35.47 -20.03
CA LEU C 87 -31.61 -36.82 -19.80
C LEU C 87 -30.16 -36.84 -19.25
N GLY C 88 -29.59 -35.66 -18.97
CA GLY C 88 -28.28 -35.57 -18.35
C GLY C 88 -27.17 -34.92 -19.15
N GLN C 89 -27.24 -35.00 -20.49
CA GLN C 89 -26.22 -34.41 -21.37
C GLN C 89 -26.29 -32.89 -21.38
N ASN C 90 -25.18 -32.22 -21.71
CA ASN C 90 -25.14 -30.76 -21.83
C ASN C 90 -24.39 -30.44 -23.13
N PRO C 91 -25.00 -30.72 -24.31
CA PRO C 91 -24.28 -30.47 -25.56
C PRO C 91 -24.31 -29.00 -25.95
N THR C 92 -23.42 -28.63 -26.89
CA THR C 92 -23.38 -27.26 -27.41
C THR C 92 -24.45 -27.15 -28.48
N GLN C 93 -24.90 -25.92 -28.78
CA GLN C 93 -25.89 -25.69 -29.83
C GLN C 93 -25.43 -26.44 -31.09
N ALA C 94 -24.12 -26.29 -31.44
CA ALA C 94 -23.46 -26.87 -32.60
C ALA C 94 -23.52 -28.41 -32.63
N GLU C 95 -23.24 -29.07 -31.47
CA GLU C 95 -23.24 -30.53 -31.31
C GLU C 95 -24.66 -31.07 -31.53
N VAL C 96 -25.71 -30.32 -31.07
CA VAL C 96 -27.12 -30.70 -31.24
C VAL C 96 -27.45 -30.63 -32.72
N LEU C 97 -27.19 -29.48 -33.38
CA LEU C 97 -27.40 -29.31 -34.83
C LEU C 97 -26.65 -30.37 -35.67
N ARG C 98 -25.52 -30.91 -35.13
CA ARG C 98 -24.72 -31.96 -35.76
C ARG C 98 -25.51 -33.28 -35.78
N VAL C 99 -26.17 -33.64 -34.65
CA VAL C 99 -26.99 -34.86 -34.57
C VAL C 99 -28.27 -34.69 -35.40
N LEU C 100 -28.79 -33.45 -35.49
CA LEU C 100 -29.98 -33.12 -36.27
C LEU C 100 -29.69 -32.93 -37.80
N GLY C 101 -28.49 -33.30 -38.24
CA GLY C 101 -28.05 -33.22 -39.63
C GLY C 101 -28.12 -31.84 -40.25
N LYS C 102 -27.77 -30.80 -39.46
CA LYS C 102 -27.79 -29.37 -39.78
C LYS C 102 -29.17 -28.93 -40.33
N PRO C 103 -30.21 -28.86 -39.44
CA PRO C 103 -31.56 -28.52 -39.93
C PRO C 103 -31.80 -27.04 -40.27
N LYS C 104 -32.83 -26.77 -41.12
CA LYS C 104 -33.24 -25.42 -41.52
C LYS C 104 -34.05 -24.80 -40.36
N GLN C 105 -34.25 -23.45 -40.38
CA GLN C 105 -34.99 -22.76 -39.31
C GLN C 105 -36.42 -23.31 -39.14
N GLU C 106 -37.28 -23.27 -40.20
CA GLU C 106 -38.67 -23.77 -40.14
C GLU C 106 -38.76 -25.32 -40.32
N GLU C 107 -37.61 -26.01 -40.11
CA GLU C 107 -37.43 -27.46 -40.13
C GLU C 107 -37.28 -27.86 -38.67
N LEU C 108 -36.65 -26.99 -37.85
CA LEU C 108 -36.49 -27.17 -36.41
C LEU C 108 -37.86 -27.10 -35.74
N ASN C 109 -38.76 -26.30 -36.34
CA ASN C 109 -40.11 -26.04 -35.83
C ASN C 109 -41.13 -27.03 -36.36
N SER C 110 -40.92 -27.54 -37.60
CA SER C 110 -41.85 -28.45 -38.27
C SER C 110 -41.46 -29.93 -38.25
N LYS C 111 -40.14 -30.26 -38.43
CA LYS C 111 -39.66 -31.65 -38.49
C LYS C 111 -39.88 -32.43 -37.20
N MET C 112 -40.52 -33.61 -37.34
CA MET C 112 -40.86 -34.54 -36.27
C MET C 112 -39.88 -35.69 -36.22
N MET C 113 -39.69 -36.26 -35.02
CA MET C 113 -38.83 -37.42 -34.85
C MET C 113 -39.39 -38.39 -33.81
N ASP C 114 -39.33 -39.70 -34.09
CA ASP C 114 -39.82 -40.72 -33.16
C ASP C 114 -38.71 -41.06 -32.17
N PHE C 115 -39.02 -41.85 -31.11
CA PHE C 115 -38.04 -42.27 -30.10
C PHE C 115 -36.84 -43.01 -30.72
N ASP C 116 -37.12 -43.86 -31.74
CA ASP C 116 -36.12 -44.67 -32.43
C ASP C 116 -35.08 -43.87 -33.23
N THR C 117 -35.44 -42.65 -33.68
CA THR C 117 -34.53 -41.77 -34.40
C THR C 117 -33.85 -40.84 -33.41
N PHE C 118 -34.46 -40.65 -32.21
CA PHE C 118 -33.88 -39.85 -31.14
C PHE C 118 -32.80 -40.62 -30.38
N LEU C 119 -33.04 -41.91 -30.05
CA LEU C 119 -32.12 -42.77 -29.30
C LEU C 119 -30.67 -42.78 -29.83
N PRO C 120 -30.38 -42.98 -31.16
CA PRO C 120 -28.97 -42.90 -31.62
C PRO C 120 -28.30 -41.53 -31.37
N MET C 121 -29.10 -40.43 -31.41
CA MET C 121 -28.66 -39.06 -31.20
C MET C 121 -28.16 -38.88 -29.79
N LEU C 122 -28.91 -39.45 -28.84
CA LEU C 122 -28.56 -39.47 -27.43
C LEU C 122 -27.33 -40.34 -27.25
N GLN C 123 -27.29 -41.53 -27.93
CA GLN C 123 -26.13 -42.45 -27.89
C GLN C 123 -24.83 -41.79 -28.37
N HIS C 124 -24.91 -40.98 -29.44
CA HIS C 124 -23.78 -40.25 -29.99
C HIS C 124 -23.36 -39.12 -29.04
N ILE C 125 -24.32 -38.28 -28.60
CA ILE C 125 -24.06 -37.12 -27.71
C ILE C 125 -23.36 -37.59 -26.42
N SER C 126 -23.86 -38.69 -25.82
CA SER C 126 -23.28 -39.29 -24.61
C SER C 126 -21.84 -39.81 -24.84
N LYS C 127 -21.44 -40.03 -26.12
CA LYS C 127 -20.10 -40.51 -26.52
C LYS C 127 -19.04 -39.38 -26.62
N ASN C 128 -19.35 -38.23 -26.03
CA ASN C 128 -18.46 -37.08 -25.86
C ASN C 128 -18.45 -36.78 -24.37
N LYS C 129 -17.27 -36.87 -23.77
CA LYS C 129 -17.09 -36.62 -22.35
C LYS C 129 -16.06 -35.49 -22.09
N ASP C 130 -15.55 -34.87 -23.18
CA ASP C 130 -14.64 -33.72 -23.11
C ASP C 130 -15.54 -32.49 -23.07
N THR C 131 -16.20 -32.36 -21.94
CA THR C 131 -17.17 -31.30 -21.64
C THR C 131 -16.57 -30.18 -20.76
N GLY C 132 -15.32 -30.37 -20.36
CA GLY C 132 -14.59 -29.39 -19.56
C GLY C 132 -14.63 -29.66 -18.07
N THR C 133 -13.43 -29.77 -17.47
CA THR C 133 -13.26 -29.99 -16.05
C THR C 133 -13.60 -28.73 -15.27
N TYR C 134 -13.73 -28.85 -13.95
CA TYR C 134 -14.00 -27.73 -13.05
C TYR C 134 -12.90 -26.69 -13.21
N GLU C 135 -11.62 -27.12 -13.07
CA GLU C 135 -10.43 -26.29 -13.19
C GLU C 135 -10.37 -25.49 -14.50
N ASP C 136 -10.89 -26.05 -15.61
CA ASP C 136 -10.95 -25.41 -16.94
C ASP C 136 -11.93 -24.24 -16.95
N PHE C 137 -13.12 -24.46 -16.38
CA PHE C 137 -14.19 -23.47 -16.28
C PHE C 137 -13.76 -22.28 -15.42
N VAL C 138 -13.15 -22.59 -14.25
CA VAL C 138 -12.67 -21.60 -13.30
C VAL C 138 -11.65 -20.71 -13.97
N GLU C 139 -10.70 -21.33 -14.74
CA GLU C 139 -9.66 -20.64 -15.50
C GLU C 139 -10.28 -19.75 -16.56
N GLY C 140 -11.31 -20.24 -17.24
CA GLY C 140 -12.03 -19.49 -18.26
C GLY C 140 -12.62 -18.21 -17.71
N LEU C 141 -13.25 -18.30 -16.52
CA LEU C 141 -13.86 -17.13 -15.85
C LEU C 141 -12.83 -16.27 -15.12
N ARG C 142 -11.71 -16.88 -14.67
CA ARG C 142 -10.60 -16.19 -14.01
C ARG C 142 -9.96 -15.14 -14.93
N VAL C 143 -10.26 -15.20 -16.25
CA VAL C 143 -9.77 -14.28 -17.29
C VAL C 143 -10.38 -12.89 -17.08
N PHE C 144 -11.55 -12.83 -16.43
CA PHE C 144 -12.32 -11.61 -16.18
C PHE C 144 -12.08 -11.02 -14.76
N ASP C 145 -11.42 -11.80 -13.88
CA ASP C 145 -11.04 -11.39 -12.54
C ASP C 145 -9.78 -10.56 -12.72
N LYS C 146 -9.99 -9.26 -12.92
CA LYS C 146 -8.95 -8.27 -13.21
C LYS C 146 -7.97 -8.07 -12.04
N GLU C 147 -8.42 -8.43 -10.83
CA GLU C 147 -7.65 -8.23 -9.61
C GLU C 147 -7.14 -9.55 -8.96
N GLY C 148 -7.73 -10.69 -9.35
CA GLY C 148 -7.36 -12.03 -8.85
C GLY C 148 -7.81 -12.32 -7.42
N ASN C 149 -8.84 -11.63 -6.95
CA ASN C 149 -9.36 -11.82 -5.60
C ASN C 149 -10.31 -13.02 -5.47
N GLY C 150 -10.69 -13.63 -6.59
CA GLY C 150 -11.60 -14.77 -6.65
C GLY C 150 -13.04 -14.40 -6.99
N THR C 151 -13.29 -13.09 -7.14
CA THR C 151 -14.58 -12.50 -7.45
C THR C 151 -14.55 -11.69 -8.76
N VAL C 152 -15.57 -11.92 -9.61
CA VAL C 152 -15.85 -11.21 -10.86
C VAL C 152 -17.15 -10.39 -10.67
N MET C 153 -17.22 -9.18 -11.25
CA MET C 153 -18.41 -8.33 -11.17
C MET C 153 -19.58 -9.00 -11.87
N GLY C 154 -20.70 -9.09 -11.15
CA GLY C 154 -21.93 -9.73 -11.61
C GLY C 154 -22.39 -9.32 -12.99
N ALA C 155 -22.30 -8.01 -13.29
CA ALA C 155 -22.69 -7.42 -14.58
C ALA C 155 -21.77 -7.90 -15.70
N GLU C 156 -20.46 -8.08 -15.40
CA GLU C 156 -19.42 -8.54 -16.34
C GLU C 156 -19.68 -9.99 -16.78
N LEU C 157 -19.86 -10.92 -15.82
CA LEU C 157 -20.13 -12.34 -16.09
C LEU C 157 -21.36 -12.47 -16.97
N ARG C 158 -22.43 -11.68 -16.69
CA ARG C 158 -23.69 -11.65 -17.43
C ARG C 158 -23.43 -11.31 -18.91
N HIS C 159 -22.70 -10.19 -19.14
CA HIS C 159 -22.34 -9.69 -20.46
C HIS C 159 -21.52 -10.72 -21.24
N VAL C 160 -20.56 -11.40 -20.57
CA VAL C 160 -19.66 -12.44 -21.12
C VAL C 160 -20.50 -13.58 -21.69
N LEU C 161 -21.42 -14.12 -20.87
CA LEU C 161 -22.29 -15.24 -21.25
C LEU C 161 -23.27 -14.86 -22.37
N ALA C 162 -23.65 -13.58 -22.45
CA ALA C 162 -24.59 -13.08 -23.46
C ALA C 162 -23.93 -12.60 -24.79
N THR C 163 -22.59 -12.41 -24.84
CA THR C 163 -21.93 -11.94 -26.06
C THR C 163 -20.89 -12.92 -26.65
N LEU C 164 -20.06 -13.55 -25.80
CA LEU C 164 -19.00 -14.48 -26.23
C LEU C 164 -19.51 -15.91 -26.44
N GLY C 165 -18.70 -16.73 -27.11
CA GLY C 165 -19.01 -18.13 -27.40
C GLY C 165 -20.32 -18.25 -28.13
N GLU C 166 -21.22 -19.11 -27.62
CA GLU C 166 -22.57 -19.32 -28.16
C GLU C 166 -23.54 -18.46 -27.34
N LYS C 167 -23.69 -17.16 -27.71
CA LYS C 167 -24.52 -16.14 -27.04
C LYS C 167 -25.77 -16.69 -26.30
N LEU C 168 -25.89 -16.39 -24.99
CA LEU C 168 -27.08 -16.78 -24.22
C LEU C 168 -28.01 -15.56 -24.23
N THR C 169 -29.33 -15.80 -24.25
CA THR C 169 -30.38 -14.78 -24.22
C THR C 169 -30.40 -14.05 -22.89
N GLU C 170 -30.81 -12.76 -22.89
CA GLU C 170 -30.92 -11.94 -21.69
C GLU C 170 -31.80 -12.65 -20.66
N ASP C 171 -32.84 -13.36 -21.15
CA ASP C 171 -33.76 -14.14 -20.32
C ASP C 171 -33.05 -15.36 -19.73
N GLU C 172 -32.23 -16.07 -20.55
CA GLU C 172 -31.46 -17.23 -20.11
C GLU C 172 -30.47 -16.84 -19.01
N VAL C 173 -29.70 -15.74 -19.20
CA VAL C 173 -28.72 -15.25 -18.21
C VAL C 173 -29.40 -14.67 -16.95
N GLU C 174 -30.60 -14.07 -17.07
CA GLU C 174 -31.30 -13.51 -15.91
C GLU C 174 -31.68 -14.67 -15.02
N LYS C 175 -32.35 -15.68 -15.60
CA LYS C 175 -32.84 -16.90 -14.97
C LYS C 175 -31.69 -17.74 -14.36
N LEU C 176 -30.55 -17.80 -15.07
CA LEU C 176 -29.35 -18.53 -14.61
C LEU C 176 -28.58 -17.78 -13.49
N MET C 177 -28.49 -16.43 -13.57
CA MET C 177 -27.82 -15.59 -12.56
C MET C 177 -28.76 -15.17 -11.40
N ALA C 178 -29.94 -15.83 -11.29
CA ALA C 178 -30.95 -15.54 -10.28
C ALA C 178 -30.43 -15.80 -8.88
N GLY C 179 -30.31 -14.71 -8.10
CA GLY C 179 -29.81 -14.68 -6.72
C GLY C 179 -28.45 -15.32 -6.53
N GLN C 180 -27.53 -15.06 -7.46
CA GLN C 180 -26.20 -15.63 -7.39
C GLN C 180 -25.17 -14.61 -6.89
N GLU C 181 -25.51 -13.31 -6.97
CA GLU C 181 -24.67 -12.19 -6.59
C GLU C 181 -24.69 -11.89 -5.08
N ASP C 182 -23.54 -11.57 -4.48
CA ASP C 182 -23.41 -11.22 -3.06
C ASP C 182 -23.84 -9.76 -2.77
N SER C 183 -23.66 -9.29 -1.51
CA SER C 183 -24.00 -7.94 -1.05
C SER C 183 -23.44 -6.84 -1.98
N ASN C 184 -22.29 -7.11 -2.61
CA ASN C 184 -21.56 -6.21 -3.50
C ASN C 184 -21.95 -6.35 -5.00
N GLY C 185 -22.87 -7.27 -5.29
CA GLY C 185 -23.34 -7.52 -6.64
C GLY C 185 -22.32 -8.15 -7.56
N CYS C 186 -21.42 -8.96 -6.98
CA CYS C 186 -20.38 -9.70 -7.71
C CYS C 186 -20.47 -11.20 -7.42
N ILE C 187 -19.85 -12.02 -8.27
CA ILE C 187 -19.94 -13.47 -8.18
C ILE C 187 -18.60 -14.12 -7.84
N ASN C 188 -18.63 -15.13 -6.94
CA ASN C 188 -17.47 -15.96 -6.64
C ASN C 188 -17.53 -16.96 -7.78
N TYR C 189 -16.64 -16.85 -8.77
CA TYR C 189 -16.74 -17.71 -9.93
C TYR C 189 -16.44 -19.19 -9.61
N GLU C 190 -15.69 -19.49 -8.53
CA GLU C 190 -15.47 -20.87 -8.12
C GLU C 190 -16.79 -21.47 -7.61
N ALA C 191 -17.62 -20.65 -6.96
CA ALA C 191 -18.95 -21.02 -6.45
C ALA C 191 -19.94 -21.19 -7.61
N PHE C 192 -19.95 -20.24 -8.57
CA PHE C 192 -20.81 -20.27 -9.75
C PHE C 192 -20.54 -21.51 -10.59
N VAL C 193 -19.26 -21.87 -10.75
CA VAL C 193 -18.88 -23.07 -11.48
C VAL C 193 -19.40 -24.30 -10.77
N LYS C 194 -19.10 -24.48 -9.45
CA LYS C 194 -19.59 -25.61 -8.64
C LYS C 194 -21.10 -25.74 -8.77
N HIS C 195 -21.80 -24.58 -8.73
CA HIS C 195 -23.25 -24.43 -8.84
C HIS C 195 -23.80 -24.95 -10.15
N ILE C 196 -23.29 -24.46 -11.29
CA ILE C 196 -23.76 -24.91 -12.59
C ILE C 196 -23.40 -26.38 -12.86
N MET C 197 -22.27 -26.86 -12.33
CA MET C 197 -21.81 -28.24 -12.52
C MET C 197 -22.70 -29.24 -11.78
N ALA C 198 -23.26 -28.84 -10.64
CA ALA C 198 -24.17 -29.67 -9.87
C ALA C 198 -25.62 -29.29 -10.28
N GLY C 199 -26.26 -30.16 -11.05
CA GLY C 199 -27.60 -29.91 -11.55
C GLY C 199 -27.59 -29.10 -12.82
N CYS D 80 -35.51 -31.82 76.67
CA CYS D 80 -35.50 -30.59 77.44
C CYS D 80 -35.84 -29.35 76.61
N GLY D 81 -35.18 -29.19 75.46
CA GLY D 81 -35.40 -28.09 74.53
C GLY D 81 -36.85 -27.96 74.10
N ASP D 82 -37.46 -29.11 73.70
CA ASP D 82 -38.86 -29.19 73.29
C ASP D 82 -39.82 -28.82 74.44
N VAL D 83 -39.44 -29.11 75.71
CA VAL D 83 -40.25 -28.74 76.89
C VAL D 83 -40.24 -27.24 77.12
N LEU D 84 -39.03 -26.58 77.11
CA LEU D 84 -38.86 -25.12 77.27
C LEU D 84 -39.72 -24.39 76.25
N ARG D 85 -39.65 -24.85 74.99
CA ARG D 85 -40.42 -24.32 73.87
C ARG D 85 -41.92 -24.50 74.09
N ALA D 86 -42.36 -25.68 74.57
CA ALA D 86 -43.77 -25.96 74.87
C ALA D 86 -44.34 -24.99 75.93
N LEU D 87 -43.50 -24.58 76.91
CA LEU D 87 -43.86 -23.70 78.03
C LEU D 87 -43.81 -22.19 77.71
N GLY D 88 -43.49 -21.84 76.47
CA GLY D 88 -43.47 -20.44 76.04
C GLY D 88 -42.15 -19.85 75.61
N GLN D 89 -41.03 -20.35 76.15
CA GLN D 89 -39.69 -19.87 75.83
C GLN D 89 -39.27 -20.25 74.41
N ASN D 90 -38.36 -19.47 73.81
CA ASN D 90 -37.79 -19.75 72.49
C ASN D 90 -36.25 -19.56 72.64
N PRO D 91 -35.56 -20.50 73.33
CA PRO D 91 -34.11 -20.31 73.54
C PRO D 91 -33.29 -20.71 72.33
N THR D 92 -32.03 -20.32 72.30
CA THR D 92 -31.13 -20.72 71.22
C THR D 92 -30.60 -22.13 71.56
N GLN D 93 -30.04 -22.86 70.57
CA GLN D 93 -29.44 -24.20 70.76
C GLN D 93 -28.27 -24.15 71.74
N ALA D 94 -27.65 -22.95 71.87
CA ALA D 94 -26.55 -22.63 72.78
C ALA D 94 -27.07 -22.43 74.22
N GLU D 95 -28.19 -21.68 74.39
CA GLU D 95 -28.81 -21.40 75.69
C GLU D 95 -29.32 -22.70 76.33
N VAL D 96 -29.90 -23.61 75.51
CA VAL D 96 -30.40 -24.92 75.96
C VAL D 96 -29.22 -25.77 76.43
N LEU D 97 -28.17 -25.93 75.58
CA LEU D 97 -26.94 -26.66 75.92
C LEU D 97 -26.25 -26.07 77.17
N ARG D 98 -26.47 -24.77 77.46
CA ARG D 98 -25.95 -24.07 78.65
C ARG D 98 -26.63 -24.60 79.92
N VAL D 99 -27.98 -24.77 79.89
CA VAL D 99 -28.72 -25.33 81.04
C VAL D 99 -28.44 -26.83 81.19
N LEU D 100 -28.15 -27.53 80.08
CA LEU D 100 -27.81 -28.96 80.06
C LEU D 100 -26.32 -29.24 80.39
N GLY D 101 -25.59 -28.21 80.87
CA GLY D 101 -24.19 -28.29 81.25
C GLY D 101 -23.24 -28.78 80.18
N LYS D 102 -23.50 -28.35 78.92
CA LYS D 102 -22.76 -28.69 77.69
C LYS D 102 -22.65 -30.22 77.49
N LYS D 129 -32.82 -12.10 77.67
CA LYS D 129 -33.69 -10.99 77.27
C LYS D 129 -33.34 -10.43 75.87
N ASP D 130 -32.19 -10.86 75.28
CA ASP D 130 -31.76 -10.46 73.95
C ASP D 130 -32.42 -11.43 72.98
N THR D 131 -33.75 -11.25 72.85
CA THR D 131 -34.62 -12.08 72.05
C THR D 131 -34.93 -11.42 70.70
N GLY D 132 -34.54 -10.13 70.55
CA GLY D 132 -34.67 -9.33 69.33
C GLY D 132 -36.04 -8.76 69.05
N THR D 133 -36.09 -7.44 68.81
CA THR D 133 -37.32 -6.73 68.48
C THR D 133 -37.72 -7.03 67.04
N TYR D 134 -38.96 -6.65 66.68
CA TYR D 134 -39.50 -6.84 65.33
C TYR D 134 -38.57 -6.15 64.33
N GLU D 135 -38.30 -4.85 64.56
CA GLU D 135 -37.43 -4.01 63.74
C GLU D 135 -36.03 -4.60 63.49
N ASP D 136 -35.48 -5.34 64.47
CA ASP D 136 -34.17 -6.01 64.38
C ASP D 136 -34.21 -7.18 63.40
N PHE D 137 -35.27 -8.01 63.49
CA PHE D 137 -35.50 -9.17 62.63
C PHE D 137 -35.68 -8.73 61.19
N VAL D 138 -36.52 -7.71 60.97
CA VAL D 138 -36.82 -7.14 59.65
C VAL D 138 -35.53 -6.68 59.01
N GLU D 139 -34.68 -5.95 59.78
CA GLU D 139 -33.38 -5.45 59.34
C GLU D 139 -32.46 -6.59 58.96
N GLY D 140 -32.47 -7.65 59.77
CA GLY D 140 -31.67 -8.85 59.54
C GLY D 140 -32.00 -9.49 58.21
N LEU D 141 -33.31 -9.62 57.89
CA LEU D 141 -33.77 -10.20 56.63
C LEU D 141 -33.70 -9.22 55.46
N ARG D 142 -33.80 -7.90 55.74
CA ARG D 142 -33.71 -6.82 54.75
C ARG D 142 -32.32 -6.82 54.06
N VAL D 143 -31.33 -7.53 54.65
CA VAL D 143 -29.96 -7.68 54.16
C VAL D 143 -29.95 -8.50 52.85
N PHE D 144 -30.97 -9.35 52.67
CA PHE D 144 -31.13 -10.24 51.51
C PHE D 144 -32.05 -9.65 50.42
N ASP D 145 -32.77 -8.56 50.75
CA ASP D 145 -33.63 -7.84 49.82
C ASP D 145 -32.70 -6.98 48.99
N LYS D 146 -32.21 -7.57 47.89
CA LYS D 146 -31.25 -6.97 46.97
C LYS D 146 -31.77 -5.71 46.25
N GLU D 147 -33.12 -5.55 46.12
CA GLU D 147 -33.69 -4.39 45.43
C GLU D 147 -34.49 -3.44 46.39
N GLY D 148 -34.75 -3.87 47.63
CA GLY D 148 -35.44 -3.06 48.64
C GLY D 148 -36.94 -2.88 48.45
N ASN D 149 -37.56 -3.80 47.71
CA ASN D 149 -39.00 -3.76 47.41
C ASN D 149 -39.89 -4.30 48.55
N GLY D 150 -39.27 -4.90 49.56
CA GLY D 150 -39.97 -5.48 50.70
C GLY D 150 -40.15 -6.99 50.61
N VAL D 151 -39.71 -7.58 49.48
CA VAL D 151 -39.80 -9.00 49.17
C VAL D 151 -38.41 -9.63 48.90
N VAL D 152 -38.18 -10.80 49.51
CA VAL D 152 -36.98 -11.64 49.38
C VAL D 152 -37.41 -12.94 48.68
N MET D 153 -36.55 -13.47 47.78
CA MET D 153 -36.83 -14.72 47.07
C MET D 153 -36.94 -15.89 48.05
N GLY D 154 -38.04 -16.63 47.95
CA GLY D 154 -38.36 -17.77 48.80
C GLY D 154 -37.23 -18.77 48.98
N ALA D 155 -36.51 -19.09 47.88
CA ALA D 155 -35.37 -20.00 47.88
C ALA D 155 -34.18 -19.46 48.68
N GLU D 156 -33.97 -18.12 48.64
CA GLU D 156 -32.90 -17.42 49.34
C GLU D 156 -33.09 -17.47 50.86
N LEU D 157 -34.30 -17.09 51.36
CA LEU D 157 -34.63 -17.11 52.78
C LEU D 157 -34.44 -18.51 53.36
N ARG D 158 -34.87 -19.56 52.60
CA ARG D 158 -34.74 -20.98 52.93
C ARG D 158 -33.27 -21.33 53.18
N HIS D 159 -32.40 -21.00 52.20
CA HIS D 159 -30.96 -21.25 52.22
C HIS D 159 -30.29 -20.57 53.41
N VAL D 160 -30.70 -19.30 53.69
CA VAL D 160 -30.18 -18.46 54.79
C VAL D 160 -30.43 -19.16 56.14
N LEU D 161 -31.68 -19.58 56.38
CA LEU D 161 -32.08 -20.26 57.62
C LEU D 161 -31.42 -21.63 57.78
N ALA D 162 -31.08 -22.29 56.66
CA ALA D 162 -30.46 -23.61 56.67
C ALA D 162 -28.90 -23.61 56.69
N THR D 163 -28.25 -22.45 56.44
CA THR D 163 -26.78 -22.40 56.45
C THR D 163 -26.17 -21.46 57.49
N LEU D 164 -26.75 -20.25 57.68
CA LEU D 164 -26.25 -19.23 58.62
C LEU D 164 -26.72 -19.45 60.04
N GLY D 165 -26.04 -18.79 60.99
CA GLY D 165 -26.32 -18.86 62.43
C GLY D 165 -26.31 -20.30 62.91
N GLU D 166 -27.40 -20.72 63.58
CA GLU D 166 -27.59 -22.09 64.07
C GLU D 166 -28.46 -22.83 63.04
N LYS D 167 -27.81 -23.42 62.00
CA LYS D 167 -28.41 -24.16 60.87
C LYS D 167 -29.75 -24.87 61.18
N THR D 169 -33.02 -27.34 59.94
CA THR D 169 -33.08 -28.59 59.17
C THR D 169 -33.81 -28.37 57.85
N GLU D 170 -33.42 -29.13 56.80
CA GLU D 170 -34.05 -29.09 55.49
C GLU D 170 -35.56 -29.34 55.61
N ASP D 171 -35.94 -30.21 56.58
CA ASP D 171 -37.33 -30.54 56.90
C ASP D 171 -38.02 -29.31 57.53
N GLU D 172 -37.34 -28.64 58.49
CA GLU D 172 -37.86 -27.46 59.19
C GLU D 172 -38.13 -26.33 58.18
N VAL D 173 -37.18 -26.15 57.24
CA VAL D 173 -37.19 -25.22 56.13
C VAL D 173 -38.37 -25.52 55.19
N GLU D 181 -44.94 -18.54 50.67
CA GLU D 181 -44.56 -17.92 49.41
C GLU D 181 -45.76 -17.47 48.58
N ASP D 182 -45.68 -16.25 47.96
CA ASP D 182 -46.73 -15.69 47.10
C ASP D 182 -46.71 -16.31 45.68
N SER D 183 -47.56 -15.80 44.75
CA SER D 183 -47.68 -16.25 43.36
C SER D 183 -46.33 -16.34 42.64
N ASN D 184 -45.39 -15.46 43.04
CA ASN D 184 -44.04 -15.33 42.47
C ASN D 184 -42.97 -16.18 43.20
N GLY D 185 -43.39 -16.92 44.24
CA GLY D 185 -42.51 -17.78 45.01
C GLY D 185 -41.49 -17.04 45.86
N CYS D 186 -41.87 -15.83 46.32
CA CYS D 186 -41.04 -14.98 47.19
C CYS D 186 -41.81 -14.61 48.48
N ILE D 187 -41.07 -14.18 49.52
CA ILE D 187 -41.66 -13.88 50.83
C ILE D 187 -41.59 -12.40 51.19
N ASN D 188 -42.68 -11.87 51.78
CA ASN D 188 -42.72 -10.51 52.33
C ASN D 188 -42.08 -10.73 53.71
N TYR D 189 -40.83 -10.25 53.90
CA TYR D 189 -40.11 -10.49 55.17
C TYR D 189 -40.80 -9.87 56.36
N GLU D 190 -41.49 -8.72 56.18
CA GLU D 190 -42.21 -8.05 57.26
C GLU D 190 -43.37 -8.92 57.74
N ALA D 191 -44.01 -9.65 56.79
CA ALA D 191 -45.11 -10.57 57.07
C ALA D 191 -44.60 -11.84 57.76
N PHE D 192 -43.48 -12.42 57.24
CA PHE D 192 -42.85 -13.61 57.79
C PHE D 192 -42.40 -13.38 59.23
N VAL D 193 -41.84 -12.19 59.51
CA VAL D 193 -41.42 -11.81 60.86
C VAL D 193 -42.64 -11.75 61.78
N LYS D 194 -43.70 -10.97 61.42
CA LYS D 194 -44.94 -10.87 62.20
C LYS D 194 -45.50 -12.27 62.51
N HIS D 195 -45.47 -13.15 61.47
CA HIS D 195 -45.92 -14.55 61.50
C HIS D 195 -45.14 -15.40 62.50
N ILE D 196 -43.78 -15.35 62.43
CA ILE D 196 -42.85 -16.12 63.26
C ILE D 196 -42.71 -15.54 64.70
N MET D 197 -43.27 -14.33 64.95
CA MET D 197 -43.32 -13.66 66.26
C MET D 197 -44.61 -14.03 66.99
N ALA D 198 -45.70 -14.26 66.23
CA ALA D 198 -46.99 -14.64 66.78
C ALA D 198 -47.14 -16.17 66.74
#